data_2E3L
#
_entry.id   2E3L
#
_entity_poly.entity_id   1
_entity_poly.type   'polypeptide(L)'
_entity_poly.pdbx_seq_one_letter_code
;GSSGSSGLRKAVEDYFCFCYGKALGTTVMVPVPYEKMLRDQSAVVVQGLPEGVAFQHPENYDLATLKWILENKAGISFII
NRPFLGPESQLGGSGPSSG
;
_entity_poly.pdbx_strand_id   A
#
# COMPACT_ATOMS: atom_id res chain seq x y z
N GLY A 1 16.80 -4.49 0.50
CA GLY A 1 15.61 -5.21 0.09
C GLY A 1 14.34 -4.53 0.63
N SER A 2 13.26 -5.29 0.62
CA SER A 2 11.98 -4.77 1.09
C SER A 2 11.49 -5.62 2.27
N SER A 3 11.91 -5.22 3.46
CA SER A 3 11.52 -5.94 4.67
C SER A 3 10.50 -5.11 5.45
N GLY A 4 9.84 -5.77 6.39
CA GLY A 4 8.84 -5.12 7.21
C GLY A 4 8.26 -6.08 8.25
N SER A 5 8.75 -5.95 9.47
CA SER A 5 8.29 -6.80 10.55
C SER A 5 8.07 -5.97 11.82
N SER A 6 9.12 -5.30 12.24
CA SER A 6 9.05 -4.46 13.43
C SER A 6 8.36 -3.13 13.09
N GLY A 7 7.82 -2.50 14.13
CA GLY A 7 7.14 -1.23 13.95
C GLY A 7 5.68 -1.45 13.53
N LEU A 8 4.87 -0.43 13.79
CA LEU A 8 3.46 -0.50 13.45
C LEU A 8 3.25 0.17 12.09
N ARG A 9 3.49 1.48 12.06
CA ARG A 9 3.32 2.25 10.84
C ARG A 9 3.78 1.43 9.63
N LYS A 10 5.01 0.94 9.71
CA LYS A 10 5.57 0.14 8.64
C LYS A 10 4.69 -1.09 8.41
N ALA A 11 4.42 -1.79 9.50
CA ALA A 11 3.60 -2.99 9.43
C ALA A 11 2.37 -2.72 8.55
N VAL A 12 1.71 -1.61 8.85
CA VAL A 12 0.53 -1.21 8.10
C VAL A 12 0.88 -1.11 6.62
N GLU A 13 2.06 -0.54 6.37
CA GLU A 13 2.52 -0.37 5.00
C GLU A 13 2.87 -1.73 4.39
N ASP A 14 3.67 -2.49 5.12
CA ASP A 14 4.08 -3.80 4.66
C ASP A 14 2.84 -4.63 4.31
N TYR A 15 1.75 -4.31 5.00
CA TYR A 15 0.51 -5.01 4.77
C TYR A 15 -0.19 -4.52 3.50
N PHE A 16 -0.56 -3.25 3.53
CA PHE A 16 -1.23 -2.64 2.39
C PHE A 16 -0.67 -3.18 1.08
N CYS A 17 0.64 -3.38 1.07
CA CYS A 17 1.31 -3.89 -0.12
C CYS A 17 0.80 -5.31 -0.39
N PHE A 18 1.06 -6.19 0.57
CA PHE A 18 0.62 -7.57 0.44
C PHE A 18 -0.77 -7.65 -0.17
N CYS A 19 -1.59 -6.66 0.15
CA CYS A 19 -2.95 -6.62 -0.38
C CYS A 19 -2.89 -6.39 -1.88
N TYR A 20 -2.34 -5.24 -2.26
CA TYR A 20 -2.22 -4.89 -3.66
C TYR A 20 -1.61 -6.05 -4.46
N GLY A 21 -0.61 -6.68 -3.85
CA GLY A 21 0.07 -7.79 -4.49
C GLY A 21 -0.86 -9.00 -4.62
N LYS A 22 -1.73 -9.15 -3.63
CA LYS A 22 -2.68 -10.24 -3.62
C LYS A 22 -3.81 -9.96 -4.63
N ALA A 23 -4.03 -8.67 -4.86
CA ALA A 23 -5.06 -8.25 -5.80
C ALA A 23 -4.51 -8.33 -7.22
N LEU A 24 -3.29 -7.86 -7.38
CA LEU A 24 -2.65 -7.88 -8.69
C LEU A 24 -2.59 -9.31 -9.21
N GLY A 25 -2.43 -10.24 -8.28
CA GLY A 25 -2.35 -11.64 -8.62
C GLY A 25 -0.91 -12.14 -8.58
N THR A 26 -0.08 -11.41 -7.86
CA THR A 26 1.33 -11.76 -7.74
C THR A 26 1.58 -12.51 -6.43
N THR A 27 2.82 -12.94 -6.26
CA THR A 27 3.20 -13.67 -5.06
C THR A 27 4.24 -12.88 -4.27
N VAL A 28 4.29 -11.57 -4.54
CA VAL A 28 5.23 -10.71 -3.87
C VAL A 28 4.49 -9.45 -3.37
N MET A 29 5.28 -8.50 -2.88
CA MET A 29 4.71 -7.26 -2.38
C MET A 29 4.87 -6.13 -3.40
N VAL A 30 3.79 -5.39 -3.57
CA VAL A 30 3.79 -4.28 -4.52
C VAL A 30 3.67 -2.96 -3.75
N PRO A 31 4.43 -1.94 -4.25
CA PRO A 31 4.41 -0.63 -3.62
C PRO A 31 3.12 0.13 -3.96
N VAL A 32 2.15 0.02 -3.05
CA VAL A 32 0.87 0.67 -3.24
C VAL A 32 1.10 2.07 -3.83
N PRO A 33 0.62 2.24 -5.08
CA PRO A 33 0.77 3.52 -5.76
C PRO A 33 -0.22 4.56 -5.20
N TYR A 34 0.17 5.14 -4.07
CA TYR A 34 -0.66 6.14 -3.43
C TYR A 34 -0.93 7.31 -4.38
N GLU A 35 0.15 8.01 -4.72
CA GLU A 35 0.03 9.16 -5.61
C GLU A 35 -1.01 8.88 -6.71
N LYS A 36 -1.00 7.64 -7.17
CA LYS A 36 -1.93 7.24 -8.22
C LYS A 36 -3.36 7.22 -7.65
N MET A 37 -3.58 6.30 -6.73
CA MET A 37 -4.88 6.16 -6.10
C MET A 37 -5.37 7.51 -5.57
N LEU A 38 -4.48 8.19 -4.87
CA LEU A 38 -4.82 9.49 -4.31
C LEU A 38 -5.31 10.41 -5.41
N ARG A 39 -4.50 10.52 -6.46
CA ARG A 39 -4.84 11.37 -7.58
C ARG A 39 -6.18 10.94 -8.18
N ASP A 40 -6.27 9.66 -8.51
CA ASP A 40 -7.48 9.11 -9.08
C ASP A 40 -7.82 7.79 -8.39
N GLN A 41 -9.05 7.70 -7.92
CA GLN A 41 -9.51 6.50 -7.23
C GLN A 41 -10.24 5.58 -8.21
N SER A 42 -10.01 5.83 -9.50
CA SER A 42 -10.64 5.04 -10.54
C SER A 42 -9.69 3.91 -10.98
N ALA A 43 -8.91 3.43 -10.03
CA ALA A 43 -7.95 2.37 -10.31
C ALA A 43 -8.12 1.26 -9.27
N VAL A 44 -8.04 1.66 -8.00
CA VAL A 44 -8.17 0.72 -6.91
C VAL A 44 -9.15 1.28 -5.88
N VAL A 45 -9.97 0.39 -5.33
CA VAL A 45 -10.94 0.79 -4.34
C VAL A 45 -10.53 0.22 -2.97
N VAL A 46 -10.92 0.93 -1.92
CA VAL A 46 -10.60 0.51 -0.57
C VAL A 46 -11.89 0.11 0.15
N GLN A 47 -11.83 -1.01 0.85
CA GLN A 47 -12.98 -1.51 1.58
C GLN A 47 -12.53 -2.18 2.88
N GLY A 48 -13.11 -1.72 3.98
CA GLY A 48 -12.78 -2.26 5.29
C GLY A 48 -12.03 -1.23 6.13
N LEU A 49 -12.39 0.02 5.93
CA LEU A 49 -11.77 1.11 6.68
C LEU A 49 -12.73 1.63 7.75
N PRO A 50 -12.16 2.38 8.72
CA PRO A 50 -12.95 2.95 9.80
C PRO A 50 -13.80 4.12 9.31
N GLU A 51 -14.89 4.35 10.01
CA GLU A 51 -15.79 5.44 9.66
C GLU A 51 -15.03 6.76 9.59
N GLY A 52 -15.26 7.48 8.51
CA GLY A 52 -14.60 8.76 8.30
C GLY A 52 -13.08 8.60 8.31
N VAL A 53 -12.62 7.65 7.50
CA VAL A 53 -11.19 7.38 7.41
C VAL A 53 -10.87 6.90 5.99
N ALA A 54 -9.93 7.58 5.36
CA ALA A 54 -9.52 7.23 4.01
C ALA A 54 -8.31 6.29 4.07
N PHE A 55 -7.91 5.82 2.90
CA PHE A 55 -6.78 4.91 2.82
C PHE A 55 -5.46 5.69 2.74
N GLN A 56 -5.54 6.97 3.05
CA GLN A 56 -4.37 7.82 3.02
C GLN A 56 -3.21 7.15 3.74
N HIS A 57 -2.02 7.66 3.47
CA HIS A 57 -0.81 7.13 4.09
C HIS A 57 -1.08 6.83 5.57
N PRO A 58 -0.45 5.74 6.06
CA PRO A 58 -0.61 5.33 7.44
C PRO A 58 0.19 6.24 8.37
N GLU A 59 1.30 6.73 7.86
CA GLU A 59 2.16 7.62 8.63
C GLU A 59 1.33 8.69 9.32
N ASN A 60 0.16 8.96 8.75
CA ASN A 60 -0.74 9.96 9.30
C ASN A 60 -1.59 9.32 10.40
N TYR A 61 -2.17 8.18 10.07
CA TYR A 61 -3.02 7.46 11.01
C TYR A 61 -2.43 7.53 12.42
N ASP A 62 -3.32 7.80 13.37
CA ASP A 62 -2.91 7.89 14.77
C ASP A 62 -2.52 6.50 15.28
N LEU A 63 -1.56 6.49 16.18
CA LEU A 63 -1.09 5.23 16.76
C LEU A 63 -2.30 4.33 17.03
N ALA A 64 -3.43 4.96 17.31
CA ALA A 64 -4.65 4.22 17.57
C ALA A 64 -5.18 3.61 16.27
N THR A 65 -5.41 4.49 15.30
CA THR A 65 -5.91 4.06 14.01
C THR A 65 -5.03 2.96 13.43
N LEU A 66 -3.73 3.22 13.42
CA LEU A 66 -2.78 2.27 12.90
C LEU A 66 -3.07 0.89 13.49
N LYS A 67 -3.23 0.85 14.81
CA LYS A 67 -3.52 -0.39 15.50
C LYS A 67 -4.92 -0.86 15.12
N TRP A 68 -5.78 0.10 14.85
CA TRP A 68 -7.16 -0.19 14.47
C TRP A 68 -7.13 -0.95 13.14
N ILE A 69 -6.52 -0.32 12.15
CA ILE A 69 -6.42 -0.91 10.84
C ILE A 69 -5.93 -2.35 10.97
N LEU A 70 -4.90 -2.52 11.78
CA LEU A 70 -4.32 -3.84 12.01
C LEU A 70 -5.34 -4.72 12.73
N GLU A 71 -6.05 -4.11 13.66
CA GLU A 71 -7.06 -4.83 14.43
C GLU A 71 -8.29 -5.11 13.55
N ASN A 72 -8.30 -4.47 12.39
CA ASN A 72 -9.41 -4.64 11.46
C ASN A 72 -8.86 -4.68 10.03
N LYS A 73 -7.73 -5.35 9.88
CA LYS A 73 -7.10 -5.47 8.58
C LYS A 73 -7.79 -6.57 7.77
N ALA A 74 -8.20 -7.61 8.49
CA ALA A 74 -8.88 -8.73 7.85
C ALA A 74 -10.10 -8.21 7.08
N GLY A 75 -10.52 -7.01 7.44
CA GLY A 75 -11.67 -6.41 6.78
C GLY A 75 -11.23 -5.52 5.61
N ILE A 76 -9.99 -5.06 5.69
CA ILE A 76 -9.43 -4.22 4.65
C ILE A 76 -9.17 -5.06 3.40
N SER A 77 -9.80 -4.65 2.31
CA SER A 77 -9.64 -5.36 1.05
C SER A 77 -9.59 -4.37 -0.11
N PHE A 78 -8.64 -4.59 -1.00
CA PHE A 78 -8.47 -3.73 -2.16
C PHE A 78 -9.31 -4.21 -3.34
N ILE A 79 -10.40 -3.50 -3.58
CA ILE A 79 -11.31 -3.85 -4.67
C ILE A 79 -10.75 -3.26 -5.97
N ILE A 80 -9.98 -4.09 -6.67
CA ILE A 80 -9.39 -3.67 -7.94
C ILE A 80 -10.50 -3.54 -8.99
N ASN A 81 -10.34 -2.53 -9.84
CA ASN A 81 -11.31 -2.29 -10.89
C ASN A 81 -10.60 -2.29 -12.25
N ARG A 82 -9.45 -1.61 -12.27
CA ARG A 82 -8.67 -1.53 -13.50
C ARG A 82 -7.27 -1.00 -13.19
N PRO A 83 -6.32 -1.31 -14.10
CA PRO A 83 -4.94 -0.87 -13.93
C PRO A 83 -4.80 0.62 -14.25
N PHE A 84 -3.58 1.10 -14.08
CA PHE A 84 -3.29 2.51 -14.35
C PHE A 84 -2.75 2.70 -15.77
N LEU A 85 -2.75 3.95 -16.20
CA LEU A 85 -2.26 4.29 -17.53
C LEU A 85 -1.11 5.30 -17.41
N GLY A 86 -0.26 5.30 -18.41
CA GLY A 86 0.87 6.21 -18.43
C GLY A 86 2.17 5.46 -18.77
N PRO A 87 3.24 6.25 -19.06
CA PRO A 87 4.53 5.69 -19.39
C PRO A 87 5.23 5.14 -18.15
N GLU A 88 5.31 3.82 -18.08
CA GLU A 88 5.95 3.16 -16.96
C GLU A 88 6.07 1.66 -17.22
N SER A 89 7.29 1.17 -17.12
CA SER A 89 7.55 -0.24 -17.33
C SER A 89 8.36 -0.81 -16.17
N GLN A 90 9.57 -0.29 -16.03
CA GLN A 90 10.45 -0.75 -14.96
C GLN A 90 10.81 -2.22 -15.15
N LEU A 91 12.07 -2.45 -15.45
CA LEU A 91 12.56 -3.81 -15.66
C LEU A 91 12.68 -4.51 -14.31
N GLY A 92 12.65 -5.84 -14.36
CA GLY A 92 12.75 -6.63 -13.15
C GLY A 92 14.20 -7.04 -12.89
N GLY A 93 14.90 -6.18 -12.16
CA GLY A 93 16.29 -6.43 -11.83
C GLY A 93 16.95 -5.18 -11.26
N SER A 94 17.73 -5.38 -10.22
CA SER A 94 18.43 -4.27 -9.57
C SER A 94 19.95 -4.50 -9.64
N GLY A 95 20.67 -3.40 -9.82
CA GLY A 95 22.11 -3.47 -9.91
C GLY A 95 22.75 -2.13 -9.49
N PRO A 96 23.97 -2.24 -8.89
CA PRO A 96 24.68 -1.06 -8.43
C PRO A 96 25.30 -0.31 -9.62
N SER A 97 24.74 0.86 -9.89
CA SER A 97 25.23 1.69 -10.98
C SER A 97 26.41 2.54 -10.51
N SER A 98 27.59 2.16 -10.99
CA SER A 98 28.80 2.88 -10.64
C SER A 98 29.07 3.99 -11.65
N GLY A 99 29.00 5.22 -11.18
CA GLY A 99 29.24 6.37 -12.03
C GLY A 99 27.92 6.91 -12.60
N GLY A 1 15.90 0.52 -4.78
CA GLY A 1 16.29 0.57 -3.39
C GLY A 1 15.78 -0.66 -2.63
N SER A 2 16.18 -0.76 -1.37
CA SER A 2 15.78 -1.87 -0.54
C SER A 2 14.90 -1.39 0.60
N SER A 3 13.75 -2.02 0.74
CA SER A 3 12.80 -1.66 1.78
C SER A 3 12.79 -2.75 2.86
N GLY A 4 12.72 -2.30 4.11
CA GLY A 4 12.69 -3.21 5.23
C GLY A 4 11.39 -3.06 6.02
N SER A 5 11.38 -3.69 7.20
CA SER A 5 10.21 -3.63 8.06
C SER A 5 10.62 -3.27 9.48
N SER A 6 9.92 -2.30 10.04
CA SER A 6 10.21 -1.84 11.39
C SER A 6 9.30 -0.66 11.75
N GLY A 7 8.49 -0.87 12.77
CA GLY A 7 7.57 0.17 13.22
C GLY A 7 6.13 -0.20 12.89
N LEU A 8 5.21 0.46 13.57
CA LEU A 8 3.78 0.23 13.35
C LEU A 8 3.43 0.62 11.92
N ARG A 9 3.57 1.91 11.63
CA ARG A 9 3.26 2.41 10.31
C ARG A 9 3.78 1.45 9.24
N LYS A 10 5.02 1.04 9.40
CA LYS A 10 5.65 0.13 8.46
C LYS A 10 4.80 -1.14 8.35
N ALA A 11 4.50 -1.71 9.51
CA ALA A 11 3.70 -2.92 9.56
C ALA A 11 2.47 -2.76 8.67
N VAL A 12 1.84 -1.59 8.79
CA VAL A 12 0.66 -1.29 8.02
C VAL A 12 1.04 -1.20 6.53
N GLU A 13 2.17 -0.57 6.28
CA GLU A 13 2.66 -0.40 4.92
C GLU A 13 3.02 -1.76 4.32
N ASP A 14 3.56 -2.63 5.18
CA ASP A 14 3.95 -3.96 4.75
C ASP A 14 2.71 -4.76 4.37
N TYR A 15 1.58 -4.36 4.95
CA TYR A 15 0.32 -5.03 4.69
C TYR A 15 -0.34 -4.49 3.42
N PHE A 16 -0.68 -3.20 3.47
CA PHE A 16 -1.31 -2.55 2.32
C PHE A 16 -0.74 -3.09 1.01
N CYS A 17 0.53 -3.42 1.05
CA CYS A 17 1.21 -3.93 -0.13
C CYS A 17 0.66 -5.34 -0.43
N PHE A 18 0.83 -6.22 0.56
CA PHE A 18 0.35 -7.58 0.42
C PHE A 18 -1.04 -7.62 -0.22
N CYS A 19 -1.83 -6.62 0.12
CA CYS A 19 -3.19 -6.53 -0.40
C CYS A 19 -3.10 -6.33 -1.92
N TYR A 20 -2.58 -5.17 -2.29
CA TYR A 20 -2.43 -4.84 -3.70
C TYR A 20 -1.82 -6.01 -4.48
N GLY A 21 -0.92 -6.72 -3.81
CA GLY A 21 -0.27 -7.85 -4.43
C GLY A 21 -1.23 -9.04 -4.56
N LYS A 22 -2.06 -9.20 -3.53
CA LYS A 22 -3.03 -10.28 -3.53
C LYS A 22 -4.12 -10.00 -4.57
N ALA A 23 -4.27 -8.73 -4.88
CA ALA A 23 -5.27 -8.32 -5.85
C ALA A 23 -4.68 -8.42 -7.26
N LEU A 24 -3.45 -7.93 -7.38
CA LEU A 24 -2.76 -7.97 -8.66
C LEU A 24 -2.61 -9.42 -9.12
N GLY A 25 -2.60 -10.31 -8.14
CA GLY A 25 -2.46 -11.74 -8.43
C GLY A 25 -0.99 -12.16 -8.42
N THR A 26 -0.22 -11.49 -7.58
CA THR A 26 1.20 -11.79 -7.47
C THR A 26 1.51 -12.45 -6.12
N THR A 27 2.57 -13.23 -6.11
CA THR A 27 2.98 -13.93 -4.91
C THR A 27 4.04 -13.12 -4.16
N VAL A 28 4.04 -11.82 -4.42
CA VAL A 28 4.99 -10.93 -3.78
C VAL A 28 4.26 -9.68 -3.27
N MET A 29 5.04 -8.73 -2.78
CA MET A 29 4.47 -7.49 -2.27
C MET A 29 4.58 -6.36 -3.29
N VAL A 30 3.47 -5.68 -3.49
CA VAL A 30 3.44 -4.58 -4.45
C VAL A 30 3.32 -3.26 -3.68
N PRO A 31 4.12 -2.26 -4.14
CA PRO A 31 4.12 -0.95 -3.51
C PRO A 31 2.87 -0.15 -3.90
N VAL A 32 1.91 -0.13 -2.98
CA VAL A 32 0.67 0.58 -3.22
C VAL A 32 0.99 1.98 -3.75
N PRO A 33 0.55 2.22 -5.01
CA PRO A 33 0.78 3.51 -5.64
C PRO A 33 -0.17 4.58 -5.08
N TYR A 34 0.23 5.14 -3.94
CA TYR A 34 -0.57 6.16 -3.29
C TYR A 34 -0.79 7.35 -4.22
N GLU A 35 0.30 8.05 -4.52
CA GLU A 35 0.23 9.21 -5.40
C GLU A 35 -0.78 8.98 -6.51
N LYS A 36 -0.77 7.76 -7.04
CA LYS A 36 -1.68 7.40 -8.11
C LYS A 36 -3.12 7.44 -7.59
N MET A 37 -3.43 6.50 -6.71
CA MET A 37 -4.75 6.43 -6.13
C MET A 37 -5.19 7.79 -5.59
N LEU A 38 -4.29 8.42 -4.86
CA LEU A 38 -4.57 9.72 -4.28
C LEU A 38 -5.02 10.68 -5.39
N ARG A 39 -4.35 10.56 -6.54
CA ARG A 39 -4.67 11.41 -7.67
C ARG A 39 -5.99 10.95 -8.32
N ASP A 40 -6.04 9.67 -8.63
CA ASP A 40 -7.23 9.10 -9.26
C ASP A 40 -7.69 7.88 -8.46
N GLN A 41 -8.90 7.98 -7.93
CA GLN A 41 -9.46 6.88 -7.15
C GLN A 41 -10.30 5.96 -8.04
N SER A 42 -10.06 6.07 -9.34
CA SER A 42 -10.78 5.26 -10.31
C SER A 42 -9.91 4.08 -10.77
N ALA A 43 -8.99 3.70 -9.90
CA ALA A 43 -8.09 2.60 -10.20
C ALA A 43 -8.36 1.45 -9.23
N VAL A 44 -8.04 1.70 -7.97
CA VAL A 44 -8.25 0.69 -6.94
C VAL A 44 -9.18 1.24 -5.87
N VAL A 45 -10.02 0.36 -5.33
CA VAL A 45 -10.97 0.75 -4.31
C VAL A 45 -10.53 0.15 -2.97
N VAL A 46 -10.91 0.84 -1.89
CA VAL A 46 -10.57 0.39 -0.56
C VAL A 46 -11.84 -0.04 0.17
N GLN A 47 -11.73 -1.17 0.87
CA GLN A 47 -12.86 -1.70 1.61
C GLN A 47 -12.38 -2.34 2.91
N GLY A 48 -13.00 -1.93 4.01
CA GLY A 48 -12.65 -2.46 5.31
C GLY A 48 -11.95 -1.40 6.16
N LEU A 49 -12.32 -0.15 5.91
CA LEU A 49 -11.73 0.96 6.65
C LEU A 49 -12.72 1.44 7.71
N PRO A 50 -12.18 2.25 8.66
CA PRO A 50 -13.01 2.78 9.74
C PRO A 50 -13.90 3.91 9.24
N GLU A 51 -14.74 4.41 10.14
CA GLU A 51 -15.65 5.48 9.80
C GLU A 51 -14.87 6.78 9.51
N GLY A 52 -15.40 7.55 8.58
CA GLY A 52 -14.77 8.80 8.20
C GLY A 52 -13.24 8.66 8.16
N VAL A 53 -12.81 7.59 7.49
CA VAL A 53 -11.39 7.32 7.36
C VAL A 53 -11.08 6.90 5.92
N ALA A 54 -9.96 7.40 5.42
CA ALA A 54 -9.55 7.08 4.06
C ALA A 54 -8.36 6.11 4.11
N PHE A 55 -7.88 5.74 2.92
CA PHE A 55 -6.76 4.83 2.82
C PHE A 55 -5.44 5.60 2.74
N GLN A 56 -5.50 6.87 3.11
CA GLN A 56 -4.33 7.71 3.09
C GLN A 56 -3.13 7.00 3.74
N HIS A 57 -1.98 7.63 3.66
CA HIS A 57 -0.77 7.07 4.24
C HIS A 57 -1.00 6.76 5.71
N PRO A 58 -0.33 5.68 6.19
CA PRO A 58 -0.45 5.26 7.58
C PRO A 58 0.33 6.21 8.50
N GLU A 59 1.43 6.73 7.97
CA GLU A 59 2.28 7.64 8.73
C GLU A 59 1.43 8.73 9.38
N ASN A 60 0.25 8.94 8.79
CA ASN A 60 -0.65 9.96 9.30
C ASN A 60 -1.54 9.35 10.38
N TYR A 61 -2.16 8.23 10.04
CA TYR A 61 -3.03 7.53 10.96
C TYR A 61 -2.48 7.60 12.38
N ASP A 62 -3.40 7.78 13.33
CA ASP A 62 -3.02 7.87 14.74
C ASP A 62 -2.72 6.45 15.27
N LEU A 63 -1.88 6.40 16.28
CA LEU A 63 -1.51 5.14 16.89
C LEU A 63 -2.75 4.23 16.96
N ALA A 64 -3.82 4.79 17.51
CA ALA A 64 -5.06 4.05 17.63
C ALA A 64 -5.47 3.50 16.26
N THR A 65 -5.67 4.42 15.33
CA THR A 65 -6.06 4.04 13.98
C THR A 65 -5.13 2.95 13.44
N LEU A 66 -3.84 3.26 13.47
CA LEU A 66 -2.84 2.33 12.98
C LEU A 66 -3.08 0.95 13.60
N LYS A 67 -3.23 0.96 14.92
CA LYS A 67 -3.47 -0.28 15.65
C LYS A 67 -4.85 -0.82 15.28
N TRP A 68 -5.74 0.09 14.92
CA TRP A 68 -7.09 -0.28 14.54
C TRP A 68 -7.02 -1.05 13.22
N ILE A 69 -6.52 -0.37 12.20
CA ILE A 69 -6.38 -0.97 10.89
C ILE A 69 -5.85 -2.39 11.04
N LEU A 70 -4.79 -2.52 11.82
CA LEU A 70 -4.18 -3.81 12.05
C LEU A 70 -5.18 -4.73 12.76
N GLU A 71 -5.87 -4.15 13.73
CA GLU A 71 -6.86 -4.90 14.49
C GLU A 71 -8.04 -5.28 13.59
N ASN A 72 -8.12 -4.61 12.46
CA ASN A 72 -9.19 -4.86 11.51
C ASN A 72 -8.63 -4.85 10.09
N LYS A 73 -7.48 -5.51 9.93
CA LYS A 73 -6.83 -5.59 8.64
C LYS A 73 -7.52 -6.65 7.78
N ALA A 74 -7.83 -7.77 8.41
CA ALA A 74 -8.48 -8.86 7.73
C ALA A 74 -9.72 -8.33 7.00
N GLY A 75 -10.22 -7.21 7.50
CA GLY A 75 -11.40 -6.60 6.91
C GLY A 75 -11.01 -5.71 5.72
N ILE A 76 -9.77 -5.23 5.76
CA ILE A 76 -9.27 -4.37 4.70
C ILE A 76 -9.02 -5.20 3.44
N SER A 77 -9.64 -4.77 2.36
CA SER A 77 -9.50 -5.46 1.09
C SER A 77 -9.46 -4.45 -0.05
N PHE A 78 -8.59 -4.74 -1.02
CA PHE A 78 -8.45 -3.86 -2.18
C PHE A 78 -9.27 -4.37 -3.36
N ILE A 79 -10.33 -3.63 -3.67
CA ILE A 79 -11.20 -4.00 -4.77
C ILE A 79 -10.62 -3.44 -6.08
N ILE A 80 -9.81 -4.26 -6.72
CA ILE A 80 -9.18 -3.88 -7.97
C ILE A 80 -10.26 -3.74 -9.05
N ASN A 81 -10.10 -2.72 -9.89
CA ASN A 81 -11.05 -2.46 -10.96
C ASN A 81 -10.29 -2.39 -12.29
N ARG A 82 -9.21 -1.64 -12.28
CA ARG A 82 -8.40 -1.48 -13.47
C ARG A 82 -7.04 -0.85 -13.11
N PRO A 83 -6.04 -1.10 -14.00
CA PRO A 83 -4.70 -0.58 -13.78
C PRO A 83 -4.65 0.91 -14.10
N PHE A 84 -3.46 1.47 -13.99
CA PHE A 84 -3.25 2.88 -14.27
C PHE A 84 -2.72 3.10 -15.68
N LEU A 85 -2.78 4.35 -16.12
CA LEU A 85 -2.31 4.70 -17.45
C LEU A 85 -0.81 4.98 -17.40
N GLY A 86 -0.05 3.91 -17.16
CA GLY A 86 1.39 4.03 -17.08
C GLY A 86 1.81 5.09 -16.06
N PRO A 87 3.14 5.14 -15.78
CA PRO A 87 3.67 6.10 -14.83
C PRO A 87 3.71 7.51 -15.43
N GLU A 88 4.28 7.58 -16.62
CA GLU A 88 4.40 8.85 -17.33
C GLU A 88 4.10 8.67 -18.81
N SER A 89 3.65 9.75 -19.43
CA SER A 89 3.33 9.73 -20.84
C SER A 89 4.61 9.85 -21.67
N GLN A 90 5.11 8.69 -22.10
CA GLN A 90 6.33 8.65 -22.89
C GLN A 90 6.67 7.20 -23.26
N LEU A 91 6.27 6.82 -24.46
CA LEU A 91 6.52 5.48 -24.95
C LEU A 91 6.63 5.51 -26.47
N GLY A 92 7.47 4.63 -26.99
CA GLY A 92 7.68 4.54 -28.42
C GLY A 92 6.54 3.76 -29.09
N GLY A 93 6.57 2.45 -28.90
CA GLY A 93 5.56 1.58 -29.47
C GLY A 93 6.14 0.22 -29.87
N SER A 94 6.55 0.13 -31.12
CA SER A 94 7.13 -1.10 -31.63
C SER A 94 8.46 -1.38 -30.93
N GLY A 95 8.48 -2.47 -30.17
CA GLY A 95 9.67 -2.87 -29.44
C GLY A 95 9.78 -4.38 -29.35
N PRO A 96 10.14 -5.00 -30.50
CA PRO A 96 10.29 -6.45 -30.56
C PRO A 96 11.58 -6.91 -29.87
N SER A 97 11.49 -8.05 -29.22
CA SER A 97 12.65 -8.60 -28.52
C SER A 97 13.00 -9.97 -29.09
N SER A 98 14.10 -9.99 -29.85
CA SER A 98 14.56 -11.22 -30.46
C SER A 98 15.39 -12.03 -29.46
N GLY A 99 16.45 -11.40 -28.97
CA GLY A 99 17.33 -12.05 -28.00
C GLY A 99 18.50 -11.15 -27.64
N GLY A 1 21.78 -1.98 0.94
CA GLY A 1 20.37 -1.71 0.69
C GLY A 1 19.66 -1.26 1.97
N SER A 2 18.34 -1.20 1.89
CA SER A 2 17.55 -0.78 3.03
C SER A 2 16.51 -1.86 3.36
N SER A 3 16.53 -2.30 4.60
CA SER A 3 15.60 -3.32 5.05
C SER A 3 15.04 -2.95 6.43
N GLY A 4 13.72 -3.08 6.54
CA GLY A 4 13.05 -2.76 7.80
C GLY A 4 11.95 -3.78 8.10
N SER A 5 11.32 -3.59 9.26
CA SER A 5 10.26 -4.49 9.68
C SER A 5 9.51 -3.89 10.87
N SER A 6 10.26 -3.66 11.94
CA SER A 6 9.69 -3.08 13.14
C SER A 6 8.93 -1.80 12.81
N GLY A 7 8.12 -1.36 13.76
CA GLY A 7 7.34 -0.15 13.57
C GLY A 7 5.93 -0.48 13.07
N LEU A 8 4.95 0.13 13.72
CA LEU A 8 3.56 -0.08 13.34
C LEU A 8 3.29 0.58 12.00
N ARG A 9 3.67 1.84 11.90
CA ARG A 9 3.48 2.60 10.68
C ARG A 9 3.90 1.76 9.46
N LYS A 10 5.01 1.05 9.63
CA LYS A 10 5.52 0.21 8.56
C LYS A 10 4.65 -1.05 8.46
N ALA A 11 4.48 -1.70 9.59
CA ALA A 11 3.69 -2.92 9.64
C ALA A 11 2.45 -2.76 8.75
N VAL A 12 1.87 -1.56 8.81
CA VAL A 12 0.69 -1.26 8.03
C VAL A 12 1.08 -1.21 6.54
N GLU A 13 2.12 -0.46 6.26
CA GLU A 13 2.60 -0.32 4.90
C GLU A 13 3.03 -1.68 4.34
N ASP A 14 3.45 -2.55 5.25
CA ASP A 14 3.89 -3.87 4.87
C ASP A 14 2.68 -4.71 4.46
N TYR A 15 1.54 -4.39 5.06
CA TYR A 15 0.30 -5.10 4.77
C TYR A 15 -0.32 -4.60 3.47
N PHE A 16 -0.67 -3.32 3.48
CA PHE A 16 -1.28 -2.70 2.30
C PHE A 16 -0.67 -3.26 1.02
N CYS A 17 0.65 -3.42 1.04
CA CYS A 17 1.36 -3.96 -0.12
C CYS A 17 0.84 -5.37 -0.39
N PHE A 18 0.97 -6.22 0.61
CA PHE A 18 0.52 -7.59 0.48
C PHE A 18 -0.86 -7.66 -0.14
N CYS A 19 -1.72 -6.75 0.28
CA CYS A 19 -3.08 -6.70 -0.22
C CYS A 19 -3.02 -6.49 -1.74
N TYR A 20 -2.49 -5.34 -2.12
CA TYR A 20 -2.36 -5.00 -3.54
C TYR A 20 -1.70 -6.15 -4.31
N GLY A 21 -0.68 -6.74 -3.69
CA GLY A 21 0.03 -7.84 -4.31
C GLY A 21 -0.86 -9.08 -4.42
N LYS A 22 -1.69 -9.26 -3.42
CA LYS A 22 -2.59 -10.40 -3.39
C LYS A 22 -3.71 -10.18 -4.41
N ALA A 23 -3.97 -8.91 -4.69
CA ALA A 23 -5.01 -8.55 -5.63
C ALA A 23 -4.46 -8.63 -7.05
N LEU A 24 -3.26 -8.08 -7.21
CA LEU A 24 -2.61 -8.08 -8.51
C LEU A 24 -2.43 -9.52 -8.99
N GLY A 25 -2.38 -10.42 -8.02
CA GLY A 25 -2.21 -11.84 -8.32
C GLY A 25 -0.73 -12.22 -8.32
N THR A 26 0.03 -11.51 -7.52
CA THR A 26 1.46 -11.77 -7.42
C THR A 26 1.78 -12.46 -6.09
N THR A 27 2.87 -13.23 -6.11
CA THR A 27 3.30 -13.95 -4.93
C THR A 27 4.33 -13.13 -4.15
N VAL A 28 4.28 -11.83 -4.36
CA VAL A 28 5.21 -10.94 -3.68
C VAL A 28 4.45 -9.68 -3.24
N MET A 29 5.21 -8.76 -2.65
CA MET A 29 4.63 -7.52 -2.17
C MET A 29 4.75 -6.41 -3.23
N VAL A 30 3.64 -5.69 -3.40
CA VAL A 30 3.61 -4.61 -4.38
C VAL A 30 3.46 -3.27 -3.64
N PRO A 31 4.24 -2.26 -4.13
CA PRO A 31 4.19 -0.94 -3.53
C PRO A 31 2.91 -0.20 -3.92
N VAL A 32 2.00 -0.10 -2.96
CA VAL A 32 0.74 0.57 -3.19
C VAL A 32 1.01 1.98 -3.75
N PRO A 33 0.54 2.19 -5.01
CA PRO A 33 0.73 3.47 -5.67
C PRO A 33 -0.22 4.52 -5.10
N TYR A 34 0.16 5.08 -3.96
CA TYR A 34 -0.65 6.09 -3.31
C TYR A 34 -0.87 7.30 -4.23
N GLU A 35 0.23 7.97 -4.55
CA GLU A 35 0.18 9.14 -5.41
C GLU A 35 -0.85 8.91 -6.53
N LYS A 36 -0.89 7.67 -7.01
CA LYS A 36 -1.81 7.33 -8.08
C LYS A 36 -3.24 7.37 -7.55
N MET A 37 -3.55 6.42 -6.67
CA MET A 37 -4.87 6.34 -6.08
C MET A 37 -5.30 7.69 -5.53
N LEU A 38 -4.35 8.40 -4.95
CA LEU A 38 -4.62 9.71 -4.38
C LEU A 38 -5.05 10.67 -5.50
N ARG A 39 -4.28 10.67 -6.56
CA ARG A 39 -4.57 11.53 -7.70
C ARG A 39 -5.89 11.13 -8.35
N ASP A 40 -6.01 9.84 -8.61
CA ASP A 40 -7.21 9.30 -9.22
C ASP A 40 -7.67 8.06 -8.46
N GLN A 41 -8.90 8.12 -7.98
CA GLN A 41 -9.46 7.01 -7.22
C GLN A 41 -10.29 6.10 -8.15
N SER A 42 -10.01 6.23 -9.44
CA SER A 42 -10.72 5.43 -10.42
C SER A 42 -9.83 4.28 -10.90
N ALA A 43 -9.00 3.80 -9.98
CA ALA A 43 -8.10 2.70 -10.29
C ALA A 43 -8.39 1.53 -9.35
N VAL A 44 -8.29 1.80 -8.06
CA VAL A 44 -8.54 0.79 -7.05
C VAL A 44 -9.46 1.36 -5.97
N VAL A 45 -10.26 0.47 -5.39
CA VAL A 45 -11.19 0.88 -4.35
C VAL A 45 -10.76 0.25 -3.02
N VAL A 46 -11.02 0.98 -1.94
CA VAL A 46 -10.66 0.51 -0.62
C VAL A 46 -11.94 0.08 0.12
N GLN A 47 -11.84 -1.05 0.81
CA GLN A 47 -12.97 -1.57 1.55
C GLN A 47 -12.48 -2.23 2.85
N GLY A 48 -13.11 -1.82 3.95
CA GLY A 48 -12.75 -2.37 5.25
C GLY A 48 -12.01 -1.32 6.09
N LEU A 49 -12.35 -0.06 5.85
CA LEU A 49 -11.73 1.03 6.58
C LEU A 49 -12.70 1.54 7.65
N PRO A 50 -12.14 2.34 8.60
CA PRO A 50 -12.93 2.90 9.68
C PRO A 50 -13.81 4.05 9.18
N GLU A 51 -14.68 4.51 10.06
CA GLU A 51 -15.58 5.60 9.72
C GLU A 51 -14.78 6.87 9.41
N GLY A 52 -15.29 7.64 8.47
CA GLY A 52 -14.64 8.89 8.07
C GLY A 52 -13.12 8.71 8.05
N VAL A 53 -12.69 7.64 7.41
CA VAL A 53 -11.27 7.34 7.30
C VAL A 53 -10.96 6.88 5.87
N ALA A 54 -9.96 7.51 5.29
CA ALA A 54 -9.54 7.17 3.94
C ALA A 54 -8.34 6.23 3.99
N PHE A 55 -7.92 5.79 2.81
CA PHE A 55 -6.78 4.90 2.72
C PHE A 55 -5.46 5.68 2.61
N GLN A 56 -5.55 6.97 2.91
CA GLN A 56 -4.39 7.83 2.85
C GLN A 56 -3.21 7.19 3.59
N HIS A 57 -2.03 7.69 3.30
CA HIS A 57 -0.82 7.18 3.94
C HIS A 57 -1.09 6.91 5.41
N PRO A 58 -0.47 5.82 5.92
CA PRO A 58 -0.64 5.42 7.31
C PRO A 58 0.16 6.34 8.23
N GLU A 59 1.25 6.86 7.69
CA GLU A 59 2.11 7.75 8.46
C GLU A 59 1.29 8.84 9.13
N ASN A 60 0.11 9.08 8.57
CA ASN A 60 -0.79 10.09 9.10
C ASN A 60 -1.65 9.47 10.20
N TYR A 61 -2.24 8.32 9.88
CA TYR A 61 -3.09 7.63 10.82
C TYR A 61 -2.53 7.74 12.25
N ASP A 62 -3.45 7.74 13.20
CA ASP A 62 -3.08 7.84 14.60
C ASP A 62 -2.70 6.44 15.12
N LEU A 63 -1.78 6.44 16.08
CA LEU A 63 -1.34 5.18 16.66
C LEU A 63 -2.54 4.25 16.85
N ALA A 64 -3.64 4.84 17.29
CA ALA A 64 -4.86 4.08 17.52
C ALA A 64 -5.36 3.52 16.18
N THR A 65 -5.50 4.42 15.22
CA THR A 65 -5.98 4.04 13.90
C THR A 65 -5.08 2.93 13.32
N LEU A 66 -3.77 3.18 13.37
CA LEU A 66 -2.81 2.23 12.85
C LEU A 66 -3.08 0.85 13.48
N LYS A 67 -3.17 0.85 14.80
CA LYS A 67 -3.42 -0.38 15.53
C LYS A 67 -4.81 -0.92 15.16
N TRP A 68 -5.70 0.01 14.83
CA TRP A 68 -7.06 -0.37 14.45
C TRP A 68 -6.98 -1.12 13.12
N ILE A 69 -6.51 -0.42 12.10
CA ILE A 69 -6.39 -1.01 10.79
C ILE A 69 -5.85 -2.44 10.92
N LEU A 70 -4.78 -2.56 11.69
CA LEU A 70 -4.15 -3.86 11.90
C LEU A 70 -5.14 -4.78 12.61
N GLU A 71 -5.83 -4.22 13.60
CA GLU A 71 -6.81 -4.98 14.36
C GLU A 71 -8.01 -5.32 13.47
N ASN A 72 -8.11 -4.63 12.36
CA ASN A 72 -9.20 -4.84 11.43
C ASN A 72 -8.66 -4.83 10.00
N LYS A 73 -7.56 -5.55 9.80
CA LYS A 73 -6.94 -5.62 8.50
C LYS A 73 -7.66 -6.67 7.64
N ALA A 74 -7.98 -7.78 8.28
CA ALA A 74 -8.67 -8.86 7.61
C ALA A 74 -9.90 -8.31 6.88
N GLY A 75 -10.38 -7.17 7.39
CA GLY A 75 -11.54 -6.53 6.81
C GLY A 75 -11.14 -5.64 5.63
N ILE A 76 -9.90 -5.18 5.66
CA ILE A 76 -9.39 -4.32 4.61
C ILE A 76 -9.18 -5.15 3.34
N SER A 77 -9.79 -4.70 2.26
CA SER A 77 -9.67 -5.39 0.99
C SER A 77 -9.63 -4.38 -0.16
N PHE A 78 -8.73 -4.62 -1.09
CA PHE A 78 -8.57 -3.75 -2.24
C PHE A 78 -9.43 -4.22 -3.41
N ILE A 79 -10.50 -3.49 -3.65
CA ILE A 79 -11.42 -3.82 -4.74
C ILE A 79 -10.90 -3.20 -6.04
N ILE A 80 -10.07 -3.96 -6.73
CA ILE A 80 -9.49 -3.51 -7.97
C ILE A 80 -10.62 -3.19 -8.96
N ASN A 81 -10.32 -2.27 -9.87
CA ASN A 81 -11.30 -1.87 -10.88
C ASN A 81 -10.61 -1.79 -12.24
N ARG A 82 -9.46 -1.13 -12.26
CA ARG A 82 -8.70 -0.97 -13.48
C ARG A 82 -7.29 -0.49 -13.17
N PRO A 83 -6.36 -0.78 -14.12
CA PRO A 83 -4.97 -0.37 -13.96
C PRO A 83 -4.81 1.13 -14.20
N PHE A 84 -3.58 1.60 -13.97
CA PHE A 84 -3.28 3.00 -14.16
C PHE A 84 -2.72 3.26 -15.56
N LEU A 85 -2.68 4.54 -15.93
CA LEU A 85 -2.17 4.91 -17.23
C LEU A 85 -0.64 4.90 -17.20
N GLY A 86 -0.06 4.92 -18.39
CA GLY A 86 1.39 4.91 -18.52
C GLY A 86 1.89 3.51 -18.92
N PRO A 87 3.22 3.44 -19.22
CA PRO A 87 3.83 2.18 -19.61
C PRO A 87 4.02 1.26 -18.40
N GLU A 88 4.67 1.81 -17.38
CA GLU A 88 4.92 1.06 -16.16
C GLU A 88 5.67 -0.24 -16.49
N SER A 89 6.99 -0.14 -16.48
CA SER A 89 7.83 -1.29 -16.77
C SER A 89 9.31 -0.93 -16.57
N GLN A 90 9.75 -1.04 -15.33
CA GLN A 90 11.13 -0.73 -15.00
C GLN A 90 12.00 -1.98 -15.12
N LEU A 91 13.26 -1.75 -15.47
CA LEU A 91 14.20 -2.86 -15.63
C LEU A 91 15.55 -2.44 -15.03
N GLY A 92 15.64 -2.53 -13.71
CA GLY A 92 16.86 -2.18 -13.01
C GLY A 92 16.66 -0.90 -12.18
N GLY A 93 17.73 -0.13 -12.10
CA GLY A 93 17.70 1.12 -11.35
C GLY A 93 19.05 1.41 -10.71
N SER A 94 19.59 2.58 -11.02
CA SER A 94 20.87 2.98 -10.49
C SER A 94 21.08 4.49 -10.70
N GLY A 95 21.62 5.13 -9.69
CA GLY A 95 21.88 6.55 -9.75
C GLY A 95 22.39 7.09 -8.41
N PRO A 96 23.71 7.44 -8.40
CA PRO A 96 24.33 7.95 -7.19
C PRO A 96 23.91 9.41 -6.94
N SER A 97 23.88 9.77 -5.67
CA SER A 97 23.50 11.11 -5.27
C SER A 97 23.68 11.29 -3.76
N SER A 98 24.02 12.51 -3.38
CA SER A 98 24.23 12.82 -1.97
C SER A 98 24.29 14.34 -1.78
N GLY A 99 23.23 14.88 -1.20
CA GLY A 99 23.15 16.31 -0.97
C GLY A 99 22.95 17.08 -2.27
N GLY A 1 16.65 -8.18 2.75
CA GLY A 1 17.27 -7.24 3.65
C GLY A 1 16.52 -5.91 3.67
N SER A 2 16.95 -5.02 2.80
CA SER A 2 16.33 -3.71 2.70
C SER A 2 16.00 -3.17 4.09
N SER A 3 17.02 -2.60 4.73
CA SER A 3 16.85 -2.04 6.06
C SER A 3 16.38 -3.14 7.02
N GLY A 4 16.44 -2.82 8.31
CA GLY A 4 16.02 -3.77 9.33
C GLY A 4 15.01 -3.12 10.28
N SER A 5 14.80 -3.79 11.41
CA SER A 5 13.87 -3.30 12.40
C SER A 5 12.44 -3.31 11.83
N SER A 6 11.47 -3.20 12.73
CA SER A 6 10.08 -3.20 12.34
C SER A 6 9.24 -2.38 13.33
N GLY A 7 8.10 -1.92 12.86
CA GLY A 7 7.21 -1.13 13.70
C GLY A 7 5.76 -1.26 13.23
N LEU A 8 4.94 -0.34 13.70
CA LEU A 8 3.53 -0.34 13.33
C LEU A 8 3.34 0.42 12.02
N ARG A 9 3.66 1.69 12.06
CA ARG A 9 3.53 2.54 10.88
C ARG A 9 4.00 1.78 9.63
N LYS A 10 5.07 1.01 9.81
CA LYS A 10 5.62 0.24 8.71
C LYS A 10 4.74 -0.99 8.47
N ALA A 11 4.49 -1.72 9.55
CA ALA A 11 3.67 -2.92 9.47
C ALA A 11 2.47 -2.64 8.57
N VAL A 12 1.76 -1.57 8.89
CA VAL A 12 0.58 -1.19 8.13
C VAL A 12 0.96 -1.07 6.64
N GLU A 13 2.14 -0.52 6.40
CA GLU A 13 2.62 -0.35 5.04
C GLU A 13 3.01 -1.71 4.45
N ASP A 14 3.54 -2.56 5.31
CA ASP A 14 3.96 -3.89 4.89
C ASP A 14 2.74 -4.71 4.53
N TYR A 15 1.58 -4.23 4.97
CA TYR A 15 0.33 -4.91 4.70
C TYR A 15 -0.32 -4.38 3.42
N PHE A 16 -0.68 -3.11 3.47
CA PHE A 16 -1.31 -2.48 2.32
C PHE A 16 -0.73 -3.00 1.01
N CYS A 17 0.56 -3.31 1.06
CA CYS A 17 1.25 -3.82 -0.12
C CYS A 17 0.69 -5.21 -0.43
N PHE A 18 0.87 -6.11 0.52
CA PHE A 18 0.39 -7.48 0.35
C PHE A 18 -1.00 -7.49 -0.29
N CYS A 19 -1.82 -6.55 0.11
CA CYS A 19 -3.17 -6.45 -0.42
C CYS A 19 -3.08 -6.24 -1.93
N TYR A 20 -2.50 -5.11 -2.31
CA TYR A 20 -2.35 -4.79 -3.71
C TYR A 20 -1.76 -5.96 -4.49
N GLY A 21 -0.87 -6.68 -3.82
CA GLY A 21 -0.23 -7.84 -4.44
C GLY A 21 -1.21 -9.00 -4.57
N LYS A 22 -2.11 -9.09 -3.58
CA LYS A 22 -3.10 -10.15 -3.58
C LYS A 22 -4.19 -9.83 -4.59
N ALA A 23 -4.35 -8.54 -4.86
CA ALA A 23 -5.35 -8.09 -5.80
C ALA A 23 -4.80 -8.20 -7.22
N LEU A 24 -3.56 -7.74 -7.37
CA LEU A 24 -2.90 -7.79 -8.67
C LEU A 24 -2.87 -9.23 -9.17
N GLY A 25 -2.85 -10.15 -8.22
CA GLY A 25 -2.82 -11.57 -8.55
C GLY A 25 -1.42 -12.16 -8.30
N THR A 26 -0.49 -11.29 -7.94
CA THR A 26 0.87 -11.70 -7.68
C THR A 26 0.95 -12.41 -6.31
N THR A 27 2.16 -12.85 -5.99
CA THR A 27 2.38 -13.55 -4.73
C THR A 27 3.46 -12.83 -3.91
N VAL A 28 3.68 -11.57 -4.26
CA VAL A 28 4.69 -10.77 -3.59
C VAL A 28 4.05 -9.47 -3.08
N MET A 29 4.88 -8.61 -2.52
CA MET A 29 4.41 -7.35 -2.00
C MET A 29 4.57 -6.23 -3.04
N VAL A 30 3.44 -5.59 -3.35
CA VAL A 30 3.45 -4.52 -4.33
C VAL A 30 3.32 -3.18 -3.60
N PRO A 31 4.12 -2.19 -4.06
CA PRO A 31 4.10 -0.86 -3.46
C PRO A 31 2.85 -0.09 -3.89
N VAL A 32 1.89 -0.02 -3.00
CA VAL A 32 0.65 0.68 -3.27
C VAL A 32 0.97 2.07 -3.85
N PRO A 33 0.52 2.29 -5.10
CA PRO A 33 0.76 3.56 -5.77
C PRO A 33 -0.16 4.65 -5.22
N TYR A 34 0.21 5.16 -4.05
CA TYR A 34 -0.57 6.21 -3.41
C TYR A 34 -0.79 7.39 -4.35
N GLU A 35 0.31 8.04 -4.71
CA GLU A 35 0.24 9.18 -5.61
C GLU A 35 -0.81 8.95 -6.69
N LYS A 36 -0.84 7.72 -7.19
CA LYS A 36 -1.79 7.36 -8.22
C LYS A 36 -3.20 7.37 -7.64
N MET A 37 -3.46 6.41 -6.76
CA MET A 37 -4.76 6.29 -6.13
C MET A 37 -5.24 7.65 -5.62
N LEU A 38 -4.32 8.37 -4.98
CA LEU A 38 -4.63 9.68 -4.44
C LEU A 38 -5.13 10.59 -5.57
N ARG A 39 -4.36 10.60 -6.66
CA ARG A 39 -4.71 11.41 -7.81
C ARG A 39 -6.02 10.92 -8.42
N ASP A 40 -6.05 9.64 -8.73
CA ASP A 40 -7.23 9.04 -9.33
C ASP A 40 -7.59 7.76 -8.56
N GLN A 41 -8.83 7.71 -8.09
CA GLN A 41 -9.31 6.56 -7.35
C GLN A 41 -10.06 5.59 -8.28
N SER A 42 -9.86 5.80 -9.57
CA SER A 42 -10.51 4.97 -10.58
C SER A 42 -9.60 3.80 -10.96
N ALA A 43 -8.72 3.44 -10.02
CA ALA A 43 -7.80 2.35 -10.24
C ALA A 43 -8.11 1.21 -9.27
N VAL A 44 -8.01 1.54 -7.99
CA VAL A 44 -8.29 0.55 -6.95
C VAL A 44 -9.21 1.18 -5.90
N VAL A 45 -10.02 0.32 -5.30
CA VAL A 45 -10.95 0.76 -4.28
C VAL A 45 -10.56 0.16 -2.93
N VAL A 46 -10.93 0.86 -1.86
CA VAL A 46 -10.63 0.40 -0.52
C VAL A 46 -11.92 0.04 0.20
N GLN A 47 -11.88 -1.10 0.89
CA GLN A 47 -13.04 -1.57 1.62
C GLN A 47 -12.60 -2.26 2.92
N GLY A 48 -13.16 -1.77 4.02
CA GLY A 48 -12.83 -2.32 5.32
C GLY A 48 -12.08 -1.31 6.18
N LEU A 49 -12.38 -0.03 5.93
CA LEU A 49 -11.73 1.04 6.68
C LEU A 49 -12.68 1.54 7.77
N PRO A 50 -12.10 2.31 8.73
CA PRO A 50 -12.88 2.86 9.82
C PRO A 50 -13.75 4.02 9.35
N GLU A 51 -14.81 4.28 10.09
CA GLU A 51 -15.72 5.35 9.77
C GLU A 51 -14.98 6.69 9.75
N GLY A 52 -15.18 7.43 8.68
CA GLY A 52 -14.53 8.72 8.52
C GLY A 52 -13.01 8.57 8.46
N VAL A 53 -12.57 7.66 7.61
CA VAL A 53 -11.15 7.41 7.44
C VAL A 53 -10.88 6.95 6.01
N ALA A 54 -9.81 7.49 5.43
CA ALA A 54 -9.43 7.15 4.07
C ALA A 54 -8.23 6.19 4.10
N PHE A 55 -7.83 5.76 2.92
CA PHE A 55 -6.71 4.85 2.80
C PHE A 55 -5.39 5.62 2.68
N GLN A 56 -5.46 6.89 2.99
CA GLN A 56 -4.29 7.75 2.92
C GLN A 56 -3.11 7.09 3.62
N HIS A 57 -1.96 7.73 3.50
CA HIS A 57 -0.75 7.21 4.13
C HIS A 57 -1.01 6.91 5.60
N PRO A 58 -0.39 5.80 6.09
CA PRO A 58 -0.55 5.39 7.47
C PRO A 58 0.25 6.30 8.41
N GLU A 59 1.36 6.81 7.87
CA GLU A 59 2.22 7.70 8.65
C GLU A 59 1.39 8.78 9.34
N ASN A 60 0.22 9.03 8.79
CA ASN A 60 -0.68 10.03 9.34
C ASN A 60 -1.56 9.39 10.41
N TYR A 61 -2.15 8.26 10.05
CA TYR A 61 -3.02 7.54 10.96
C TYR A 61 -2.49 7.61 12.39
N ASP A 62 -3.42 7.75 13.33
CA ASP A 62 -3.07 7.83 14.74
C ASP A 62 -2.70 6.44 15.25
N LEU A 63 -1.80 6.43 16.22
CA LEU A 63 -1.36 5.17 16.81
C LEU A 63 -2.57 4.24 16.98
N ALA A 64 -3.68 4.82 17.39
CA ALA A 64 -4.89 4.06 17.59
C ALA A 64 -5.37 3.49 16.25
N THR A 65 -5.50 4.39 15.28
CA THR A 65 -5.93 3.98 13.95
C THR A 65 -5.02 2.89 13.39
N LEU A 66 -3.73 3.17 13.45
CA LEU A 66 -2.74 2.22 12.95
C LEU A 66 -3.01 0.84 13.56
N LYS A 67 -3.17 0.83 14.88
CA LYS A 67 -3.43 -0.41 15.59
C LYS A 67 -4.81 -0.94 15.18
N TRP A 68 -5.72 -0.01 14.95
CA TRP A 68 -7.08 -0.37 14.56
C TRP A 68 -7.00 -1.10 13.21
N ILE A 69 -6.43 -0.41 12.23
CA ILE A 69 -6.29 -0.98 10.91
C ILE A 69 -5.83 -2.43 11.02
N LEU A 70 -4.72 -2.61 11.74
CA LEU A 70 -4.16 -3.93 11.94
C LEU A 70 -5.19 -4.82 12.64
N GLU A 71 -5.89 -4.21 13.59
CA GLU A 71 -6.90 -4.93 14.35
C GLU A 71 -8.14 -5.16 13.48
N ASN A 72 -8.16 -4.50 12.33
CA ASN A 72 -9.27 -4.64 11.41
C ASN A 72 -8.75 -4.66 9.98
N LYS A 73 -7.67 -5.40 9.80
CA LYS A 73 -7.05 -5.52 8.49
C LYS A 73 -7.78 -6.60 7.68
N ALA A 74 -8.18 -7.64 8.39
CA ALA A 74 -8.89 -8.75 7.76
C ALA A 74 -10.09 -8.20 6.99
N GLY A 75 -10.60 -7.08 7.46
CA GLY A 75 -11.75 -6.44 6.83
C GLY A 75 -11.31 -5.57 5.65
N ILE A 76 -10.07 -5.10 5.74
CA ILE A 76 -9.52 -4.25 4.69
C ILE A 76 -9.23 -5.11 3.45
N SER A 77 -9.88 -4.76 2.36
CA SER A 77 -9.71 -5.48 1.11
C SER A 77 -9.62 -4.49 -0.06
N PHE A 78 -8.67 -4.75 -0.93
CA PHE A 78 -8.46 -3.90 -2.09
C PHE A 78 -9.26 -4.41 -3.30
N ILE A 79 -10.30 -3.68 -3.63
CA ILE A 79 -11.15 -4.05 -4.75
C ILE A 79 -10.51 -3.57 -6.05
N ILE A 80 -9.70 -4.43 -6.63
CA ILE A 80 -9.02 -4.10 -7.87
C ILE A 80 -10.04 -4.01 -9.00
N ASN A 81 -9.83 -3.01 -9.87
CA ASN A 81 -10.73 -2.81 -10.99
C ASN A 81 -9.92 -2.77 -12.28
N ARG A 82 -8.80 -2.06 -12.23
CA ARG A 82 -7.93 -1.93 -13.38
C ARG A 82 -6.59 -1.31 -12.98
N PRO A 83 -5.55 -1.59 -13.81
CA PRO A 83 -4.22 -1.07 -13.54
C PRO A 83 -4.14 0.41 -13.89
N PHE A 84 -2.94 0.97 -13.71
CA PHE A 84 -2.72 2.38 -14.00
C PHE A 84 -2.08 2.55 -15.38
N LEU A 85 -2.41 3.67 -16.01
CA LEU A 85 -1.87 3.98 -17.33
C LEU A 85 -0.42 4.41 -17.19
N GLY A 86 0.47 3.55 -17.67
CA GLY A 86 1.90 3.82 -17.61
C GLY A 86 2.69 2.57 -17.24
N PRO A 87 3.99 2.57 -17.63
CA PRO A 87 4.85 1.44 -17.35
C PRO A 87 5.27 1.42 -15.87
N GLU A 88 5.14 0.23 -15.28
CA GLU A 88 5.50 0.07 -13.89
C GLU A 88 6.98 -0.29 -13.75
N SER A 89 7.36 -1.35 -14.44
CA SER A 89 8.74 -1.80 -14.41
C SER A 89 9.13 -2.19 -12.98
N GLN A 90 10.31 -2.78 -12.87
CA GLN A 90 10.81 -3.21 -11.56
C GLN A 90 11.17 -1.98 -10.71
N LEU A 91 12.27 -1.35 -11.08
CA LEU A 91 12.74 -0.17 -10.36
C LEU A 91 13.24 -0.60 -8.98
N GLY A 92 14.55 -0.48 -8.80
CA GLY A 92 15.16 -0.84 -7.54
C GLY A 92 15.70 -2.28 -7.57
N GLY A 93 14.88 -3.20 -7.12
CA GLY A 93 15.27 -4.60 -7.10
C GLY A 93 14.65 -5.32 -5.90
N SER A 94 13.59 -6.07 -6.18
CA SER A 94 12.90 -6.81 -5.13
C SER A 94 13.85 -7.85 -4.52
N GLY A 95 13.50 -8.28 -3.32
CA GLY A 95 14.30 -9.26 -2.61
C GLY A 95 13.46 -10.00 -1.57
N PRO A 96 14.18 -10.64 -0.61
CA PRO A 96 13.52 -11.40 0.44
C PRO A 96 12.90 -10.46 1.48
N SER A 97 11.70 -10.81 1.90
CA SER A 97 10.99 -10.01 2.89
C SER A 97 9.78 -10.79 3.43
N SER A 98 9.84 -11.10 4.71
CA SER A 98 8.77 -11.84 5.36
C SER A 98 8.84 -11.64 6.87
N GLY A 99 7.68 -11.74 7.51
CA GLY A 99 7.59 -11.58 8.95
C GLY A 99 6.14 -11.47 9.39
N GLY A 1 11.80 -7.73 -2.80
CA GLY A 1 11.94 -7.39 -1.39
C GLY A 1 13.41 -7.19 -1.02
N SER A 2 13.62 -6.85 0.25
CA SER A 2 14.96 -6.62 0.75
C SER A 2 14.92 -6.29 2.24
N SER A 3 14.19 -5.22 2.55
CA SER A 3 14.06 -4.80 3.94
C SER A 3 13.23 -5.80 4.73
N GLY A 4 13.41 -5.77 6.04
CA GLY A 4 12.69 -6.69 6.92
C GLY A 4 11.32 -6.11 7.28
N SER A 5 11.07 -6.05 8.59
CA SER A 5 9.81 -5.52 9.08
C SER A 5 9.96 -5.10 10.54
N SER A 6 9.44 -3.91 10.84
CA SER A 6 9.52 -3.38 12.19
C SER A 6 8.70 -2.08 12.28
N GLY A 7 8.06 -1.91 13.43
CA GLY A 7 7.25 -0.73 13.67
C GLY A 7 5.82 -0.95 13.17
N LEU A 8 4.89 -0.27 13.84
CA LEU A 8 3.48 -0.38 13.48
C LEU A 8 3.26 0.23 12.09
N ARG A 9 3.47 1.54 12.02
CA ARG A 9 3.30 2.26 10.77
C ARG A 9 3.81 1.41 9.60
N LYS A 10 5.03 0.91 9.75
CA LYS A 10 5.64 0.08 8.73
C LYS A 10 4.75 -1.13 8.46
N ALA A 11 4.49 -1.88 9.52
CA ALA A 11 3.66 -3.06 9.41
C ALA A 11 2.47 -2.77 8.49
N VAL A 12 1.80 -1.67 8.78
CA VAL A 12 0.65 -1.27 8.00
C VAL A 12 1.06 -1.11 6.54
N GLU A 13 2.21 -0.49 6.34
CA GLU A 13 2.73 -0.27 5.01
C GLU A 13 3.11 -1.60 4.35
N ASP A 14 3.60 -2.51 5.18
CA ASP A 14 4.00 -3.83 4.70
C ASP A 14 2.75 -4.64 4.37
N TYR A 15 1.65 -4.28 5.03
CA TYR A 15 0.40 -4.97 4.81
C TYR A 15 -0.28 -4.47 3.53
N PHE A 16 -0.64 -3.20 3.54
CA PHE A 16 -1.30 -2.59 2.39
C PHE A 16 -0.72 -3.14 1.09
N CYS A 17 0.57 -3.42 1.12
CA CYS A 17 1.24 -3.95 -0.06
C CYS A 17 0.67 -5.34 -0.36
N PHE A 18 0.91 -6.26 0.56
CA PHE A 18 0.43 -7.63 0.40
C PHE A 18 -0.96 -7.64 -0.22
N CYS A 19 -1.77 -6.67 0.18
CA CYS A 19 -3.13 -6.57 -0.34
C CYS A 19 -3.05 -6.35 -1.85
N TYR A 20 -2.44 -5.23 -2.22
CA TYR A 20 -2.28 -4.90 -3.62
C TYR A 20 -1.70 -6.07 -4.41
N GLY A 21 -0.68 -6.68 -3.83
CA GLY A 21 -0.01 -7.81 -4.46
C GLY A 21 -0.98 -9.00 -4.60
N LYS A 22 -1.82 -9.15 -3.60
CA LYS A 22 -2.80 -10.23 -3.60
C LYS A 22 -3.90 -9.92 -4.63
N ALA A 23 -4.07 -8.64 -4.89
CA ALA A 23 -5.08 -8.21 -5.85
C ALA A 23 -4.49 -8.22 -7.26
N LEU A 24 -3.24 -7.78 -7.34
CA LEU A 24 -2.54 -7.75 -8.62
C LEU A 24 -2.51 -9.15 -9.21
N GLY A 25 -2.41 -10.14 -8.33
CA GLY A 25 -2.37 -11.52 -8.76
C GLY A 25 -0.94 -12.06 -8.70
N THR A 26 -0.11 -11.41 -7.90
CA THR A 26 1.27 -11.81 -7.75
C THR A 26 1.47 -12.55 -6.43
N THR A 27 2.71 -12.93 -6.18
CA THR A 27 3.05 -13.64 -4.96
C THR A 27 4.10 -12.87 -4.16
N VAL A 28 4.19 -11.58 -4.46
CA VAL A 28 5.14 -10.72 -3.79
C VAL A 28 4.42 -9.46 -3.29
N MET A 29 5.20 -8.55 -2.74
CA MET A 29 4.65 -7.31 -2.22
C MET A 29 4.83 -6.17 -3.23
N VAL A 30 3.73 -5.45 -3.45
CA VAL A 30 3.75 -4.33 -4.38
C VAL A 30 3.60 -3.03 -3.62
N PRO A 31 4.38 -2.00 -4.07
CA PRO A 31 4.34 -0.70 -3.42
C PRO A 31 3.06 0.06 -3.80
N VAL A 32 2.06 -0.04 -2.93
CA VAL A 32 0.80 0.63 -3.15
C VAL A 32 1.05 2.03 -3.71
N PRO A 33 0.60 2.23 -4.97
CA PRO A 33 0.77 3.52 -5.62
C PRO A 33 -0.21 4.55 -5.07
N TYR A 34 0.21 5.21 -4.00
CA TYR A 34 -0.62 6.22 -3.36
C TYR A 34 -0.88 7.39 -4.31
N GLU A 35 0.20 8.11 -4.62
CA GLU A 35 0.10 9.26 -5.51
C GLU A 35 -0.93 8.99 -6.61
N LYS A 36 -0.87 7.78 -7.15
CA LYS A 36 -1.79 7.40 -8.20
C LYS A 36 -3.22 7.40 -7.66
N MET A 37 -3.49 6.46 -6.77
CA MET A 37 -4.81 6.35 -6.17
C MET A 37 -5.28 7.70 -5.65
N LEU A 38 -4.34 8.46 -5.11
CA LEU A 38 -4.64 9.77 -4.57
C LEU A 38 -5.11 10.70 -5.71
N ARG A 39 -4.41 10.59 -6.83
CA ARG A 39 -4.73 11.40 -7.99
C ARG A 39 -6.05 10.94 -8.60
N ASP A 40 -6.15 9.64 -8.83
CA ASP A 40 -7.34 9.06 -9.41
C ASP A 40 -7.72 7.79 -8.64
N GLN A 41 -8.91 7.83 -8.05
CA GLN A 41 -9.39 6.70 -7.28
C GLN A 41 -10.20 5.76 -8.18
N SER A 42 -10.01 5.92 -9.48
CA SER A 42 -10.71 5.10 -10.45
C SER A 42 -9.83 3.92 -10.88
N ALA A 43 -8.90 3.57 -10.01
CA ALA A 43 -7.99 2.47 -10.28
C ALA A 43 -8.25 1.33 -9.30
N VAL A 44 -8.17 1.67 -8.02
CA VAL A 44 -8.40 0.69 -6.97
C VAL A 44 -9.35 1.28 -5.92
N VAL A 45 -10.11 0.39 -5.30
CA VAL A 45 -11.06 0.80 -4.28
C VAL A 45 -10.67 0.19 -2.94
N VAL A 46 -10.97 0.91 -1.87
CA VAL A 46 -10.65 0.44 -0.53
C VAL A 46 -11.94 0.03 0.17
N GLN A 47 -11.87 -1.09 0.89
CA GLN A 47 -13.01 -1.59 1.61
C GLN A 47 -12.56 -2.27 2.91
N GLY A 48 -13.18 -1.85 4.00
CA GLY A 48 -12.86 -2.40 5.30
C GLY A 48 -12.13 -1.36 6.17
N LEU A 49 -12.43 -0.10 5.92
CA LEU A 49 -11.82 0.98 6.66
C LEU A 49 -12.78 1.48 7.73
N PRO A 50 -12.23 2.26 8.69
CA PRO A 50 -13.03 2.81 9.78
C PRO A 50 -13.91 3.97 9.29
N GLU A 51 -14.77 4.44 10.17
CA GLU A 51 -15.66 5.53 9.83
C GLU A 51 -14.87 6.81 9.59
N GLY A 52 -15.35 7.62 8.67
CA GLY A 52 -14.69 8.87 8.33
C GLY A 52 -13.18 8.69 8.28
N VAL A 53 -12.76 7.62 7.61
CA VAL A 53 -11.35 7.33 7.48
C VAL A 53 -11.05 6.89 6.04
N ALA A 54 -9.97 7.43 5.51
CA ALA A 54 -9.56 7.10 4.15
C ALA A 54 -8.37 6.15 4.19
N PHE A 55 -7.93 5.75 3.00
CA PHE A 55 -6.80 4.85 2.89
C PHE A 55 -5.48 5.62 2.80
N GLN A 56 -5.55 6.89 3.16
CA GLN A 56 -4.38 7.74 3.13
C GLN A 56 -3.20 7.03 3.80
N HIS A 57 -2.02 7.65 3.65
CA HIS A 57 -0.81 7.09 4.24
C HIS A 57 -1.05 6.78 5.71
N PRO A 58 -0.38 5.70 6.19
CA PRO A 58 -0.51 5.29 7.58
C PRO A 58 0.27 6.23 8.50
N GLU A 59 1.35 6.77 7.96
CA GLU A 59 2.19 7.69 8.73
C GLU A 59 1.34 8.77 9.37
N ASN A 60 0.16 8.98 8.80
CA ASN A 60 -0.75 9.98 9.30
C ASN A 60 -1.64 9.37 10.40
N TYR A 61 -2.24 8.23 10.06
CA TYR A 61 -3.09 7.54 11.00
C TYR A 61 -2.55 7.62 12.42
N ASP A 62 -3.46 7.81 13.37
CA ASP A 62 -3.08 7.91 14.77
C ASP A 62 -2.70 6.52 15.29
N LEU A 63 -1.75 6.52 16.20
CA LEU A 63 -1.28 5.27 16.80
C LEU A 63 -2.47 4.34 17.02
N ALA A 64 -3.60 4.96 17.37
CA ALA A 64 -4.81 4.20 17.63
C ALA A 64 -5.31 3.61 16.31
N THR A 65 -5.47 4.47 15.33
CA THR A 65 -5.95 4.05 14.03
C THR A 65 -5.05 2.95 13.46
N LEU A 66 -3.75 3.22 13.48
CA LEU A 66 -2.78 2.27 12.97
C LEU A 66 -3.06 0.88 13.58
N LYS A 67 -3.21 0.88 14.90
CA LYS A 67 -3.48 -0.36 15.62
C LYS A 67 -4.86 -0.88 15.22
N TRP A 68 -5.76 0.06 14.94
CA TRP A 68 -7.12 -0.29 14.55
C TRP A 68 -7.04 -1.04 13.22
N ILE A 69 -6.47 -0.37 12.23
CA ILE A 69 -6.34 -0.97 10.91
C ILE A 69 -5.85 -2.40 11.05
N LEU A 70 -4.76 -2.56 11.80
CA LEU A 70 -4.18 -3.87 12.02
C LEU A 70 -5.20 -4.77 12.71
N GLU A 71 -5.88 -4.19 13.69
CA GLU A 71 -6.90 -4.92 14.44
C GLU A 71 -8.09 -5.24 13.54
N ASN A 72 -8.16 -4.54 12.42
CA ASN A 72 -9.24 -4.73 11.48
C ASN A 72 -8.68 -4.73 10.05
N LYS A 73 -7.59 -5.45 9.88
CA LYS A 73 -6.95 -5.53 8.58
C LYS A 73 -7.64 -6.59 7.73
N ALA A 74 -7.96 -7.70 8.37
CA ALA A 74 -8.63 -8.80 7.69
C ALA A 74 -9.87 -8.27 6.97
N GLY A 75 -10.35 -7.14 7.47
CA GLY A 75 -11.54 -6.51 6.89
C GLY A 75 -11.16 -5.62 5.70
N ILE A 76 -9.93 -5.13 5.75
CA ILE A 76 -9.43 -4.26 4.69
C ILE A 76 -9.17 -5.10 3.43
N SER A 77 -9.81 -4.70 2.35
CA SER A 77 -9.65 -5.41 1.09
C SER A 77 -9.61 -4.40 -0.07
N PHE A 78 -8.72 -4.68 -1.01
CA PHE A 78 -8.56 -3.82 -2.17
C PHE A 78 -9.38 -4.33 -3.35
N ILE A 79 -10.43 -3.61 -3.67
CA ILE A 79 -11.30 -3.98 -4.77
C ILE A 79 -10.70 -3.45 -6.09
N ILE A 80 -9.86 -4.28 -6.69
CA ILE A 80 -9.22 -3.91 -7.95
C ILE A 80 -10.30 -3.78 -9.03
N ASN A 81 -10.04 -2.86 -9.95
CA ASN A 81 -10.97 -2.61 -11.05
C ASN A 81 -10.19 -2.57 -12.37
N ARG A 82 -9.11 -1.80 -12.35
CA ARG A 82 -8.27 -1.67 -13.53
C ARG A 82 -6.91 -1.08 -13.15
N PRO A 83 -5.91 -1.34 -14.04
CA PRO A 83 -4.56 -0.84 -13.81
C PRO A 83 -4.48 0.65 -14.10
N PHE A 84 -3.27 1.18 -13.96
CA PHE A 84 -3.03 2.60 -14.20
C PHE A 84 -2.44 2.82 -15.60
N LEU A 85 -2.73 3.99 -16.15
CA LEU A 85 -2.22 4.34 -17.47
C LEU A 85 -0.79 4.85 -17.35
N GLY A 86 0.10 4.23 -18.11
CA GLY A 86 1.49 4.62 -18.09
C GLY A 86 2.41 3.39 -18.04
N PRO A 87 3.66 3.58 -18.56
CA PRO A 87 4.63 2.50 -18.56
C PRO A 87 5.20 2.25 -17.16
N GLU A 88 6.01 1.22 -17.06
CA GLU A 88 6.62 0.87 -15.80
C GLU A 88 7.91 0.07 -16.03
N SER A 89 9.03 0.76 -15.91
CA SER A 89 10.33 0.12 -16.10
C SER A 89 11.25 0.43 -14.92
N GLN A 90 11.65 -0.62 -14.24
CA GLN A 90 12.54 -0.46 -13.09
C GLN A 90 13.97 -0.83 -13.47
N LEU A 91 14.90 -0.03 -12.97
CA LEU A 91 16.32 -0.25 -13.25
C LEU A 91 17.15 0.74 -12.44
N GLY A 92 18.34 0.30 -12.07
CA GLY A 92 19.25 1.13 -11.30
C GLY A 92 19.81 0.37 -10.10
N GLY A 93 20.89 0.90 -9.54
CA GLY A 93 21.52 0.29 -8.39
C GLY A 93 23.01 0.05 -8.66
N SER A 94 23.82 0.98 -8.19
CA SER A 94 25.27 0.88 -8.37
C SER A 94 25.98 1.33 -7.10
N GLY A 95 27.23 0.91 -6.97
CA GLY A 95 28.03 1.26 -5.81
C GLY A 95 29.39 0.57 -5.87
N PRO A 96 30.41 1.33 -6.36
CA PRO A 96 31.76 0.80 -6.46
C PRO A 96 32.43 0.74 -5.08
N SER A 97 33.27 -0.26 -4.92
CA SER A 97 33.98 -0.46 -3.67
C SER A 97 35.19 -1.37 -3.88
N SER A 98 36.36 -0.80 -3.69
CA SER A 98 37.60 -1.55 -3.86
C SER A 98 38.68 -0.98 -2.94
N GLY A 99 39.36 -1.89 -2.25
CA GLY A 99 40.42 -1.49 -1.35
C GLY A 99 41.49 -0.65 -2.07
N GLY A 1 12.65 13.10 4.71
CA GLY A 1 12.25 13.28 6.09
C GLY A 1 13.22 12.59 7.04
N SER A 2 12.92 11.33 7.35
CA SER A 2 13.76 10.56 8.25
C SER A 2 14.09 9.21 7.62
N SER A 3 13.03 8.46 7.31
CA SER A 3 13.19 7.16 6.70
C SER A 3 14.08 6.28 7.59
N GLY A 4 14.11 4.99 7.24
CA GLY A 4 14.91 4.04 8.00
C GLY A 4 14.31 3.80 9.38
N SER A 5 13.30 2.94 9.40
CA SER A 5 12.63 2.60 10.65
C SER A 5 11.55 1.55 10.40
N SER A 6 11.19 0.85 11.46
CA SER A 6 10.17 -0.18 11.37
C SER A 6 9.23 -0.10 12.58
N GLY A 7 8.12 -0.81 12.48
CA GLY A 7 7.14 -0.83 13.55
C GLY A 7 5.72 -0.95 12.99
N LEU A 8 4.78 -0.40 13.74
CA LEU A 8 3.38 -0.43 13.34
C LEU A 8 3.22 0.30 12.00
N ARG A 9 3.62 1.56 12.01
CA ARG A 9 3.52 2.38 10.81
C ARG A 9 3.95 1.57 9.58
N LYS A 10 5.12 0.96 9.69
CA LYS A 10 5.65 0.15 8.60
C LYS A 10 4.77 -1.08 8.41
N ALA A 11 4.49 -1.75 9.52
CA ALA A 11 3.66 -2.94 9.48
C ALA A 11 2.43 -2.68 8.61
N VAL A 12 1.75 -1.58 8.92
CA VAL A 12 0.57 -1.20 8.19
C VAL A 12 0.89 -1.11 6.69
N GLU A 13 2.12 -0.67 6.42
CA GLU A 13 2.56 -0.54 5.05
C GLU A 13 2.91 -1.90 4.47
N ASP A 14 3.59 -2.70 5.28
CA ASP A 14 3.99 -4.04 4.86
C ASP A 14 2.75 -4.85 4.52
N TYR A 15 1.61 -4.35 4.96
CA TYR A 15 0.35 -5.02 4.72
C TYR A 15 -0.29 -4.53 3.42
N PHE A 16 -0.67 -3.26 3.43
CA PHE A 16 -1.29 -2.66 2.25
C PHE A 16 -0.68 -3.21 0.97
N CYS A 17 0.63 -3.45 1.03
CA CYS A 17 1.35 -3.97 -0.13
C CYS A 17 0.80 -5.36 -0.44
N PHE A 18 0.96 -6.25 0.52
CA PHE A 18 0.48 -7.62 0.35
C PHE A 18 -0.90 -7.65 -0.27
N CYS A 19 -1.71 -6.66 0.10
CA CYS A 19 -3.06 -6.56 -0.42
C CYS A 19 -2.99 -6.33 -1.92
N TYR A 20 -2.36 -5.22 -2.29
CA TYR A 20 -2.22 -4.87 -3.69
C TYR A 20 -1.61 -6.04 -4.49
N GLY A 21 -0.69 -6.73 -3.84
CA GLY A 21 -0.03 -7.86 -4.47
C GLY A 21 -0.98 -9.06 -4.59
N LYS A 22 -1.88 -9.16 -3.63
CA LYS A 22 -2.85 -10.24 -3.63
C LYS A 22 -3.95 -9.93 -4.64
N ALA A 23 -4.15 -8.64 -4.87
CA ALA A 23 -5.17 -8.20 -5.81
C ALA A 23 -4.62 -8.27 -7.24
N LEU A 24 -3.39 -7.78 -7.38
CA LEU A 24 -2.73 -7.79 -8.68
C LEU A 24 -2.66 -9.22 -9.21
N GLY A 25 -2.52 -10.16 -8.28
CA GLY A 25 -2.44 -11.56 -8.63
C GLY A 25 -0.99 -12.05 -8.65
N THR A 26 -0.16 -11.34 -7.89
CA THR A 26 1.25 -11.69 -7.81
C THR A 26 1.53 -12.48 -6.52
N THR A 27 2.76 -12.96 -6.44
CA THR A 27 3.17 -13.74 -5.27
C THR A 27 4.20 -12.96 -4.46
N VAL A 28 4.24 -11.66 -4.68
CA VAL A 28 5.18 -10.79 -3.99
C VAL A 28 4.44 -9.57 -3.45
N MET A 29 5.21 -8.64 -2.91
CA MET A 29 4.65 -7.42 -2.36
C MET A 29 4.77 -6.26 -3.36
N VAL A 30 3.67 -5.55 -3.53
CA VAL A 30 3.64 -4.43 -4.45
C VAL A 30 3.43 -3.13 -3.66
N PRO A 31 4.21 -2.09 -4.03
CA PRO A 31 4.11 -0.80 -3.37
C PRO A 31 2.84 -0.06 -3.80
N VAL A 32 1.89 0.01 -2.89
CA VAL A 32 0.63 0.68 -3.16
C VAL A 32 0.91 2.09 -3.69
N PRO A 33 0.49 2.32 -4.96
CA PRO A 33 0.69 3.60 -5.59
C PRO A 33 -0.28 4.66 -5.05
N TYR A 34 0.10 5.22 -3.90
CA TYR A 34 -0.73 6.23 -3.27
C TYR A 34 -0.94 7.43 -4.18
N GLU A 35 0.15 8.11 -4.48
CA GLU A 35 0.09 9.28 -5.34
C GLU A 35 -0.90 9.05 -6.48
N LYS A 36 -0.91 7.82 -6.97
CA LYS A 36 -1.81 7.45 -8.05
C LYS A 36 -3.25 7.44 -7.55
N MET A 37 -3.53 6.50 -6.66
CA MET A 37 -4.86 6.38 -6.09
C MET A 37 -5.35 7.72 -5.55
N LEU A 38 -4.45 8.43 -4.89
CA LEU A 38 -4.77 9.72 -4.32
C LEU A 38 -5.22 10.67 -5.45
N ARG A 39 -4.53 10.56 -6.58
CA ARG A 39 -4.85 11.40 -7.72
C ARG A 39 -6.13 10.91 -8.39
N ASP A 40 -6.15 9.63 -8.72
CA ASP A 40 -7.31 9.03 -9.37
C ASP A 40 -7.73 7.79 -8.58
N GLN A 41 -8.96 7.83 -8.10
CA GLN A 41 -9.50 6.71 -7.34
C GLN A 41 -10.27 5.76 -8.25
N SER A 42 -10.00 5.89 -9.55
CA SER A 42 -10.65 5.05 -10.54
C SER A 42 -9.73 3.89 -10.94
N ALA A 43 -8.85 3.54 -10.02
CA ALA A 43 -7.91 2.45 -10.26
C ALA A 43 -8.19 1.30 -9.30
N VAL A 44 -8.18 1.64 -8.02
CA VAL A 44 -8.43 0.64 -6.98
C VAL A 44 -9.37 1.24 -5.93
N VAL A 45 -10.15 0.36 -5.33
CA VAL A 45 -11.09 0.78 -4.31
C VAL A 45 -10.71 0.14 -2.97
N VAL A 46 -10.95 0.89 -1.90
CA VAL A 46 -10.64 0.41 -0.56
C VAL A 46 -11.94 0.00 0.14
N GLN A 47 -11.87 -1.14 0.81
CA GLN A 47 -13.03 -1.65 1.53
C GLN A 47 -12.59 -2.34 2.83
N GLY A 48 -13.15 -1.87 3.93
CA GLY A 48 -12.83 -2.42 5.23
C GLY A 48 -12.10 -1.39 6.10
N LEU A 49 -12.41 -0.13 5.84
CA LEU A 49 -11.80 0.96 6.58
C LEU A 49 -12.78 1.47 7.64
N PRO A 50 -12.23 2.25 8.61
CA PRO A 50 -13.04 2.81 9.68
C PRO A 50 -13.90 3.96 9.18
N GLU A 51 -14.84 4.37 10.01
CA GLU A 51 -15.73 5.47 9.67
C GLU A 51 -14.94 6.76 9.46
N GLY A 52 -15.40 7.56 8.51
CA GLY A 52 -14.74 8.82 8.21
C GLY A 52 -13.22 8.66 8.20
N VAL A 53 -12.78 7.60 7.54
CA VAL A 53 -11.36 7.31 7.44
C VAL A 53 -11.02 6.89 6.01
N ALA A 54 -9.98 7.51 5.47
CA ALA A 54 -9.56 7.21 4.11
C ALA A 54 -8.36 6.25 4.16
N PHE A 55 -7.95 5.80 2.99
CA PHE A 55 -6.83 4.88 2.89
C PHE A 55 -5.51 5.65 2.79
N GLN A 56 -5.58 6.93 3.13
CA GLN A 56 -4.40 7.79 3.09
C GLN A 56 -3.21 7.07 3.74
N HIS A 57 -2.04 7.67 3.57
CA HIS A 57 -0.82 7.11 4.13
C HIS A 57 -1.04 6.79 5.61
N PRO A 58 -0.40 5.67 6.06
CA PRO A 58 -0.51 5.25 7.44
C PRO A 58 0.32 6.14 8.35
N GLU A 59 1.39 6.69 7.79
CA GLU A 59 2.27 7.56 8.55
C GLU A 59 1.46 8.67 9.23
N ASN A 60 0.27 8.90 8.71
CA ASN A 60 -0.61 9.92 9.26
C ASN A 60 -1.47 9.30 10.35
N TYR A 61 -2.10 8.18 10.01
CA TYR A 61 -2.96 7.49 10.95
C TYR A 61 -2.40 7.57 12.38
N ASP A 62 -3.29 7.82 13.31
CA ASP A 62 -2.90 7.93 14.71
C ASP A 62 -2.53 6.54 15.24
N LEU A 63 -1.57 6.52 16.16
CA LEU A 63 -1.12 5.27 16.75
C LEU A 63 -2.33 4.37 16.99
N ALA A 64 -3.45 4.99 17.30
CA ALA A 64 -4.67 4.25 17.55
C ALA A 64 -5.19 3.65 16.24
N THR A 65 -5.39 4.53 15.26
CA THR A 65 -5.88 4.10 13.96
C THR A 65 -4.99 2.99 13.40
N LEU A 66 -3.69 3.24 13.42
CA LEU A 66 -2.74 2.28 12.91
C LEU A 66 -3.04 0.91 13.51
N LYS A 67 -3.17 0.88 14.83
CA LYS A 67 -3.46 -0.36 15.54
C LYS A 67 -4.86 -0.85 15.15
N TRP A 68 -5.73 0.12 14.88
CA TRP A 68 -7.10 -0.19 14.49
C TRP A 68 -7.05 -0.95 13.17
N ILE A 69 -6.46 -0.29 12.17
CA ILE A 69 -6.35 -0.88 10.85
C ILE A 69 -5.88 -2.33 10.99
N LEU A 70 -4.82 -2.51 11.76
CA LEU A 70 -4.27 -3.85 11.98
C LEU A 70 -5.31 -4.71 12.70
N GLU A 71 -6.02 -4.08 13.62
CA GLU A 71 -7.04 -4.77 14.40
C GLU A 71 -8.28 -5.00 13.53
N ASN A 72 -8.27 -4.40 12.35
CA ASN A 72 -9.38 -4.52 11.43
C ASN A 72 -8.85 -4.57 10.00
N LYS A 73 -7.75 -5.29 9.83
CA LYS A 73 -7.14 -5.42 8.53
C LYS A 73 -7.80 -6.58 7.76
N ALA A 74 -8.18 -7.59 8.52
CA ALA A 74 -8.82 -8.76 7.93
C ALA A 74 -10.06 -8.30 7.15
N GLY A 75 -10.52 -7.11 7.46
CA GLY A 75 -11.69 -6.56 6.79
C GLY A 75 -11.27 -5.67 5.63
N ILE A 76 -10.05 -5.16 5.71
CA ILE A 76 -9.53 -4.29 4.67
C ILE A 76 -9.20 -5.13 3.43
N SER A 77 -9.82 -4.74 2.33
CA SER A 77 -9.61 -5.44 1.07
C SER A 77 -9.54 -4.45 -0.09
N PHE A 78 -8.63 -4.71 -1.00
CA PHE A 78 -8.45 -3.84 -2.16
C PHE A 78 -9.24 -4.37 -3.36
N ILE A 79 -10.32 -3.67 -3.68
CA ILE A 79 -11.15 -4.05 -4.81
C ILE A 79 -10.54 -3.53 -6.10
N ILE A 80 -9.70 -4.36 -6.70
CA ILE A 80 -9.03 -3.98 -7.94
C ILE A 80 -10.08 -3.86 -9.05
N ASN A 81 -9.84 -2.90 -9.92
CA ASN A 81 -10.75 -2.65 -11.04
C ASN A 81 -9.95 -2.61 -12.34
N ARG A 82 -8.85 -1.87 -12.29
CA ARG A 82 -8.00 -1.74 -13.47
C ARG A 82 -6.66 -1.11 -13.08
N PRO A 83 -5.62 -1.37 -13.91
CA PRO A 83 -4.30 -0.83 -13.67
C PRO A 83 -4.24 0.66 -14.01
N PHE A 84 -3.06 1.23 -13.79
CA PHE A 84 -2.86 2.65 -14.07
C PHE A 84 -2.24 2.84 -15.46
N LEU A 85 -2.17 4.10 -15.86
CA LEU A 85 -1.60 4.44 -17.16
C LEU A 85 -0.19 4.97 -16.97
N GLY A 86 0.78 4.13 -17.33
CA GLY A 86 2.18 4.48 -17.20
C GLY A 86 2.88 4.43 -18.56
N PRO A 87 4.06 5.10 -18.62
CA PRO A 87 4.85 5.14 -19.85
C PRO A 87 5.55 3.81 -20.08
N GLU A 88 6.24 3.73 -21.21
CA GLU A 88 6.97 2.52 -21.56
C GLU A 88 7.93 2.80 -22.72
N SER A 89 9.19 3.02 -22.36
CA SER A 89 10.22 3.30 -23.34
C SER A 89 11.55 2.72 -22.90
N GLN A 90 12.38 2.39 -23.88
CA GLN A 90 13.69 1.83 -23.59
C GLN A 90 14.76 2.48 -24.47
N LEU A 91 16.00 2.41 -24.00
CA LEU A 91 17.11 2.99 -24.75
C LEU A 91 18.35 2.15 -24.52
N GLY A 92 18.67 1.94 -23.25
CA GLY A 92 19.83 1.14 -22.88
C GLY A 92 20.86 2.00 -22.13
N GLY A 93 21.55 1.35 -21.20
CA GLY A 93 22.56 2.03 -20.41
C GLY A 93 23.31 1.04 -19.52
N SER A 94 23.16 1.24 -18.21
CA SER A 94 23.83 0.38 -17.25
C SER A 94 25.35 0.47 -17.42
N GLY A 95 26.06 0.16 -16.34
CA GLY A 95 27.51 0.20 -16.37
C GLY A 95 28.08 -0.56 -15.17
N PRO A 96 28.13 -1.91 -15.30
CA PRO A 96 28.66 -2.75 -14.24
C PRO A 96 30.19 -2.68 -14.19
N SER A 97 30.71 -2.74 -12.98
CA SER A 97 32.16 -2.68 -12.78
C SER A 97 32.52 -3.34 -11.45
N SER A 98 33.53 -4.21 -11.52
CA SER A 98 33.99 -4.91 -10.33
C SER A 98 35.42 -4.46 -9.98
N GLY A 99 35.81 -4.78 -8.76
CA GLY A 99 37.13 -4.41 -8.28
C GLY A 99 37.20 -4.48 -6.75
N GLY A 1 12.43 -6.55 4.62
CA GLY A 1 11.60 -6.86 3.46
C GLY A 1 11.10 -8.31 3.51
N SER A 2 11.87 -9.19 2.88
CA SER A 2 11.52 -10.59 2.86
C SER A 2 11.30 -11.12 4.28
N SER A 3 10.04 -11.35 4.60
CA SER A 3 9.69 -11.85 5.92
C SER A 3 10.39 -11.01 6.99
N GLY A 4 9.66 -10.04 7.51
CA GLY A 4 10.19 -9.17 8.55
C GLY A 4 9.21 -8.06 8.89
N SER A 5 9.61 -7.23 9.84
CA SER A 5 8.78 -6.11 10.27
C SER A 5 9.57 -5.18 11.18
N SER A 6 8.99 -4.03 11.47
CA SER A 6 9.62 -3.05 12.32
C SER A 6 8.71 -1.83 12.50
N GLY A 7 8.09 -1.78 13.67
CA GLY A 7 7.19 -0.68 13.98
C GLY A 7 5.78 -0.96 13.45
N LEU A 8 4.84 -0.12 13.88
CA LEU A 8 3.46 -0.26 13.46
C LEU A 8 3.29 0.36 12.06
N ARG A 9 3.64 1.64 11.98
CA ARG A 9 3.52 2.35 10.72
C ARG A 9 3.92 1.45 9.56
N LYS A 10 5.11 0.88 9.67
CA LYS A 10 5.63 -0.01 8.64
C LYS A 10 4.73 -1.25 8.55
N ALA A 11 4.52 -1.87 9.70
CA ALA A 11 3.69 -3.07 9.76
C ALA A 11 2.48 -2.89 8.84
N VAL A 12 1.91 -1.70 8.88
CA VAL A 12 0.75 -1.38 8.07
C VAL A 12 1.17 -1.35 6.59
N GLU A 13 2.11 -0.46 6.30
CA GLU A 13 2.60 -0.32 4.94
C GLU A 13 3.02 -1.69 4.38
N ASP A 14 3.37 -2.58 5.30
CA ASP A 14 3.78 -3.92 4.91
C ASP A 14 2.56 -4.73 4.48
N TYR A 15 1.42 -4.37 5.07
CA TYR A 15 0.18 -5.06 4.76
C TYR A 15 -0.44 -4.52 3.46
N PHE A 16 -0.77 -3.23 3.49
CA PHE A 16 -1.35 -2.58 2.32
C PHE A 16 -0.75 -3.14 1.03
N CYS A 17 0.53 -3.44 1.09
CA CYS A 17 1.23 -3.97 -0.07
C CYS A 17 0.65 -5.34 -0.39
N PHE A 18 0.85 -6.27 0.53
CA PHE A 18 0.35 -7.63 0.37
C PHE A 18 -1.05 -7.62 -0.25
N CYS A 19 -1.80 -6.58 0.07
CA CYS A 19 -3.15 -6.44 -0.43
C CYS A 19 -3.08 -6.21 -1.94
N TYR A 20 -2.47 -5.08 -2.31
CA TYR A 20 -2.33 -4.73 -3.71
C TYR A 20 -1.77 -5.91 -4.52
N GLY A 21 -0.84 -6.63 -3.88
CA GLY A 21 -0.22 -7.78 -4.52
C GLY A 21 -1.21 -8.93 -4.67
N LYS A 22 -2.06 -9.07 -3.65
CA LYS A 22 -3.06 -10.12 -3.65
C LYS A 22 -4.14 -9.80 -4.69
N ALA A 23 -4.28 -8.52 -4.97
CA ALA A 23 -5.27 -8.06 -5.94
C ALA A 23 -4.69 -8.19 -7.34
N LEU A 24 -3.46 -7.72 -7.49
CA LEU A 24 -2.78 -7.76 -8.77
C LEU A 24 -2.68 -9.22 -9.24
N GLY A 25 -2.79 -10.12 -8.27
CA GLY A 25 -2.72 -11.54 -8.57
C GLY A 25 -1.27 -12.03 -8.56
N THR A 26 -0.46 -11.38 -7.72
CA THR A 26 0.94 -11.74 -7.61
C THR A 26 1.20 -12.48 -6.30
N THR A 27 2.41 -13.01 -6.18
CA THR A 27 2.80 -13.73 -4.99
C THR A 27 3.87 -12.97 -4.22
N VAL A 28 3.95 -11.68 -4.49
CA VAL A 28 4.93 -10.83 -3.83
C VAL A 28 4.24 -9.54 -3.36
N MET A 29 5.05 -8.66 -2.78
CA MET A 29 4.54 -7.40 -2.28
C MET A 29 4.65 -6.30 -3.34
N VAL A 30 3.57 -5.53 -3.48
CA VAL A 30 3.54 -4.45 -4.45
C VAL A 30 3.40 -3.12 -3.71
N PRO A 31 4.19 -2.11 -4.18
CA PRO A 31 4.15 -0.79 -3.59
C PRO A 31 2.88 -0.04 -3.99
N VAL A 32 1.97 0.07 -3.04
CA VAL A 32 0.71 0.77 -3.28
C VAL A 32 1.00 2.14 -3.89
N PRO A 33 0.51 2.33 -5.13
CA PRO A 33 0.71 3.59 -5.83
C PRO A 33 -0.20 4.68 -5.28
N TYR A 34 0.16 5.17 -4.09
CA TYR A 34 -0.62 6.21 -3.44
C TYR A 34 -0.84 7.40 -4.38
N GLU A 35 0.25 8.04 -4.75
CA GLU A 35 0.18 9.18 -5.64
C GLU A 35 -0.86 8.95 -6.72
N LYS A 36 -0.92 7.72 -7.20
CA LYS A 36 -1.87 7.34 -8.23
C LYS A 36 -3.29 7.35 -7.65
N MET A 37 -3.53 6.39 -6.77
CA MET A 37 -4.83 6.27 -6.14
C MET A 37 -5.30 7.62 -5.60
N LEU A 38 -4.40 8.28 -4.88
CA LEU A 38 -4.70 9.58 -4.29
C LEU A 38 -5.21 10.51 -5.39
N ARG A 39 -4.46 10.56 -6.48
CA ARG A 39 -4.82 11.41 -7.60
C ARG A 39 -6.17 10.97 -8.18
N ASP A 40 -6.23 9.71 -8.56
CA ASP A 40 -7.45 9.16 -9.14
C ASP A 40 -7.81 7.86 -8.40
N GLN A 41 -9.03 7.83 -7.89
CA GLN A 41 -9.50 6.65 -7.18
C GLN A 41 -10.29 5.74 -8.11
N SER A 42 -10.07 5.94 -9.41
CA SER A 42 -10.74 5.14 -10.41
C SER A 42 -9.82 4.00 -10.88
N ALA A 43 -8.97 3.57 -9.97
CA ALA A 43 -8.03 2.50 -10.27
C ALA A 43 -8.25 1.34 -9.29
N VAL A 44 -8.19 1.68 -8.02
CA VAL A 44 -8.38 0.69 -6.97
C VAL A 44 -9.30 1.26 -5.88
N VAL A 45 -10.14 0.39 -5.35
CA VAL A 45 -11.07 0.80 -4.31
C VAL A 45 -10.65 0.16 -2.98
N VAL A 46 -10.90 0.90 -1.90
CA VAL A 46 -10.55 0.43 -0.57
C VAL A 46 -11.82 0.02 0.17
N GLN A 47 -11.73 -1.10 0.88
CA GLN A 47 -12.85 -1.61 1.63
C GLN A 47 -12.38 -2.27 2.93
N GLY A 48 -12.96 -1.82 4.03
CA GLY A 48 -12.60 -2.36 5.34
C GLY A 48 -11.85 -1.31 6.16
N LEU A 49 -12.20 -0.05 5.93
CA LEU A 49 -11.58 1.04 6.65
C LEU A 49 -12.54 1.55 7.74
N PRO A 50 -11.96 2.34 8.68
CA PRO A 50 -12.75 2.90 9.76
C PRO A 50 -13.63 4.05 9.27
N GLU A 51 -14.51 4.50 10.16
CA GLU A 51 -15.41 5.60 9.84
C GLU A 51 -14.62 6.86 9.53
N GLY A 52 -15.15 7.64 8.60
CA GLY A 52 -14.52 8.89 8.21
C GLY A 52 -13.00 8.73 8.16
N VAL A 53 -12.56 7.65 7.51
CA VAL A 53 -11.15 7.38 7.39
C VAL A 53 -10.84 6.93 5.96
N ALA A 54 -9.81 7.54 5.38
CA ALA A 54 -9.40 7.20 4.04
C ALA A 54 -8.19 6.28 4.07
N PHE A 55 -7.81 5.79 2.90
CA PHE A 55 -6.68 4.88 2.79
C PHE A 55 -5.37 5.67 2.68
N GLN A 56 -5.46 6.96 2.97
CA GLN A 56 -4.30 7.83 2.90
C GLN A 56 -3.13 7.20 3.66
N HIS A 57 -1.94 7.71 3.36
CA HIS A 57 -0.73 7.21 4.01
C HIS A 57 -1.02 6.94 5.48
N PRO A 58 -0.40 5.83 6.00
CA PRO A 58 -0.58 5.46 7.39
C PRO A 58 0.23 6.37 8.31
N GLU A 59 1.32 6.91 7.76
CA GLU A 59 2.17 7.80 8.53
C GLU A 59 1.34 8.90 9.19
N ASN A 60 0.15 9.12 8.64
CA ASN A 60 -0.74 10.13 9.17
C ASN A 60 -1.63 9.52 10.24
N TYR A 61 -2.20 8.37 9.92
CA TYR A 61 -3.06 7.66 10.85
C TYR A 61 -2.55 7.80 12.29
N ASP A 62 -3.49 7.82 13.22
CA ASP A 62 -3.15 7.95 14.63
C ASP A 62 -2.77 6.56 15.18
N LEU A 63 -1.87 6.58 16.15
CA LEU A 63 -1.42 5.34 16.77
C LEU A 63 -2.61 4.40 16.94
N ALA A 64 -3.75 4.99 17.26
CA ALA A 64 -4.97 4.23 17.45
C ALA A 64 -5.40 3.62 16.11
N THR A 65 -5.60 4.50 15.14
CA THR A 65 -6.01 4.07 13.82
C THR A 65 -5.09 2.97 13.29
N LEU A 66 -3.79 3.24 13.41
CA LEU A 66 -2.79 2.28 12.95
C LEU A 66 -3.07 0.91 13.59
N LYS A 67 -3.14 0.92 14.91
CA LYS A 67 -3.40 -0.31 15.65
C LYS A 67 -4.79 -0.84 15.28
N TRP A 68 -5.66 0.09 14.91
CA TRP A 68 -7.02 -0.26 14.55
C TRP A 68 -6.96 -1.03 13.23
N ILE A 69 -6.49 -0.35 12.19
CA ILE A 69 -6.38 -0.96 10.89
C ILE A 69 -5.83 -2.39 11.03
N LEU A 70 -4.75 -2.50 11.79
CA LEU A 70 -4.13 -3.79 12.01
C LEU A 70 -5.13 -4.71 12.70
N GLU A 71 -5.82 -4.16 13.69
CA GLU A 71 -6.81 -4.92 14.43
C GLU A 71 -8.00 -5.27 13.54
N ASN A 72 -8.10 -4.55 12.43
CA ASN A 72 -9.19 -4.76 11.50
C ASN A 72 -8.63 -4.77 10.07
N LYS A 73 -7.53 -5.48 9.90
CA LYS A 73 -6.88 -5.58 8.60
C LYS A 73 -7.61 -6.62 7.75
N ALA A 74 -7.96 -7.73 8.40
CA ALA A 74 -8.65 -8.81 7.73
C ALA A 74 -9.85 -8.24 6.96
N GLY A 75 -10.34 -7.10 7.45
CA GLY A 75 -11.48 -6.45 6.83
C GLY A 75 -11.03 -5.58 5.64
N ILE A 76 -9.79 -5.12 5.72
CA ILE A 76 -9.23 -4.29 4.67
C ILE A 76 -8.97 -5.14 3.44
N SER A 77 -9.58 -4.73 2.33
CA SER A 77 -9.43 -5.44 1.07
C SER A 77 -9.37 -4.45 -0.09
N PHE A 78 -8.43 -4.69 -0.98
CA PHE A 78 -8.25 -3.83 -2.15
C PHE A 78 -9.07 -4.34 -3.33
N ILE A 79 -10.15 -3.63 -3.61
CA ILE A 79 -11.03 -4.01 -4.71
C ILE A 79 -10.44 -3.48 -6.02
N ILE A 80 -9.60 -4.31 -6.63
CA ILE A 80 -8.96 -3.94 -7.88
C ILE A 80 -10.02 -3.83 -8.98
N ASN A 81 -9.97 -2.72 -9.70
CA ASN A 81 -10.92 -2.49 -10.78
C ASN A 81 -10.17 -2.48 -12.11
N ARG A 82 -9.00 -1.86 -12.10
CA ARG A 82 -8.18 -1.78 -13.29
C ARG A 82 -6.83 -1.14 -12.97
N PRO A 83 -5.83 -1.44 -13.84
CA PRO A 83 -4.49 -0.91 -13.64
C PRO A 83 -4.43 0.57 -14.04
N PHE A 84 -3.24 1.14 -13.87
CA PHE A 84 -3.04 2.54 -14.20
C PHE A 84 -2.46 2.70 -15.60
N LEU A 85 -2.85 3.78 -16.25
CA LEU A 85 -2.37 4.06 -17.60
C LEU A 85 -0.91 4.52 -17.53
N GLY A 86 -0.25 4.45 -18.68
CA GLY A 86 1.14 4.85 -18.77
C GLY A 86 2.06 3.77 -18.19
N PRO A 87 3.39 3.98 -18.40
CA PRO A 87 4.38 3.04 -17.91
C PRO A 87 4.56 3.17 -16.39
N GLU A 88 4.96 2.08 -15.78
CA GLU A 88 5.18 2.05 -14.34
C GLU A 88 6.47 1.32 -14.00
N SER A 89 7.01 1.63 -12.84
CA SER A 89 8.24 1.01 -12.39
C SER A 89 9.40 1.44 -13.30
N GLN A 90 10.41 2.04 -12.67
CA GLN A 90 11.58 2.49 -13.42
C GLN A 90 12.81 2.50 -12.51
N LEU A 91 13.95 2.21 -13.11
CA LEU A 91 15.20 2.17 -12.37
C LEU A 91 16.30 2.82 -13.22
N GLY A 92 17.28 3.36 -12.53
CA GLY A 92 18.40 4.02 -13.19
C GLY A 92 19.24 4.84 -12.19
N GLY A 93 20.55 4.71 -12.34
CA GLY A 93 21.46 5.42 -11.47
C GLY A 93 22.44 4.45 -10.78
N SER A 94 23.66 4.44 -11.29
CA SER A 94 24.69 3.57 -10.75
C SER A 94 26.04 3.89 -11.38
N GLY A 95 27.10 3.58 -10.65
CA GLY A 95 28.44 3.83 -11.13
C GLY A 95 29.05 5.06 -10.46
N PRO A 96 29.67 4.83 -9.27
CA PRO A 96 30.29 5.91 -8.51
C PRO A 96 31.60 6.34 -9.16
N SER A 97 32.15 7.43 -8.64
CA SER A 97 33.41 7.95 -9.15
C SER A 97 33.25 8.33 -10.63
N SER A 98 34.14 9.20 -11.08
CA SER A 98 34.11 9.64 -12.47
C SER A 98 35.21 10.68 -12.71
N GLY A 99 35.14 11.76 -11.94
CA GLY A 99 36.12 12.82 -12.05
C GLY A 99 36.23 13.32 -13.50
N GLY A 1 15.33 2.76 3.54
CA GLY A 1 16.19 3.44 4.49
C GLY A 1 17.08 2.46 5.25
N SER A 2 18.38 2.63 5.08
CA SER A 2 19.34 1.76 5.74
C SER A 2 18.89 1.48 7.17
N SER A 3 18.76 2.56 7.93
CA SER A 3 18.33 2.44 9.33
C SER A 3 16.82 2.59 9.42
N GLY A 4 16.27 2.07 10.52
CA GLY A 4 14.84 2.14 10.74
C GLY A 4 14.13 0.94 10.13
N SER A 5 13.59 0.10 11.01
CA SER A 5 12.88 -1.09 10.58
C SER A 5 12.06 -1.67 11.73
N SER A 6 11.06 -2.46 11.38
CA SER A 6 10.20 -3.08 12.36
C SER A 6 9.46 -2.00 13.15
N GLY A 7 8.14 -1.99 12.99
CA GLY A 7 7.31 -1.03 13.68
C GLY A 7 5.84 -1.21 13.31
N LEU A 8 5.04 -0.19 13.61
CA LEU A 8 3.62 -0.23 13.32
C LEU A 8 3.38 0.42 11.96
N ARG A 9 3.61 1.72 11.91
CA ARG A 9 3.42 2.48 10.67
C ARG A 9 3.85 1.64 9.47
N LYS A 10 5.05 1.07 9.58
CA LYS A 10 5.59 0.26 8.51
C LYS A 10 4.74 -1.01 8.37
N ALA A 11 4.51 -1.67 9.50
CA ALA A 11 3.72 -2.89 9.52
C ALA A 11 2.49 -2.71 8.64
N VAL A 12 1.81 -1.58 8.84
CA VAL A 12 0.62 -1.27 8.08
C VAL A 12 0.97 -1.22 6.59
N GLU A 13 2.08 -0.56 6.30
CA GLU A 13 2.53 -0.44 4.92
C GLU A 13 2.94 -1.81 4.37
N ASP A 14 3.43 -2.65 5.27
CA ASP A 14 3.85 -3.98 4.90
C ASP A 14 2.63 -4.83 4.53
N TYR A 15 1.49 -4.38 5.02
CA TYR A 15 0.24 -5.08 4.75
C TYR A 15 -0.41 -4.57 3.46
N PHE A 16 -0.77 -3.31 3.47
CA PHE A 16 -1.39 -2.69 2.31
C PHE A 16 -0.80 -3.25 1.01
N CYS A 17 0.51 -3.44 1.02
CA CYS A 17 1.20 -3.96 -0.14
C CYS A 17 0.64 -5.35 -0.45
N PHE A 18 0.83 -6.26 0.50
CA PHE A 18 0.35 -7.62 0.34
C PHE A 18 -1.05 -7.63 -0.30
N CYS A 19 -1.87 -6.67 0.11
CA CYS A 19 -3.22 -6.57 -0.41
C CYS A 19 -3.12 -6.31 -1.92
N TYR A 20 -2.47 -5.21 -2.26
CA TYR A 20 -2.31 -4.85 -3.65
C TYR A 20 -1.75 -6.01 -4.47
N GLY A 21 -0.79 -6.71 -3.87
CA GLY A 21 -0.17 -7.84 -4.52
C GLY A 21 -1.17 -8.99 -4.71
N LYS A 22 -2.02 -9.16 -3.69
CA LYS A 22 -3.01 -10.21 -3.72
C LYS A 22 -4.09 -9.86 -4.75
N ALA A 23 -4.23 -8.56 -4.99
CA ALA A 23 -5.21 -8.08 -5.94
C ALA A 23 -4.63 -8.15 -7.35
N LEU A 24 -3.40 -7.69 -7.47
CA LEU A 24 -2.72 -7.71 -8.76
C LEU A 24 -2.66 -9.13 -9.29
N GLY A 25 -2.70 -10.08 -8.36
CA GLY A 25 -2.65 -11.49 -8.72
C GLY A 25 -1.28 -12.08 -8.44
N THR A 26 -0.34 -11.19 -8.11
CA THR A 26 1.02 -11.62 -7.82
C THR A 26 1.08 -12.34 -6.48
N THR A 27 2.22 -12.97 -6.23
CA THR A 27 2.42 -13.69 -4.99
C THR A 27 3.46 -12.98 -4.12
N VAL A 28 3.73 -11.73 -4.47
CA VAL A 28 4.69 -10.95 -3.74
C VAL A 28 4.03 -9.66 -3.25
N MET A 29 4.82 -8.83 -2.59
CA MET A 29 4.31 -7.57 -2.06
C MET A 29 4.53 -6.44 -3.06
N VAL A 30 3.44 -5.73 -3.36
CA VAL A 30 3.50 -4.63 -4.30
C VAL A 30 3.31 -3.31 -3.54
N PRO A 31 4.11 -2.29 -3.93
CA PRO A 31 4.03 -0.98 -3.30
C PRO A 31 2.79 -0.22 -3.76
N VAL A 32 1.86 -0.04 -2.83
CA VAL A 32 0.63 0.66 -3.12
C VAL A 32 0.96 2.06 -3.66
N PRO A 33 0.56 2.29 -4.93
CA PRO A 33 0.81 3.57 -5.57
C PRO A 33 -0.16 4.64 -5.05
N TYR A 34 0.19 5.18 -3.88
CA TYR A 34 -0.64 6.21 -3.26
C TYR A 34 -0.79 7.42 -4.19
N GLU A 35 0.33 8.05 -4.48
CA GLU A 35 0.33 9.22 -5.36
C GLU A 35 -0.67 9.03 -6.50
N LYS A 36 -0.82 7.77 -6.91
CA LYS A 36 -1.73 7.45 -7.99
C LYS A 36 -3.16 7.46 -7.45
N MET A 37 -3.45 6.50 -6.58
CA MET A 37 -4.78 6.39 -6.00
C MET A 37 -5.24 7.74 -5.45
N LEU A 38 -4.30 8.49 -4.90
CA LEU A 38 -4.60 9.79 -4.34
C LEU A 38 -5.06 10.73 -5.47
N ARG A 39 -4.37 10.63 -6.59
CA ARG A 39 -4.69 11.46 -7.74
C ARG A 39 -6.02 11.00 -8.36
N ASP A 40 -6.08 9.72 -8.67
CA ASP A 40 -7.27 9.14 -9.27
C ASP A 40 -7.69 7.90 -8.47
N GLN A 41 -8.91 7.96 -7.96
CA GLN A 41 -9.44 6.85 -7.17
C GLN A 41 -10.24 5.91 -8.08
N SER A 42 -10.00 6.02 -9.37
CA SER A 42 -10.68 5.18 -10.34
C SER A 42 -9.76 4.04 -10.78
N ALA A 43 -8.89 3.64 -9.87
CA ALA A 43 -7.96 2.55 -10.16
C ALA A 43 -8.25 1.38 -9.23
N VAL A 44 -8.13 1.64 -7.94
CA VAL A 44 -8.38 0.61 -6.93
C VAL A 44 -9.27 1.18 -5.83
N VAL A 45 -10.18 0.34 -5.35
CA VAL A 45 -11.09 0.75 -4.30
C VAL A 45 -10.64 0.13 -2.98
N VAL A 46 -11.02 0.79 -1.89
CA VAL A 46 -10.67 0.32 -0.57
C VAL A 46 -11.93 -0.11 0.18
N GLN A 47 -11.82 -1.22 0.90
CA GLN A 47 -12.94 -1.75 1.65
C GLN A 47 -12.46 -2.39 2.95
N GLY A 48 -13.06 -1.95 4.04
CA GLY A 48 -12.70 -2.47 5.35
C GLY A 48 -11.97 -1.41 6.18
N LEU A 49 -12.36 -0.17 5.97
CA LEU A 49 -11.76 0.94 6.68
C LEU A 49 -12.74 1.45 7.75
N PRO A 50 -12.18 2.24 8.70
CA PRO A 50 -12.98 2.79 9.78
C PRO A 50 -13.86 3.94 9.28
N GLU A 51 -14.94 4.18 10.01
CA GLU A 51 -15.86 5.24 9.66
C GLU A 51 -15.13 6.59 9.58
N GLY A 52 -15.38 7.31 8.49
CA GLY A 52 -14.75 8.60 8.29
C GLY A 52 -13.24 8.47 8.26
N VAL A 53 -12.76 7.54 7.46
CA VAL A 53 -11.32 7.31 7.33
C VAL A 53 -11.01 6.83 5.91
N ALA A 54 -10.02 7.48 5.32
CA ALA A 54 -9.62 7.14 3.96
C ALA A 54 -8.40 6.21 4.02
N PHE A 55 -8.00 5.74 2.85
CA PHE A 55 -6.85 4.85 2.76
C PHE A 55 -5.55 5.63 2.65
N GLN A 56 -5.65 6.92 2.97
CA GLN A 56 -4.49 7.79 2.92
C GLN A 56 -3.29 7.13 3.62
N HIS A 57 -2.11 7.66 3.34
CA HIS A 57 -0.90 7.14 3.92
C HIS A 57 -1.13 6.86 5.42
N PRO A 58 -0.50 5.74 5.89
CA PRO A 58 -0.63 5.36 7.29
C PRO A 58 0.20 6.26 8.19
N GLU A 59 1.27 6.80 7.63
CA GLU A 59 2.16 7.68 8.37
C GLU A 59 1.35 8.79 9.04
N ASN A 60 0.15 9.02 8.50
CA ASN A 60 -0.72 10.04 9.04
C ASN A 60 -1.60 9.45 10.14
N TYR A 61 -2.19 8.31 9.83
CA TYR A 61 -3.05 7.62 10.77
C TYR A 61 -2.51 7.76 12.21
N ASP A 62 -3.43 7.82 13.15
CA ASP A 62 -3.05 7.95 14.55
C ASP A 62 -2.70 6.56 15.11
N LEU A 63 -1.86 6.57 16.12
CA LEU A 63 -1.44 5.33 16.75
C LEU A 63 -2.63 4.38 16.86
N ALA A 64 -3.73 4.93 17.37
CA ALA A 64 -4.94 4.15 17.53
C ALA A 64 -5.36 3.56 16.17
N THR A 65 -5.57 4.46 15.22
CA THR A 65 -5.96 4.05 13.89
C THR A 65 -5.03 2.96 13.36
N LEU A 66 -3.74 3.27 13.40
CA LEU A 66 -2.73 2.32 12.93
C LEU A 66 -3.01 0.95 13.54
N LYS A 67 -3.15 0.94 14.86
CA LYS A 67 -3.42 -0.30 15.58
C LYS A 67 -4.82 -0.80 15.22
N TRP A 68 -5.69 0.15 14.88
CA TRP A 68 -7.04 -0.19 14.53
C TRP A 68 -7.02 -0.96 13.21
N ILE A 69 -6.44 -0.32 12.19
CA ILE A 69 -6.33 -0.94 10.89
C ILE A 69 -5.80 -2.36 11.04
N LEU A 70 -4.76 -2.49 11.85
CA LEU A 70 -4.15 -3.79 12.08
C LEU A 70 -5.15 -4.69 12.80
N GLU A 71 -5.87 -4.09 13.73
CA GLU A 71 -6.87 -4.83 14.49
C GLU A 71 -8.07 -5.17 13.60
N ASN A 72 -8.12 -4.54 12.45
CA ASN A 72 -9.20 -4.76 11.51
C ASN A 72 -8.64 -4.77 10.09
N LYS A 73 -7.50 -5.43 9.93
CA LYS A 73 -6.86 -5.51 8.63
C LYS A 73 -7.53 -6.61 7.79
N ALA A 74 -7.83 -7.71 8.47
CA ALA A 74 -8.47 -8.83 7.80
C ALA A 74 -9.71 -8.34 7.05
N GLY A 75 -10.22 -7.20 7.51
CA GLY A 75 -11.39 -6.61 6.90
C GLY A 75 -11.01 -5.71 5.71
N ILE A 76 -9.77 -5.22 5.76
CA ILE A 76 -9.28 -4.34 4.71
C ILE A 76 -9.02 -5.18 3.45
N SER A 77 -9.69 -4.79 2.38
CA SER A 77 -9.54 -5.48 1.11
C SER A 77 -9.47 -4.47 -0.03
N PHE A 78 -8.63 -4.79 -1.01
CA PHE A 78 -8.46 -3.92 -2.17
C PHE A 78 -9.25 -4.45 -3.37
N ILE A 79 -10.30 -3.72 -3.71
CA ILE A 79 -11.14 -4.11 -4.83
C ILE A 79 -10.52 -3.58 -6.12
N ILE A 80 -9.68 -4.41 -6.72
CA ILE A 80 -9.00 -4.05 -7.96
C ILE A 80 -10.05 -3.89 -9.07
N ASN A 81 -9.85 -2.87 -9.88
CA ASN A 81 -10.77 -2.61 -10.99
C ASN A 81 -9.98 -2.53 -12.29
N ARG A 82 -8.87 -1.79 -12.24
CA ARG A 82 -8.03 -1.64 -13.41
C ARG A 82 -6.68 -1.01 -13.01
N PRO A 83 -5.66 -1.27 -13.87
CA PRO A 83 -4.32 -0.74 -13.61
C PRO A 83 -4.26 0.75 -13.93
N PHE A 84 -3.09 1.32 -13.69
CA PHE A 84 -2.88 2.74 -13.94
C PHE A 84 -2.28 2.97 -15.34
N LEU A 85 -2.06 4.23 -15.65
CA LEU A 85 -1.49 4.60 -16.93
C LEU A 85 -0.17 5.36 -16.71
N GLY A 86 0.85 4.93 -17.45
CA GLY A 86 2.15 5.56 -17.35
C GLY A 86 3.26 4.50 -17.26
N PRO A 87 4.48 4.93 -17.66
CA PRO A 87 5.63 4.04 -17.64
C PRO A 87 6.13 3.82 -16.21
N GLU A 88 7.25 3.12 -16.11
CA GLU A 88 7.84 2.83 -14.81
C GLU A 88 9.36 3.03 -14.86
N SER A 89 9.87 3.68 -13.82
CA SER A 89 11.29 3.94 -13.73
C SER A 89 11.93 3.04 -12.66
N GLN A 90 12.96 2.32 -13.09
CA GLN A 90 13.65 1.42 -12.17
C GLN A 90 15.16 1.55 -12.35
N LEU A 91 15.78 2.26 -11.41
CA LEU A 91 17.22 2.48 -11.45
C LEU A 91 17.58 3.18 -12.75
N GLY A 92 17.83 4.48 -12.64
CA GLY A 92 18.19 5.28 -13.81
C GLY A 92 18.53 6.71 -13.39
N GLY A 93 19.20 7.40 -14.31
CA GLY A 93 19.60 8.78 -14.06
C GLY A 93 20.99 9.06 -14.66
N SER A 94 20.97 9.54 -15.89
CA SER A 94 22.20 9.86 -16.58
C SER A 94 22.73 11.22 -16.11
N GLY A 95 23.58 11.16 -15.09
CA GLY A 95 24.16 12.37 -14.53
C GLY A 95 25.65 12.47 -14.87
N PRO A 96 26.09 13.72 -15.19
CA PRO A 96 27.47 13.96 -15.54
C PRO A 96 28.36 13.93 -14.30
N SER A 97 29.36 13.06 -14.35
CA SER A 97 30.29 12.92 -13.24
C SER A 97 31.66 13.48 -13.62
N SER A 98 31.95 14.66 -13.08
CA SER A 98 33.22 15.31 -13.36
C SER A 98 34.37 14.47 -12.83
N GLY A 99 34.34 14.23 -11.53
CA GLY A 99 35.38 13.44 -10.89
C GLY A 99 34.77 12.26 -10.12
N GLY A 1 21.11 -2.05 7.41
CA GLY A 1 20.92 -2.52 8.78
C GLY A 1 19.44 -2.82 9.05
N SER A 2 18.97 -2.33 10.19
CA SER A 2 17.58 -2.55 10.57
C SER A 2 17.23 -1.68 11.79
N SER A 3 16.58 -0.57 11.51
CA SER A 3 16.19 0.35 12.55
C SER A 3 15.22 -0.34 13.53
N GLY A 4 15.56 -0.26 14.80
CA GLY A 4 14.74 -0.87 15.83
C GLY A 4 14.42 -2.32 15.49
N SER A 5 13.30 -2.79 16.01
CA SER A 5 12.86 -4.15 15.78
C SER A 5 11.38 -4.18 15.42
N SER A 6 11.11 -4.03 14.13
CA SER A 6 9.73 -4.03 13.64
C SER A 6 8.97 -2.86 14.24
N GLY A 7 8.01 -2.37 13.47
CA GLY A 7 7.19 -1.25 13.91
C GLY A 7 5.73 -1.43 13.50
N LEU A 8 4.93 -0.43 13.79
CA LEU A 8 3.52 -0.47 13.47
C LEU A 8 3.30 0.21 12.10
N ARG A 9 3.54 1.50 12.07
CA ARG A 9 3.38 2.27 10.85
C ARG A 9 3.84 1.44 9.65
N LYS A 10 5.05 0.94 9.74
CA LYS A 10 5.62 0.14 8.67
C LYS A 10 4.78 -1.14 8.50
N ALA A 11 4.55 -1.81 9.61
CA ALA A 11 3.77 -3.04 9.59
C ALA A 11 2.52 -2.83 8.72
N VAL A 12 1.90 -1.67 8.90
CA VAL A 12 0.70 -1.34 8.15
C VAL A 12 1.05 -1.29 6.65
N GLU A 13 2.10 -0.55 6.34
CA GLU A 13 2.54 -0.41 4.97
C GLU A 13 2.84 -1.79 4.37
N ASP A 14 3.39 -2.65 5.22
CA ASP A 14 3.73 -4.00 4.79
C ASP A 14 2.47 -4.72 4.31
N TYR A 15 1.40 -4.50 5.06
CA TYR A 15 0.12 -5.12 4.73
C TYR A 15 -0.44 -4.57 3.41
N PHE A 16 -0.76 -3.28 3.44
CA PHE A 16 -1.29 -2.61 2.26
C PHE A 16 -0.67 -3.16 0.99
N CYS A 17 0.65 -3.31 1.03
CA CYS A 17 1.39 -3.81 -0.11
C CYS A 17 0.91 -5.24 -0.39
N PHE A 18 1.00 -6.07 0.64
CA PHE A 18 0.59 -7.46 0.53
C PHE A 18 -0.81 -7.56 -0.07
N CYS A 19 -1.62 -6.54 0.21
CA CYS A 19 -2.99 -6.51 -0.30
C CYS A 19 -2.93 -6.30 -1.81
N TYR A 20 -2.29 -5.21 -2.21
CA TYR A 20 -2.17 -4.89 -3.61
C TYR A 20 -1.55 -6.05 -4.40
N GLY A 21 -0.59 -6.70 -3.77
CA GLY A 21 0.09 -7.83 -4.39
C GLY A 21 -0.85 -9.03 -4.50
N LYS A 22 -1.72 -9.17 -3.50
CA LYS A 22 -2.66 -10.27 -3.47
C LYS A 22 -3.77 -10.00 -4.50
N ALA A 23 -3.97 -8.72 -4.78
CA ALA A 23 -5.00 -8.32 -5.74
C ALA A 23 -4.42 -8.41 -7.15
N LEU A 24 -3.21 -7.91 -7.30
CA LEU A 24 -2.55 -7.93 -8.60
C LEU A 24 -2.42 -9.38 -9.07
N GLY A 25 -2.23 -10.27 -8.10
CA GLY A 25 -2.08 -11.68 -8.42
C GLY A 25 -0.62 -12.12 -8.34
N THR A 26 0.14 -11.38 -7.53
CA THR A 26 1.56 -11.68 -7.36
C THR A 26 1.80 -12.30 -6.00
N THR A 27 2.97 -12.92 -5.86
CA THR A 27 3.35 -13.56 -4.61
C THR A 27 4.40 -12.72 -3.89
N VAL A 28 4.43 -11.44 -4.24
CA VAL A 28 5.38 -10.53 -3.62
C VAL A 28 4.64 -9.26 -3.17
N MET A 29 5.41 -8.33 -2.63
CA MET A 29 4.85 -7.07 -2.15
C MET A 29 4.96 -5.99 -3.21
N VAL A 30 3.86 -5.28 -3.41
CA VAL A 30 3.82 -4.21 -4.39
C VAL A 30 3.70 -2.87 -3.66
N PRO A 31 4.46 -1.86 -4.19
CA PRO A 31 4.44 -0.53 -3.61
C PRO A 31 3.15 0.21 -3.95
N VAL A 32 2.18 0.08 -3.07
CA VAL A 32 0.89 0.74 -3.28
C VAL A 32 1.13 2.13 -3.85
N PRO A 33 0.63 2.33 -5.11
CA PRO A 33 0.78 3.60 -5.78
C PRO A 33 -0.19 4.64 -5.21
N TYR A 34 0.22 5.23 -4.09
CA TYR A 34 -0.61 6.24 -3.44
C TYR A 34 -0.89 7.42 -4.37
N GLU A 35 0.19 8.10 -4.74
CA GLU A 35 0.09 9.25 -5.61
C GLU A 35 -0.95 8.99 -6.72
N LYS A 36 -0.95 7.76 -7.20
CA LYS A 36 -1.87 7.36 -8.24
C LYS A 36 -3.30 7.36 -7.68
N MET A 37 -3.55 6.41 -6.79
CA MET A 37 -4.86 6.29 -6.18
C MET A 37 -5.33 7.64 -5.63
N LEU A 38 -4.41 8.35 -5.01
CA LEU A 38 -4.71 9.65 -4.45
C LEU A 38 -5.22 10.58 -5.56
N ARG A 39 -4.45 10.61 -6.65
CA ARG A 39 -4.80 11.45 -7.78
C ARG A 39 -6.14 11.00 -8.38
N ASP A 40 -6.21 9.72 -8.71
CA ASP A 40 -7.41 9.16 -9.29
C ASP A 40 -7.76 7.86 -8.56
N GLN A 41 -8.99 7.80 -8.06
CA GLN A 41 -9.46 6.63 -7.36
C GLN A 41 -10.24 5.71 -8.29
N SER A 42 -10.02 5.91 -9.59
CA SER A 42 -10.69 5.12 -10.60
C SER A 42 -9.80 3.95 -11.03
N ALA A 43 -8.93 3.54 -10.11
CA ALA A 43 -8.02 2.45 -10.38
C ALA A 43 -8.28 1.31 -9.38
N VAL A 44 -8.27 1.67 -8.11
CA VAL A 44 -8.49 0.70 -7.05
C VAL A 44 -9.42 1.31 -6.00
N VAL A 45 -10.17 0.44 -5.34
CA VAL A 45 -11.09 0.88 -4.30
C VAL A 45 -10.70 0.25 -2.97
N VAL A 46 -10.89 1.01 -1.90
CA VAL A 46 -10.57 0.53 -0.57
C VAL A 46 -11.85 0.15 0.16
N GLN A 47 -11.79 -0.97 0.86
CA GLN A 47 -12.93 -1.47 1.60
C GLN A 47 -12.48 -2.14 2.89
N GLY A 48 -13.03 -1.68 4.00
CA GLY A 48 -12.69 -2.23 5.30
C GLY A 48 -11.94 -1.21 6.15
N LEU A 49 -12.27 0.06 5.93
CA LEU A 49 -11.64 1.14 6.67
C LEU A 49 -12.60 1.64 7.75
N PRO A 50 -12.01 2.41 8.71
CA PRO A 50 -12.81 2.96 9.80
C PRO A 50 -13.66 4.14 9.32
N GLU A 51 -14.72 4.40 10.07
CA GLU A 51 -15.62 5.49 9.72
C GLU A 51 -14.86 6.82 9.71
N GLY A 52 -15.02 7.55 8.61
CA GLY A 52 -14.36 8.84 8.46
C GLY A 52 -12.84 8.67 8.39
N VAL A 53 -12.42 7.74 7.54
CA VAL A 53 -11.01 7.48 7.37
C VAL A 53 -10.75 7.00 5.95
N ALA A 54 -9.69 7.54 5.35
CA ALA A 54 -9.33 7.18 4.00
C ALA A 54 -8.14 6.23 4.03
N PHE A 55 -7.73 5.79 2.84
CA PHE A 55 -6.61 4.88 2.72
C PHE A 55 -5.28 5.66 2.61
N GLN A 56 -5.35 6.94 2.94
CA GLN A 56 -4.18 7.79 2.88
C GLN A 56 -3.01 7.13 3.62
N HIS A 57 -1.82 7.68 3.38
CA HIS A 57 -0.62 7.16 4.02
C HIS A 57 -0.91 6.87 5.49
N PRO A 58 -0.31 5.75 5.99
CA PRO A 58 -0.49 5.35 7.37
C PRO A 58 0.33 6.25 8.31
N GLU A 59 1.43 6.76 7.78
CA GLU A 59 2.30 7.63 8.56
C GLU A 59 1.48 8.73 9.24
N ASN A 60 0.31 8.98 8.68
CA ASN A 60 -0.58 10.00 9.23
C ASN A 60 -1.48 9.36 10.29
N TYR A 61 -2.07 8.23 9.93
CA TYR A 61 -2.95 7.53 10.83
C TYR A 61 -2.44 7.61 12.28
N ASP A 62 -3.38 7.81 13.19
CA ASP A 62 -3.05 7.92 14.61
C ASP A 62 -2.70 6.52 15.15
N LEU A 63 -1.83 6.51 16.15
CA LEU A 63 -1.41 5.27 16.76
C LEU A 63 -2.61 4.32 16.87
N ALA A 64 -3.69 4.85 17.44
CA ALA A 64 -4.91 4.07 17.60
C ALA A 64 -5.33 3.51 16.24
N THR A 65 -5.48 4.42 15.28
CA THR A 65 -5.87 4.03 13.94
C THR A 65 -4.95 2.93 13.40
N LEU A 66 -3.67 3.23 13.41
CA LEU A 66 -2.67 2.28 12.93
C LEU A 66 -2.96 0.90 13.53
N LYS A 67 -3.14 0.89 14.85
CA LYS A 67 -3.42 -0.35 15.56
C LYS A 67 -4.82 -0.84 15.18
N TRP A 68 -5.68 0.12 14.86
CA TRP A 68 -7.04 -0.21 14.49
C TRP A 68 -7.01 -0.98 13.17
N ILE A 69 -6.42 -0.34 12.16
CA ILE A 69 -6.31 -0.95 10.85
C ILE A 69 -5.82 -2.39 11.00
N LEU A 70 -4.75 -2.53 11.77
CA LEU A 70 -4.16 -3.85 12.00
C LEU A 70 -5.20 -4.73 12.69
N GLU A 71 -5.87 -4.16 13.67
CA GLU A 71 -6.89 -4.89 14.41
C GLU A 71 -8.08 -5.21 13.50
N ASN A 72 -8.16 -4.48 12.40
CA ASN A 72 -9.25 -4.68 11.46
C ASN A 72 -8.67 -4.68 10.04
N LYS A 73 -7.59 -5.42 9.86
CA LYS A 73 -6.94 -5.52 8.57
C LYS A 73 -7.67 -6.55 7.71
N ALA A 74 -8.01 -7.67 8.34
CA ALA A 74 -8.71 -8.74 7.65
C ALA A 74 -9.94 -8.16 6.93
N GLY A 75 -10.39 -7.03 7.44
CA GLY A 75 -11.55 -6.36 6.86
C GLY A 75 -11.14 -5.49 5.66
N ILE A 76 -9.91 -5.05 5.69
CA ILE A 76 -9.38 -4.21 4.62
C ILE A 76 -9.17 -5.07 3.37
N SER A 77 -9.81 -4.66 2.30
CA SER A 77 -9.70 -5.37 1.04
C SER A 77 -9.65 -4.38 -0.13
N PHE A 78 -8.73 -4.63 -1.04
CA PHE A 78 -8.58 -3.78 -2.21
C PHE A 78 -9.42 -4.29 -3.38
N ILE A 79 -10.48 -3.56 -3.66
CA ILE A 79 -11.37 -3.92 -4.75
C ILE A 79 -10.80 -3.39 -6.08
N ILE A 80 -10.00 -4.22 -6.72
CA ILE A 80 -9.39 -3.85 -7.98
C ILE A 80 -10.48 -3.69 -9.05
N ASN A 81 -10.21 -2.81 -10.00
CA ASN A 81 -11.14 -2.55 -11.07
C ASN A 81 -10.40 -2.47 -12.40
N ARG A 82 -9.30 -1.72 -12.39
CA ARG A 82 -8.49 -1.55 -13.58
C ARG A 82 -7.12 -0.98 -13.21
N PRO A 83 -6.12 -1.25 -14.11
CA PRO A 83 -4.78 -0.77 -13.89
C PRO A 83 -4.68 0.74 -14.17
N PHE A 84 -3.46 1.24 -14.08
CA PHE A 84 -3.22 2.65 -14.32
C PHE A 84 -2.65 2.88 -15.73
N LEU A 85 -2.74 4.13 -16.17
CA LEU A 85 -2.24 4.48 -17.49
C LEU A 85 -0.83 5.05 -17.36
N GLY A 86 -0.11 5.02 -18.47
CA GLY A 86 1.25 5.54 -18.49
C GLY A 86 2.27 4.39 -18.45
N PRO A 87 3.51 4.70 -18.92
CA PRO A 87 4.57 3.72 -18.95
C PRO A 87 5.13 3.48 -17.55
N GLU A 88 6.03 2.52 -17.46
CA GLU A 88 6.64 2.18 -16.18
C GLU A 88 7.99 1.49 -16.41
N SER A 89 8.94 1.82 -15.54
CA SER A 89 10.27 1.24 -15.65
C SER A 89 10.85 1.04 -14.24
N GLN A 90 11.59 -0.05 -14.09
CA GLN A 90 12.21 -0.37 -12.82
C GLN A 90 13.24 -1.48 -12.99
N LEU A 91 14.49 -1.14 -12.75
CA LEU A 91 15.58 -2.10 -12.88
C LEU A 91 16.81 -1.56 -12.17
N GLY A 92 17.62 -2.48 -11.64
CA GLY A 92 18.83 -2.11 -10.94
C GLY A 92 20.06 -2.67 -11.64
N GLY A 93 21.18 -2.64 -10.93
CA GLY A 93 22.43 -3.13 -11.48
C GLY A 93 23.55 -3.06 -10.44
N SER A 94 24.32 -4.13 -10.37
CA SER A 94 25.43 -4.21 -9.43
C SER A 94 26.28 -5.45 -9.71
N GLY A 95 27.57 -5.30 -9.45
CA GLY A 95 28.51 -6.40 -9.68
C GLY A 95 29.90 -6.03 -9.18
N PRO A 96 30.25 -6.60 -7.99
CA PRO A 96 31.55 -6.34 -7.40
C PRO A 96 32.65 -7.12 -8.13
N SER A 97 33.88 -6.89 -7.69
CA SER A 97 35.02 -7.55 -8.30
C SER A 97 36.16 -7.68 -7.27
N SER A 98 37.19 -8.42 -7.66
CA SER A 98 38.33 -8.62 -6.79
C SER A 98 39.60 -8.73 -7.63
N GLY A 99 40.72 -8.42 -6.99
CA GLY A 99 42.01 -8.47 -7.66
C GLY A 99 42.96 -9.44 -6.95
N GLY A 1 9.38 -4.37 -3.32
CA GLY A 1 10.25 -5.13 -2.45
C GLY A 1 11.17 -4.21 -1.65
N SER A 2 10.57 -3.52 -0.68
CA SER A 2 11.32 -2.61 0.16
C SER A 2 11.72 -3.30 1.46
N SER A 3 12.97 -3.11 1.84
CA SER A 3 13.48 -3.70 3.06
C SER A 3 13.10 -2.85 4.27
N GLY A 4 11.89 -3.08 4.77
CA GLY A 4 11.40 -2.34 5.91
C GLY A 4 11.06 -3.28 7.06
N SER A 5 9.77 -3.57 7.20
CA SER A 5 9.30 -4.46 8.25
C SER A 5 9.93 -4.06 9.59
N SER A 6 9.27 -3.13 10.27
CA SER A 6 9.76 -2.66 11.55
C SER A 6 8.91 -1.49 12.03
N GLY A 7 8.06 -1.78 13.01
CA GLY A 7 7.19 -0.75 13.57
C GLY A 7 5.76 -0.91 13.04
N LEU A 8 4.83 -0.26 13.74
CA LEU A 8 3.43 -0.32 13.36
C LEU A 8 3.25 0.41 12.02
N ARG A 9 3.64 1.68 12.02
CA ARG A 9 3.52 2.49 10.83
C ARG A 9 3.97 1.70 9.59
N LYS A 10 5.11 1.04 9.74
CA LYS A 10 5.66 0.25 8.66
C LYS A 10 4.79 -1.00 8.45
N ALA A 11 4.57 -1.71 9.54
CA ALA A 11 3.76 -2.92 9.48
C ALA A 11 2.55 -2.68 8.56
N VAL A 12 1.84 -1.61 8.86
CA VAL A 12 0.66 -1.26 8.08
C VAL A 12 1.06 -1.16 6.59
N GLU A 13 2.19 -0.51 6.36
CA GLU A 13 2.68 -0.34 5.00
C GLU A 13 3.13 -1.68 4.43
N ASP A 14 3.59 -2.55 5.32
CA ASP A 14 4.05 -3.87 4.92
C ASP A 14 2.85 -4.75 4.59
N TYR A 15 1.69 -4.30 5.04
CA TYR A 15 0.46 -5.03 4.80
C TYR A 15 -0.23 -4.55 3.52
N PHE A 16 -0.57 -3.27 3.52
CA PHE A 16 -1.24 -2.67 2.36
C PHE A 16 -0.67 -3.23 1.07
N CYS A 17 0.64 -3.41 1.06
CA CYS A 17 1.32 -3.94 -0.12
C CYS A 17 0.83 -5.36 -0.36
N PHE A 18 0.93 -6.18 0.68
CA PHE A 18 0.49 -7.56 0.58
C PHE A 18 -0.91 -7.65 -0.01
N CYS A 19 -1.68 -6.60 0.21
CA CYS A 19 -3.05 -6.55 -0.31
C CYS A 19 -2.98 -6.33 -1.81
N TYR A 20 -2.37 -5.21 -2.19
CA TYR A 20 -2.24 -4.87 -3.59
C TYR A 20 -1.62 -6.02 -4.39
N GLY A 21 -0.69 -6.70 -3.74
CA GLY A 21 -0.01 -7.83 -4.37
C GLY A 21 -0.95 -9.04 -4.49
N LYS A 22 -1.80 -9.19 -3.49
CA LYS A 22 -2.75 -10.30 -3.48
C LYS A 22 -3.85 -10.02 -4.50
N ALA A 23 -4.08 -8.74 -4.75
CA ALA A 23 -5.10 -8.34 -5.70
C ALA A 23 -4.54 -8.41 -7.12
N LEU A 24 -3.32 -7.91 -7.27
CA LEU A 24 -2.65 -7.92 -8.56
C LEU A 24 -2.52 -9.36 -9.06
N GLY A 25 -2.36 -10.27 -8.09
CA GLY A 25 -2.23 -11.68 -8.42
C GLY A 25 -0.76 -12.10 -8.38
N THR A 26 0.01 -11.41 -7.56
CA THR A 26 1.43 -11.71 -7.42
C THR A 26 1.70 -12.32 -6.04
N THR A 27 2.76 -13.13 -6.00
CA THR A 27 3.14 -13.79 -4.76
C THR A 27 4.19 -12.96 -4.02
N VAL A 28 4.21 -11.67 -4.33
CA VAL A 28 5.15 -10.75 -3.70
C VAL A 28 4.42 -9.51 -3.20
N MET A 29 5.19 -8.56 -2.72
CA MET A 29 4.63 -7.31 -2.21
C MET A 29 4.74 -6.20 -3.26
N VAL A 30 3.63 -5.52 -3.47
CA VAL A 30 3.60 -4.43 -4.42
C VAL A 30 3.48 -3.09 -3.68
N PRO A 31 4.25 -2.09 -4.17
CA PRO A 31 4.24 -0.76 -3.56
C PRO A 31 2.97 -0.01 -3.92
N VAL A 32 2.03 0.00 -2.98
CA VAL A 32 0.77 0.69 -3.19
C VAL A 32 1.03 2.09 -3.75
N PRO A 33 0.60 2.29 -5.01
CA PRO A 33 0.79 3.57 -5.67
C PRO A 33 -0.20 4.62 -5.13
N TYR A 34 0.19 5.23 -4.02
CA TYR A 34 -0.64 6.24 -3.39
C TYR A 34 -0.88 7.41 -4.34
N GLU A 35 0.20 8.11 -4.67
CA GLU A 35 0.12 9.25 -5.55
C GLU A 35 -0.92 8.99 -6.65
N LYS A 36 -0.92 7.76 -7.15
CA LYS A 36 -1.85 7.37 -8.19
C LYS A 36 -3.27 7.34 -7.63
N MET A 37 -3.49 6.36 -6.75
CA MET A 37 -4.80 6.21 -6.14
C MET A 37 -5.31 7.54 -5.59
N LEU A 38 -4.39 8.33 -5.06
CA LEU A 38 -4.73 9.62 -4.51
C LEU A 38 -5.22 10.54 -5.64
N ARG A 39 -4.42 10.61 -6.69
CA ARG A 39 -4.76 11.44 -7.83
C ARG A 39 -6.08 10.99 -8.45
N ASP A 40 -6.13 9.69 -8.76
CA ASP A 40 -7.32 9.12 -9.35
C ASP A 40 -7.71 7.85 -8.58
N GLN A 41 -8.96 7.81 -8.16
CA GLN A 41 -9.47 6.67 -7.42
C GLN A 41 -10.23 5.72 -8.35
N SER A 42 -10.01 5.91 -9.65
CA SER A 42 -10.66 5.08 -10.64
C SER A 42 -9.74 3.93 -11.05
N ALA A 43 -8.89 3.54 -10.11
CA ALA A 43 -7.96 2.46 -10.35
C ALA A 43 -8.23 1.33 -9.35
N VAL A 44 -8.20 1.69 -8.08
CA VAL A 44 -8.44 0.73 -7.02
C VAL A 44 -9.37 1.34 -5.97
N VAL A 45 -10.12 0.47 -5.31
CA VAL A 45 -11.05 0.92 -4.28
C VAL A 45 -10.65 0.29 -2.94
N VAL A 46 -10.97 1.01 -1.87
CA VAL A 46 -10.66 0.56 -0.53
C VAL A 46 -11.95 0.18 0.19
N GLN A 47 -11.91 -0.95 0.88
CA GLN A 47 -13.07 -1.42 1.61
C GLN A 47 -12.63 -2.13 2.91
N GLY A 48 -13.16 -1.63 4.02
CA GLY A 48 -12.84 -2.19 5.32
C GLY A 48 -12.09 -1.17 6.18
N LEU A 49 -12.40 0.10 5.94
CA LEU A 49 -11.78 1.17 6.70
C LEU A 49 -12.74 1.67 7.78
N PRO A 50 -12.17 2.43 8.75
CA PRO A 50 -12.98 2.97 9.83
C PRO A 50 -13.83 4.15 9.35
N GLU A 51 -14.88 4.42 10.10
CA GLU A 51 -15.78 5.51 9.77
C GLU A 51 -15.01 6.84 9.75
N GLY A 52 -15.20 7.58 8.67
CA GLY A 52 -14.54 8.86 8.51
C GLY A 52 -13.01 8.69 8.44
N VAL A 53 -12.59 7.76 7.59
CA VAL A 53 -11.17 7.50 7.43
C VAL A 53 -10.92 7.00 6.00
N ALA A 54 -9.86 7.53 5.40
CA ALA A 54 -9.49 7.16 4.05
C ALA A 54 -8.30 6.22 4.09
N PHE A 55 -7.85 5.80 2.91
CA PHE A 55 -6.74 4.90 2.80
C PHE A 55 -5.42 5.67 2.70
N GLN A 56 -5.49 6.96 3.03
CA GLN A 56 -4.32 7.81 2.97
C GLN A 56 -3.15 7.15 3.70
N HIS A 57 -1.97 7.71 3.46
CA HIS A 57 -0.76 7.19 4.09
C HIS A 57 -1.03 6.90 5.57
N PRO A 58 -0.42 5.79 6.06
CA PRO A 58 -0.58 5.40 7.45
C PRO A 58 0.23 6.31 8.37
N GLU A 59 1.32 6.82 7.84
CA GLU A 59 2.19 7.71 8.60
C GLU A 59 1.37 8.80 9.29
N ASN A 60 0.19 9.04 8.74
CA ASN A 60 -0.71 10.05 9.29
C ASN A 60 -1.57 9.42 10.37
N TYR A 61 -2.17 8.28 10.02
CA TYR A 61 -3.03 7.58 10.95
C TYR A 61 -2.49 7.66 12.37
N ASP A 62 -3.41 7.73 13.33
CA ASP A 62 -3.03 7.83 14.73
C ASP A 62 -2.64 6.43 15.24
N LEU A 63 -1.70 6.41 16.16
CA LEU A 63 -1.23 5.16 16.74
C LEU A 63 -2.43 4.23 16.95
N ALA A 64 -3.55 4.83 17.34
CA ALA A 64 -4.76 4.07 17.58
C ALA A 64 -5.27 3.49 16.26
N THR A 65 -5.45 4.38 15.29
CA THR A 65 -5.93 3.97 13.98
C THR A 65 -5.03 2.87 13.41
N LEU A 66 -3.74 3.14 13.42
CA LEU A 66 -2.76 2.19 12.90
C LEU A 66 -3.05 0.80 13.50
N LYS A 67 -3.18 0.78 14.82
CA LYS A 67 -3.46 -0.47 15.52
C LYS A 67 -4.86 -0.95 15.14
N TRP A 68 -5.74 0.00 14.88
CA TRP A 68 -7.11 -0.31 14.51
C TRP A 68 -7.08 -1.06 13.17
N ILE A 69 -6.52 -0.38 12.18
CA ILE A 69 -6.42 -0.96 10.85
C ILE A 69 -5.94 -2.41 10.96
N LEU A 70 -4.83 -2.57 11.67
CA LEU A 70 -4.26 -3.89 11.86
C LEU A 70 -5.28 -4.79 12.57
N GLU A 71 -5.92 -4.22 13.57
CA GLU A 71 -6.92 -4.96 14.33
C GLU A 71 -8.13 -5.27 13.45
N ASN A 72 -8.23 -4.54 12.36
CA ASN A 72 -9.34 -4.72 11.43
C ASN A 72 -8.80 -4.71 10.00
N LYS A 73 -7.71 -5.45 9.81
CA LYS A 73 -7.09 -5.55 8.50
C LYS A 73 -7.84 -6.57 7.65
N ALA A 74 -8.19 -7.67 8.28
CA ALA A 74 -8.92 -8.73 7.60
C ALA A 74 -10.13 -8.14 6.89
N GLY A 75 -10.57 -6.99 7.39
CA GLY A 75 -11.71 -6.32 6.81
C GLY A 75 -11.30 -5.45 5.62
N ILE A 76 -10.06 -4.99 5.68
CA ILE A 76 -9.52 -4.14 4.63
C ILE A 76 -9.27 -4.99 3.37
N SER A 77 -9.95 -4.61 2.31
CA SER A 77 -9.82 -5.33 1.05
C SER A 77 -9.75 -4.34 -0.12
N PHE A 78 -8.84 -4.62 -1.04
CA PHE A 78 -8.66 -3.76 -2.19
C PHE A 78 -9.47 -4.27 -3.38
N ILE A 79 -10.50 -3.50 -3.72
CA ILE A 79 -11.37 -3.87 -4.83
C ILE A 79 -10.74 -3.37 -6.14
N ILE A 80 -9.96 -4.24 -6.74
CA ILE A 80 -9.30 -3.92 -8.00
C ILE A 80 -10.34 -3.81 -9.10
N ASN A 81 -10.11 -2.85 -10.00
CA ASN A 81 -11.03 -2.63 -11.10
C ASN A 81 -10.23 -2.58 -12.41
N ARG A 82 -9.14 -1.83 -12.37
CA ARG A 82 -8.28 -1.69 -13.54
C ARG A 82 -6.92 -1.14 -13.13
N PRO A 83 -5.90 -1.46 -13.99
CA PRO A 83 -4.54 -1.00 -13.73
C PRO A 83 -4.40 0.49 -14.04
N PHE A 84 -3.20 1.01 -13.76
CA PHE A 84 -2.93 2.42 -14.01
C PHE A 84 -2.32 2.61 -15.39
N LEU A 85 -2.33 3.87 -15.83
CA LEU A 85 -1.79 4.21 -17.13
C LEU A 85 -0.31 4.57 -16.99
N GLY A 86 0.53 3.59 -17.31
CA GLY A 86 1.97 3.79 -17.22
C GLY A 86 2.70 2.45 -17.15
N PRO A 87 4.06 2.54 -17.18
CA PRO A 87 4.88 1.34 -17.11
C PRO A 87 4.92 0.78 -15.69
N GLU A 88 5.19 -0.52 -15.60
CA GLU A 88 5.26 -1.18 -14.31
C GLU A 88 6.47 -2.11 -14.26
N SER A 89 7.07 -2.18 -13.08
CA SER A 89 8.23 -3.03 -12.89
C SER A 89 8.45 -3.29 -11.40
N GLN A 90 9.01 -4.45 -11.10
CA GLN A 90 9.27 -4.83 -9.72
C GLN A 90 10.77 -5.00 -9.50
N LEU A 91 11.44 -5.51 -10.51
CA LEU A 91 12.88 -5.72 -10.44
C LEU A 91 13.51 -5.40 -11.79
N GLY A 92 14.81 -5.59 -11.86
CA GLY A 92 15.55 -5.31 -13.09
C GLY A 92 17.04 -5.12 -12.81
N GLY A 93 17.85 -5.98 -13.40
CA GLY A 93 19.28 -5.92 -13.22
C GLY A 93 19.82 -7.19 -12.56
N SER A 94 21.12 -7.20 -12.31
CA SER A 94 21.76 -8.34 -11.68
C SER A 94 23.26 -8.06 -11.50
N GLY A 95 23.82 -8.70 -10.48
CA GLY A 95 25.23 -8.53 -10.19
C GLY A 95 25.95 -9.88 -10.16
N PRO A 96 27.28 -9.83 -10.42
CA PRO A 96 28.09 -11.04 -10.43
C PRO A 96 28.35 -11.53 -9.00
N SER A 97 29.19 -12.55 -8.91
CA SER A 97 29.53 -13.13 -7.62
C SER A 97 30.98 -13.62 -7.63
N SER A 98 31.69 -13.31 -6.55
CA SER A 98 33.07 -13.71 -6.42
C SER A 98 33.18 -15.23 -6.38
N GLY A 99 34.40 -15.72 -6.50
CA GLY A 99 34.65 -17.15 -6.47
C GLY A 99 34.06 -17.84 -7.71
N GLY A 1 20.44 0.51 -0.28
CA GLY A 1 21.05 0.04 0.95
C GLY A 1 20.48 0.78 2.16
N SER A 2 19.32 0.33 2.62
CA SER A 2 18.68 0.95 3.76
C SER A 2 18.15 -0.14 4.71
N SER A 3 18.38 0.08 6.00
CA SER A 3 17.93 -0.86 7.01
C SER A 3 16.41 -0.94 7.01
N GLY A 4 15.91 -2.08 7.47
CA GLY A 4 14.48 -2.30 7.52
C GLY A 4 13.94 -2.06 8.93
N SER A 5 13.20 -0.97 9.07
CA SER A 5 12.63 -0.61 10.36
C SER A 5 11.36 -1.44 10.61
N SER A 6 11.33 -2.07 11.78
CA SER A 6 10.19 -2.89 12.16
C SER A 6 9.33 -2.14 13.19
N GLY A 7 8.16 -1.72 12.74
CA GLY A 7 7.25 -1.00 13.62
C GLY A 7 5.80 -1.14 13.13
N LEU A 8 4.91 -0.47 13.84
CA LEU A 8 3.50 -0.51 13.50
C LEU A 8 3.29 0.16 12.14
N ARG A 9 3.56 1.46 12.11
CA ARG A 9 3.41 2.23 10.90
C ARG A 9 3.85 1.40 9.69
N LYS A 10 5.10 0.94 9.76
CA LYS A 10 5.66 0.14 8.69
C LYS A 10 4.79 -1.11 8.47
N ALA A 11 4.51 -1.79 9.57
CA ALA A 11 3.69 -3.00 9.52
C ALA A 11 2.46 -2.73 8.65
N VAL A 12 1.84 -1.59 8.89
CA VAL A 12 0.65 -1.20 8.15
C VAL A 12 1.00 -1.10 6.66
N GLU A 13 2.20 -0.61 6.41
CA GLU A 13 2.68 -0.46 5.04
C GLU A 13 3.00 -1.82 4.43
N ASP A 14 3.59 -2.67 5.25
CA ASP A 14 3.95 -4.01 4.81
C ASP A 14 2.69 -4.79 4.46
N TYR A 15 1.57 -4.33 5.02
CA TYR A 15 0.29 -4.98 4.77
C TYR A 15 -0.33 -4.48 3.47
N PHE A 16 -0.70 -3.21 3.48
CA PHE A 16 -1.31 -2.61 2.30
C PHE A 16 -0.68 -3.15 1.02
N CYS A 17 0.63 -3.38 1.08
CA CYS A 17 1.35 -3.89 -0.07
C CYS A 17 0.81 -5.29 -0.38
N PHE A 18 1.08 -6.21 0.54
CA PHE A 18 0.64 -7.58 0.37
C PHE A 18 -0.78 -7.63 -0.21
N CYS A 19 -1.58 -6.65 0.17
CA CYS A 19 -2.95 -6.57 -0.31
C CYS A 19 -2.92 -6.32 -1.81
N TYR A 20 -2.32 -5.20 -2.18
CA TYR A 20 -2.22 -4.83 -3.58
C TYR A 20 -1.60 -5.96 -4.41
N GLY A 21 -0.65 -6.64 -3.79
CA GLY A 21 0.03 -7.75 -4.45
C GLY A 21 -0.90 -8.97 -4.57
N LYS A 22 -1.76 -9.12 -3.58
CA LYS A 22 -2.70 -10.22 -3.57
C LYS A 22 -3.83 -9.93 -4.57
N ALA A 23 -4.06 -8.65 -4.79
CA ALA A 23 -5.10 -8.24 -5.73
C ALA A 23 -4.56 -8.29 -7.15
N LEU A 24 -3.35 -7.77 -7.31
CA LEU A 24 -2.71 -7.75 -8.61
C LEU A 24 -2.61 -9.18 -9.15
N GLY A 25 -2.55 -10.12 -8.22
CA GLY A 25 -2.45 -11.52 -8.58
C GLY A 25 -1.00 -11.99 -8.58
N THR A 26 -0.21 -11.38 -7.71
CA THR A 26 1.20 -11.71 -7.60
C THR A 26 1.47 -12.43 -6.27
N THR A 27 2.67 -12.99 -6.18
CA THR A 27 3.07 -13.71 -4.98
C THR A 27 4.13 -12.92 -4.21
N VAL A 28 4.16 -11.62 -4.49
CA VAL A 28 5.12 -10.75 -3.84
C VAL A 28 4.41 -9.49 -3.35
N MET A 29 5.20 -8.57 -2.80
CA MET A 29 4.65 -7.33 -2.28
C MET A 29 4.75 -6.22 -3.34
N VAL A 30 3.67 -5.46 -3.46
CA VAL A 30 3.63 -4.38 -4.41
C VAL A 30 3.48 -3.05 -3.67
N PRO A 31 4.25 -2.03 -4.13
CA PRO A 31 4.20 -0.71 -3.52
C PRO A 31 2.93 0.03 -3.91
N VAL A 32 2.01 0.11 -2.95
CA VAL A 32 0.75 0.80 -3.19
C VAL A 32 1.03 2.19 -3.75
N PRO A 33 0.60 2.40 -5.02
CA PRO A 33 0.79 3.67 -5.68
C PRO A 33 -0.19 4.73 -5.15
N TYR A 34 0.17 5.30 -4.00
CA TYR A 34 -0.67 6.30 -3.38
C TYR A 34 -0.91 7.48 -4.33
N GLU A 35 0.18 8.17 -4.65
CA GLU A 35 0.11 9.31 -5.53
C GLU A 35 -0.92 9.06 -6.64
N LYS A 36 -0.92 7.82 -7.12
CA LYS A 36 -1.84 7.43 -8.18
C LYS A 36 -3.26 7.37 -7.62
N MET A 37 -3.49 6.39 -6.76
CA MET A 37 -4.79 6.22 -6.15
C MET A 37 -5.33 7.55 -5.61
N LEU A 38 -4.43 8.34 -5.06
CA LEU A 38 -4.79 9.64 -4.51
C LEU A 38 -5.26 10.55 -5.64
N ARG A 39 -4.45 10.59 -6.70
CA ARG A 39 -4.77 11.42 -7.85
C ARG A 39 -6.06 10.94 -8.51
N ASP A 40 -6.13 9.64 -8.76
CA ASP A 40 -7.29 9.04 -9.39
C ASP A 40 -7.71 7.80 -8.59
N GLN A 41 -8.97 7.80 -8.17
CA GLN A 41 -9.50 6.69 -7.41
C GLN A 41 -10.27 5.74 -8.32
N SER A 42 -10.01 5.87 -9.62
CA SER A 42 -10.67 5.04 -10.61
C SER A 42 -9.75 3.89 -11.01
N ALA A 43 -8.87 3.52 -10.09
CA ALA A 43 -7.93 2.45 -10.33
C ALA A 43 -8.20 1.30 -9.34
N VAL A 44 -8.22 1.66 -8.07
CA VAL A 44 -8.47 0.69 -7.02
C VAL A 44 -9.39 1.30 -5.96
N VAL A 45 -10.14 0.43 -5.31
CA VAL A 45 -11.07 0.87 -4.27
C VAL A 45 -10.66 0.26 -2.93
N VAL A 46 -11.05 0.93 -1.85
CA VAL A 46 -10.73 0.46 -0.52
C VAL A 46 -12.03 0.08 0.20
N GLN A 47 -11.98 -1.07 0.85
CA GLN A 47 -13.14 -1.56 1.59
C GLN A 47 -12.70 -2.24 2.89
N GLY A 48 -13.26 -1.77 3.98
CA GLY A 48 -12.93 -2.33 5.29
C GLY A 48 -12.20 -1.31 6.15
N LEU A 49 -12.46 -0.04 5.88
CA LEU A 49 -11.82 1.04 6.61
C LEU A 49 -12.79 1.54 7.68
N PRO A 50 -12.22 2.32 8.64
CA PRO A 50 -13.01 2.89 9.73
C PRO A 50 -13.87 4.06 9.24
N GLU A 51 -14.73 4.52 10.12
CA GLU A 51 -15.61 5.63 9.79
C GLU A 51 -14.79 6.90 9.54
N GLY A 52 -15.27 7.70 8.59
CA GLY A 52 -14.59 8.93 8.25
C GLY A 52 -13.07 8.74 8.21
N VAL A 53 -12.65 7.66 7.56
CA VAL A 53 -11.24 7.34 7.46
C VAL A 53 -10.94 6.90 6.02
N ALA A 54 -9.92 7.52 5.45
CA ALA A 54 -9.51 7.18 4.09
C ALA A 54 -8.34 6.21 4.14
N PHE A 55 -7.91 5.78 2.95
CA PHE A 55 -6.80 4.86 2.84
C PHE A 55 -5.47 5.60 2.74
N GLN A 56 -5.52 6.88 3.09
CA GLN A 56 -4.32 7.71 3.04
C GLN A 56 -3.15 6.99 3.70
N HIS A 57 -1.97 7.57 3.53
CA HIS A 57 -0.77 7.00 4.10
C HIS A 57 -1.00 6.70 5.60
N PRO A 58 -0.33 5.61 6.07
CA PRO A 58 -0.45 5.21 7.46
C PRO A 58 0.35 6.14 8.37
N GLU A 59 1.44 6.64 7.83
CA GLU A 59 2.30 7.54 8.58
C GLU A 59 1.47 8.65 9.23
N ASN A 60 0.30 8.88 8.66
CA ASN A 60 -0.60 9.90 9.18
C ASN A 60 -1.48 9.31 10.26
N TYR A 61 -2.08 8.17 9.94
CA TYR A 61 -2.95 7.48 10.87
C TYR A 61 -2.41 7.57 12.30
N ASP A 62 -3.32 7.80 13.23
CA ASP A 62 -2.94 7.90 14.63
C ASP A 62 -2.59 6.51 15.17
N LEU A 63 -1.68 6.50 16.14
CA LEU A 63 -1.25 5.25 16.74
C LEU A 63 -2.45 4.32 16.90
N ALA A 64 -3.55 4.91 17.36
CA ALA A 64 -4.77 4.15 17.57
C ALA A 64 -5.25 3.58 16.24
N THR A 65 -5.43 4.47 15.27
CA THR A 65 -5.88 4.07 13.95
C THR A 65 -4.98 2.96 13.40
N LEU A 66 -3.69 3.21 13.43
CA LEU A 66 -2.72 2.24 12.94
C LEU A 66 -3.02 0.87 13.56
N LYS A 67 -3.12 0.86 14.88
CA LYS A 67 -3.39 -0.36 15.60
C LYS A 67 -4.79 -0.87 15.22
N TRP A 68 -5.67 0.08 14.92
CA TRP A 68 -7.02 -0.25 14.55
C TRP A 68 -6.98 -1.00 13.21
N ILE A 69 -6.46 -0.31 12.20
CA ILE A 69 -6.34 -0.89 10.88
C ILE A 69 -5.89 -2.34 11.00
N LEU A 70 -4.79 -2.53 11.72
CA LEU A 70 -4.24 -3.85 11.91
C LEU A 70 -5.28 -4.73 12.62
N GLU A 71 -5.95 -4.13 13.58
CA GLU A 71 -6.97 -4.84 14.35
C GLU A 71 -8.20 -5.10 13.46
N ASN A 72 -8.20 -4.47 12.30
CA ASN A 72 -9.30 -4.63 11.37
C ASN A 72 -8.75 -4.64 9.94
N LYS A 73 -7.65 -5.36 9.77
CA LYS A 73 -7.02 -5.46 8.47
C LYS A 73 -7.73 -6.54 7.64
N ALA A 74 -8.11 -7.61 8.33
CA ALA A 74 -8.80 -8.71 7.68
C ALA A 74 -10.03 -8.17 6.93
N GLY A 75 -10.57 -7.09 7.46
CA GLY A 75 -11.74 -6.46 6.86
C GLY A 75 -11.35 -5.58 5.68
N ILE A 76 -10.11 -5.08 5.74
CA ILE A 76 -9.61 -4.22 4.69
C ILE A 76 -9.32 -5.06 3.44
N SER A 77 -9.96 -4.67 2.34
CA SER A 77 -9.79 -5.38 1.09
C SER A 77 -9.72 -4.38 -0.07
N PHE A 78 -8.84 -4.69 -1.02
CA PHE A 78 -8.66 -3.82 -2.17
C PHE A 78 -9.47 -4.34 -3.36
N ILE A 79 -10.48 -3.56 -3.74
CA ILE A 79 -11.34 -3.94 -4.85
C ILE A 79 -10.69 -3.46 -6.17
N ILE A 80 -9.89 -4.34 -6.75
CA ILE A 80 -9.22 -4.02 -8.00
C ILE A 80 -10.25 -3.92 -9.12
N ASN A 81 -10.12 -2.87 -9.92
CA ASN A 81 -11.03 -2.65 -11.02
C ASN A 81 -10.23 -2.64 -12.34
N ARG A 82 -9.15 -1.89 -12.32
CA ARG A 82 -8.29 -1.79 -13.50
C ARG A 82 -6.93 -1.21 -13.12
N PRO A 83 -5.91 -1.53 -13.97
CA PRO A 83 -4.56 -1.05 -13.73
C PRO A 83 -4.44 0.43 -14.08
N PHE A 84 -3.22 0.94 -13.93
CA PHE A 84 -2.96 2.35 -14.23
C PHE A 84 -2.39 2.50 -15.64
N LEU A 85 -2.63 3.67 -16.20
CA LEU A 85 -2.15 3.96 -17.54
C LEU A 85 -1.00 4.95 -17.46
N GLY A 86 0.10 4.60 -18.13
CA GLY A 86 1.28 5.44 -18.13
C GLY A 86 2.55 4.60 -17.96
N PRO A 87 3.69 5.17 -18.47
CA PRO A 87 4.96 4.50 -18.38
C PRO A 87 5.53 4.56 -16.96
N GLU A 88 6.70 3.98 -16.80
CA GLU A 88 7.36 3.96 -15.50
C GLU A 88 8.59 4.87 -15.51
N SER A 89 9.13 5.10 -14.33
CA SER A 89 10.30 5.94 -14.19
C SER A 89 10.97 5.69 -12.84
N GLN A 90 12.14 6.30 -12.67
CA GLN A 90 12.89 6.15 -11.44
C GLN A 90 13.49 4.74 -11.36
N LEU A 91 12.60 3.75 -11.29
CA LEU A 91 13.02 2.37 -11.21
C LEU A 91 13.78 2.15 -9.90
N GLY A 92 13.02 1.96 -8.84
CA GLY A 92 13.60 1.74 -7.52
C GLY A 92 14.35 2.98 -7.04
N GLY A 93 15.53 3.17 -7.62
CA GLY A 93 16.36 4.32 -7.27
C GLY A 93 17.83 4.06 -7.62
N SER A 94 18.24 4.64 -8.73
CA SER A 94 19.61 4.49 -9.19
C SER A 94 20.51 5.55 -8.54
N GLY A 95 21.79 5.25 -8.51
CA GLY A 95 22.76 6.17 -7.92
C GLY A 95 24.16 5.54 -7.89
N PRO A 96 24.99 5.92 -8.90
CA PRO A 96 26.34 5.40 -8.99
C PRO A 96 27.25 6.07 -7.94
N SER A 97 27.42 5.36 -6.83
CA SER A 97 28.25 5.86 -5.76
C SER A 97 28.74 4.70 -4.89
N SER A 98 29.93 4.19 -5.24
CA SER A 98 30.52 3.09 -4.51
C SER A 98 31.99 2.92 -4.91
N GLY A 99 32.74 2.29 -4.02
CA GLY A 99 34.15 2.07 -4.27
C GLY A 99 34.67 0.87 -3.46
N GLY A 1 20.98 5.18 3.00
CA GLY A 1 19.57 4.89 2.74
C GLY A 1 18.88 4.38 4.01
N SER A 2 18.68 3.07 4.04
CA SER A 2 18.05 2.44 5.18
C SER A 2 18.58 3.03 6.49
N SER A 3 17.75 2.97 7.51
CA SER A 3 18.13 3.50 8.82
C SER A 3 16.98 3.32 9.80
N GLY A 4 15.85 3.91 9.46
CA GLY A 4 14.66 3.83 10.31
C GLY A 4 14.21 2.37 10.47
N SER A 5 13.93 2.01 11.71
CA SER A 5 13.49 0.67 12.02
C SER A 5 12.05 0.47 11.55
N SER A 6 11.59 -0.77 11.66
CA SER A 6 10.23 -1.11 11.25
C SER A 6 9.34 -1.27 12.48
N GLY A 7 8.23 -0.56 12.46
CA GLY A 7 7.29 -0.62 13.57
C GLY A 7 5.85 -0.80 13.07
N LEU A 8 4.92 -0.20 13.79
CA LEU A 8 3.52 -0.29 13.42
C LEU A 8 3.31 0.36 12.05
N ARG A 9 3.67 1.63 11.97
CA ARG A 9 3.53 2.38 10.73
C ARG A 9 3.92 1.49 9.54
N LYS A 10 5.09 0.88 9.66
CA LYS A 10 5.59 0.01 8.61
C LYS A 10 4.67 -1.20 8.47
N ALA A 11 4.43 -1.86 9.60
CA ALA A 11 3.57 -3.03 9.63
C ALA A 11 2.33 -2.77 8.76
N VAL A 12 1.77 -1.59 8.93
CA VAL A 12 0.59 -1.20 8.19
C VAL A 12 0.93 -1.16 6.69
N GLU A 13 2.09 -0.59 6.40
CA GLU A 13 2.54 -0.49 5.02
C GLU A 13 2.86 -1.87 4.46
N ASP A 14 3.44 -2.71 5.31
CA ASP A 14 3.79 -4.06 4.91
C ASP A 14 2.53 -4.80 4.45
N TYR A 15 1.42 -4.46 5.09
CA TYR A 15 0.15 -5.07 4.76
C TYR A 15 -0.40 -4.54 3.44
N PHE A 16 -0.74 -3.26 3.45
CA PHE A 16 -1.27 -2.62 2.25
C PHE A 16 -0.60 -3.15 0.99
N CYS A 17 0.70 -3.40 1.11
CA CYS A 17 1.47 -3.90 -0.01
C CYS A 17 0.93 -5.29 -0.37
N PHE A 18 1.03 -6.20 0.59
CA PHE A 18 0.56 -7.55 0.39
C PHE A 18 -0.83 -7.57 -0.25
N CYS A 19 -1.65 -6.62 0.18
CA CYS A 19 -3.00 -6.51 -0.35
C CYS A 19 -2.92 -6.33 -1.86
N TYR A 20 -2.36 -5.20 -2.26
CA TYR A 20 -2.21 -4.90 -3.67
C TYR A 20 -1.58 -6.07 -4.43
N GLY A 21 -0.64 -6.73 -3.76
CA GLY A 21 0.03 -7.87 -4.34
C GLY A 21 -0.90 -9.07 -4.44
N LYS A 22 -1.74 -9.21 -3.44
CA LYS A 22 -2.70 -10.32 -3.39
C LYS A 22 -3.80 -10.08 -4.43
N ALA A 23 -4.01 -8.80 -4.72
CA ALA A 23 -5.04 -8.42 -5.69
C ALA A 23 -4.47 -8.53 -7.10
N LEU A 24 -3.26 -8.01 -7.26
CA LEU A 24 -2.60 -8.05 -8.55
C LEU A 24 -2.46 -9.51 -9.01
N GLY A 25 -2.39 -10.40 -8.03
CA GLY A 25 -2.27 -11.82 -8.31
C GLY A 25 -0.80 -12.24 -8.30
N THR A 26 -0.01 -11.54 -7.51
CA THR A 26 1.41 -11.84 -7.40
C THR A 26 1.70 -12.52 -6.06
N THR A 27 2.93 -13.02 -5.96
CA THR A 27 3.35 -13.70 -4.75
C THR A 27 4.39 -12.86 -4.00
N VAL A 28 4.49 -11.60 -4.39
CA VAL A 28 5.43 -10.69 -3.77
C VAL A 28 4.68 -9.45 -3.27
N MET A 29 5.45 -8.51 -2.74
CA MET A 29 4.87 -7.28 -2.22
C MET A 29 4.89 -6.17 -3.28
N VAL A 30 3.76 -5.50 -3.40
CA VAL A 30 3.64 -4.41 -4.37
C VAL A 30 3.48 -3.08 -3.63
N PRO A 31 4.26 -2.08 -4.09
CA PRO A 31 4.20 -0.76 -3.48
C PRO A 31 2.94 -0.01 -3.89
N VAL A 32 1.95 -0.03 -3.00
CA VAL A 32 0.69 0.63 -3.26
C VAL A 32 0.95 2.03 -3.80
N PRO A 33 0.50 2.26 -5.05
CA PRO A 33 0.68 3.56 -5.70
C PRO A 33 -0.28 4.60 -5.13
N TYR A 34 0.12 5.19 -4.01
CA TYR A 34 -0.69 6.19 -3.37
C TYR A 34 -0.92 7.39 -4.28
N GLU A 35 0.17 8.08 -4.60
CA GLU A 35 0.10 9.24 -5.46
C GLU A 35 -0.92 9.02 -6.57
N LYS A 36 -0.93 7.79 -7.08
CA LYS A 36 -1.84 7.42 -8.15
C LYS A 36 -3.27 7.45 -7.63
N MET A 37 -3.56 6.48 -6.75
CA MET A 37 -4.89 6.38 -6.17
C MET A 37 -5.34 7.73 -5.60
N LEU A 38 -4.44 8.36 -4.87
CA LEU A 38 -4.74 9.65 -4.27
C LEU A 38 -5.22 10.61 -5.35
N ARG A 39 -4.51 10.60 -6.47
CA ARG A 39 -4.87 11.47 -7.58
C ARG A 39 -6.19 11.02 -8.21
N ASP A 40 -6.24 9.75 -8.56
CA ASP A 40 -7.44 9.18 -9.16
C ASP A 40 -7.75 7.84 -8.49
N GLN A 41 -8.95 7.77 -7.92
CA GLN A 41 -9.39 6.57 -7.25
C GLN A 41 -10.16 5.68 -8.22
N SER A 42 -9.94 5.92 -9.50
CA SER A 42 -10.61 5.16 -10.54
C SER A 42 -9.73 3.98 -10.98
N ALA A 43 -8.84 3.59 -10.07
CA ALA A 43 -7.93 2.49 -10.36
C ALA A 43 -8.20 1.34 -9.38
N VAL A 44 -8.19 1.69 -8.10
CA VAL A 44 -8.43 0.71 -7.05
C VAL A 44 -9.39 1.29 -6.02
N VAL A 45 -10.12 0.40 -5.37
CA VAL A 45 -11.08 0.81 -4.35
C VAL A 45 -10.70 0.18 -3.01
N VAL A 46 -10.89 0.96 -1.95
CA VAL A 46 -10.57 0.50 -0.61
C VAL A 46 -11.86 0.09 0.10
N GLN A 47 -11.78 -1.02 0.81
CA GLN A 47 -12.93 -1.53 1.53
C GLN A 47 -12.48 -2.18 2.84
N GLY A 48 -13.12 -1.76 3.93
CA GLY A 48 -12.81 -2.29 5.23
C GLY A 48 -12.04 -1.26 6.07
N LEU A 49 -12.37 0.00 5.83
CA LEU A 49 -11.72 1.09 6.56
C LEU A 49 -12.68 1.62 7.64
N PRO A 50 -12.10 2.40 8.58
CA PRO A 50 -12.88 2.97 9.66
C PRO A 50 -13.74 4.14 9.16
N GLU A 51 -14.64 4.59 10.03
CA GLU A 51 -15.52 5.69 9.69
C GLU A 51 -14.72 6.98 9.53
N GLY A 52 -15.07 7.74 8.50
CA GLY A 52 -14.39 8.99 8.23
C GLY A 52 -12.87 8.80 8.19
N VAL A 53 -12.45 7.75 7.50
CA VAL A 53 -11.04 7.45 7.39
C VAL A 53 -10.73 6.98 5.96
N ALA A 54 -9.72 7.61 5.37
CA ALA A 54 -9.32 7.27 4.02
C ALA A 54 -8.13 6.32 4.07
N PHE A 55 -7.77 5.79 2.90
CA PHE A 55 -6.66 4.87 2.79
C PHE A 55 -5.34 5.62 2.69
N GLN A 56 -5.40 6.92 2.95
CA GLN A 56 -4.22 7.75 2.88
C GLN A 56 -3.05 7.09 3.63
N HIS A 57 -1.85 7.58 3.33
CA HIS A 57 -0.66 7.05 3.97
C HIS A 57 -0.93 6.78 5.45
N PRO A 58 -0.33 5.67 5.96
CA PRO A 58 -0.49 5.30 7.35
C PRO A 58 0.33 6.21 8.27
N GLU A 59 1.42 6.72 7.72
CA GLU A 59 2.29 7.60 8.48
C GLU A 59 1.48 8.72 9.13
N ASN A 60 0.30 8.95 8.58
CA ASN A 60 -0.58 9.99 9.10
C ASN A 60 -1.48 9.39 10.19
N TYR A 61 -2.06 8.24 9.87
CA TYR A 61 -2.94 7.57 10.81
C TYR A 61 -2.41 7.69 12.24
N ASP A 62 -3.35 7.81 13.17
CA ASP A 62 -2.99 7.93 14.57
C ASP A 62 -2.61 6.55 15.12
N LEU A 63 -1.69 6.57 16.08
CA LEU A 63 -1.23 5.34 16.69
C LEU A 63 -2.42 4.40 16.91
N ALA A 64 -3.57 5.01 17.15
CA ALA A 64 -4.79 4.25 17.38
C ALA A 64 -5.25 3.62 16.06
N THR A 65 -5.50 4.47 15.08
CA THR A 65 -5.94 4.01 13.78
C THR A 65 -5.01 2.91 13.26
N LEU A 66 -3.72 3.20 13.33
CA LEU A 66 -2.72 2.24 12.87
C LEU A 66 -3.01 0.87 13.49
N LYS A 67 -3.13 0.87 14.81
CA LYS A 67 -3.41 -0.37 15.54
C LYS A 67 -4.81 -0.86 15.18
N TRP A 68 -5.67 0.10 14.83
CA TRP A 68 -7.04 -0.22 14.48
C TRP A 68 -7.01 -0.99 13.16
N ILE A 69 -6.47 -0.34 12.13
CA ILE A 69 -6.38 -0.95 10.82
C ILE A 69 -5.88 -2.40 10.97
N LEU A 70 -4.79 -2.54 11.70
CA LEU A 70 -4.22 -3.85 11.93
C LEU A 70 -5.24 -4.74 12.65
N GLU A 71 -5.89 -4.16 13.64
CA GLU A 71 -6.89 -4.88 14.41
C GLU A 71 -8.08 -5.25 13.51
N ASN A 72 -8.17 -4.57 12.39
CA ASN A 72 -9.25 -4.81 11.45
C ASN A 72 -8.68 -4.79 10.02
N LYS A 73 -7.58 -5.50 9.85
CA LYS A 73 -6.93 -5.58 8.55
C LYS A 73 -7.65 -6.62 7.69
N ALA A 74 -7.97 -7.74 8.31
CA ALA A 74 -8.67 -8.81 7.62
C ALA A 74 -9.89 -8.24 6.90
N GLY A 75 -10.36 -7.10 7.41
CA GLY A 75 -11.51 -6.44 6.83
C GLY A 75 -11.11 -5.57 5.64
N ILE A 76 -9.87 -5.11 5.67
CA ILE A 76 -9.36 -4.26 4.61
C ILE A 76 -9.13 -5.11 3.35
N SER A 77 -9.75 -4.67 2.28
CA SER A 77 -9.63 -5.38 1.01
C SER A 77 -9.57 -4.37 -0.15
N PHE A 78 -8.67 -4.64 -1.07
CA PHE A 78 -8.50 -3.77 -2.23
C PHE A 78 -9.34 -4.27 -3.41
N ILE A 79 -10.44 -3.59 -3.63
CA ILE A 79 -11.34 -3.95 -4.72
C ILE A 79 -10.81 -3.35 -6.03
N ILE A 80 -9.97 -4.13 -6.70
CA ILE A 80 -9.38 -3.68 -7.96
C ILE A 80 -10.51 -3.45 -8.97
N ASN A 81 -10.21 -2.60 -9.95
CA ASN A 81 -11.17 -2.29 -10.98
C ASN A 81 -10.45 -2.22 -12.34
N ARG A 82 -9.34 -1.50 -12.35
CA ARG A 82 -8.55 -1.35 -13.56
C ARG A 82 -7.13 -0.89 -13.22
N PRO A 83 -6.20 -1.19 -14.16
CA PRO A 83 -4.80 -0.80 -13.97
C PRO A 83 -4.61 0.69 -14.20
N PHE A 84 -3.38 1.14 -13.96
CA PHE A 84 -3.06 2.55 -14.13
C PHE A 84 -2.47 2.81 -15.52
N LEU A 85 -2.71 1.85 -16.41
CA LEU A 85 -2.21 1.97 -17.77
C LEU A 85 -0.69 1.83 -17.76
N GLY A 86 -0.23 0.66 -18.17
CA GLY A 86 1.20 0.39 -18.22
C GLY A 86 1.55 -0.81 -17.33
N PRO A 87 2.70 -1.46 -17.68
CA PRO A 87 3.16 -2.61 -16.92
C PRO A 87 3.76 -2.19 -15.59
N GLU A 88 3.98 -3.16 -14.72
CA GLU A 88 4.54 -2.91 -13.41
C GLU A 88 5.63 -3.93 -13.09
N SER A 89 6.74 -3.43 -12.56
CA SER A 89 7.86 -4.28 -12.21
C SER A 89 9.02 -3.44 -11.71
N GLN A 90 9.18 -3.41 -10.39
CA GLN A 90 10.25 -2.65 -9.78
C GLN A 90 10.85 -3.43 -8.59
N LEU A 91 12.15 -3.66 -8.67
CA LEU A 91 12.85 -4.38 -7.63
C LEU A 91 13.79 -3.43 -6.89
N GLY A 92 13.93 -3.66 -5.60
CA GLY A 92 14.80 -2.83 -4.78
C GLY A 92 15.66 -3.70 -3.86
N GLY A 93 16.39 -3.03 -2.97
CA GLY A 93 17.26 -3.71 -2.04
C GLY A 93 18.73 -3.32 -2.27
N SER A 94 19.23 -2.47 -1.39
CA SER A 94 20.60 -2.01 -1.49
C SER A 94 20.98 -1.19 -0.26
N GLY A 95 21.23 -1.91 0.83
CA GLY A 95 21.60 -1.27 2.08
C GLY A 95 23.00 -1.69 2.52
N PRO A 96 23.95 -0.72 2.43
CA PRO A 96 25.32 -0.99 2.82
C PRO A 96 25.46 -1.03 4.35
N SER A 97 26.71 -1.19 4.79
CA SER A 97 26.98 -1.24 6.22
C SER A 97 28.48 -1.08 6.46
N SER A 98 28.81 -0.67 7.67
CA SER A 98 30.20 -0.46 8.05
C SER A 98 30.29 0.07 9.48
N GLY A 99 31.41 -0.23 10.11
CA GLY A 99 31.63 0.21 11.48
C GLY A 99 32.92 -0.38 12.05
N GLY A 1 13.85 -10.38 6.51
CA GLY A 1 13.30 -11.52 5.79
C GLY A 1 11.82 -11.72 6.12
N SER A 2 11.55 -12.87 6.72
CA SER A 2 10.18 -13.20 7.10
C SER A 2 9.89 -12.66 8.51
N SER A 3 9.24 -11.50 8.54
CA SER A 3 8.90 -10.87 9.81
C SER A 3 10.09 -10.93 10.76
N GLY A 4 10.86 -9.85 10.76
CA GLY A 4 12.04 -9.77 11.61
C GLY A 4 12.26 -8.33 12.09
N SER A 5 11.67 -8.03 13.24
CA SER A 5 11.80 -6.69 13.82
C SER A 5 11.12 -5.67 12.91
N SER A 6 9.96 -5.21 13.35
CA SER A 6 9.20 -4.22 12.59
C SER A 6 8.27 -3.45 13.52
N GLY A 7 8.04 -2.20 13.17
CA GLY A 7 7.16 -1.34 13.95
C GLY A 7 5.70 -1.52 13.54
N LEU A 8 4.91 -0.49 13.82
CA LEU A 8 3.49 -0.52 13.50
C LEU A 8 3.28 0.14 12.13
N ARG A 9 3.53 1.44 12.10
CA ARG A 9 3.37 2.20 10.87
C ARG A 9 3.83 1.37 9.67
N LYS A 10 5.06 0.89 9.76
CA LYS A 10 5.64 0.09 8.69
C LYS A 10 4.77 -1.16 8.48
N ALA A 11 4.45 -1.80 9.59
CA ALA A 11 3.63 -3.00 9.55
C ALA A 11 2.41 -2.76 8.66
N VAL A 12 1.80 -1.60 8.85
CA VAL A 12 0.63 -1.23 8.08
C VAL A 12 1.02 -1.10 6.60
N GLU A 13 2.20 -0.54 6.39
CA GLU A 13 2.70 -0.36 5.03
C GLU A 13 3.06 -1.71 4.41
N ASP A 14 3.65 -2.57 5.23
CA ASP A 14 4.05 -3.89 4.76
C ASP A 14 2.80 -4.70 4.45
N TYR A 15 1.68 -4.27 5.01
CA TYR A 15 0.41 -4.95 4.79
C TYR A 15 -0.26 -4.46 3.51
N PHE A 16 -0.62 -3.19 3.52
CA PHE A 16 -1.27 -2.59 2.36
C PHE A 16 -0.68 -3.13 1.06
N CYS A 17 0.61 -3.41 1.10
CA CYS A 17 1.30 -3.93 -0.07
C CYS A 17 0.75 -5.33 -0.36
N PHE A 18 1.03 -6.24 0.57
CA PHE A 18 0.58 -7.61 0.42
C PHE A 18 -0.83 -7.67 -0.18
N CYS A 19 -1.62 -6.65 0.15
CA CYS A 19 -2.98 -6.57 -0.36
C CYS A 19 -2.92 -6.34 -1.87
N TYR A 20 -2.45 -5.16 -2.24
CA TYR A 20 -2.34 -4.81 -3.64
C TYR A 20 -1.72 -5.95 -4.45
N GLY A 21 -0.82 -6.67 -3.80
CA GLY A 21 -0.15 -7.79 -4.45
C GLY A 21 -1.09 -8.99 -4.57
N LYS A 22 -1.93 -9.16 -3.55
CA LYS A 22 -2.88 -10.26 -3.53
C LYS A 22 -3.98 -9.99 -4.57
N ALA A 23 -4.17 -8.71 -4.86
CA ALA A 23 -5.18 -8.32 -5.82
C ALA A 23 -4.59 -8.38 -7.23
N LEU A 24 -3.39 -7.86 -7.35
CA LEU A 24 -2.70 -7.84 -8.64
C LEU A 24 -2.56 -9.28 -9.15
N GLY A 25 -2.49 -10.21 -8.21
CA GLY A 25 -2.36 -11.61 -8.54
C GLY A 25 -0.89 -12.04 -8.53
N THR A 26 -0.11 -11.36 -7.72
CA THR A 26 1.31 -11.66 -7.60
C THR A 26 1.60 -12.38 -6.28
N THR A 27 2.82 -12.90 -6.19
CA THR A 27 3.23 -13.62 -5.00
C THR A 27 4.28 -12.82 -4.22
N VAL A 28 4.35 -11.53 -4.55
CA VAL A 28 5.29 -10.64 -3.89
C VAL A 28 4.55 -9.41 -3.37
N MET A 29 5.33 -8.46 -2.88
CA MET A 29 4.77 -7.23 -2.36
C MET A 29 4.82 -6.11 -3.40
N VAL A 30 3.70 -5.42 -3.54
CA VAL A 30 3.60 -4.33 -4.49
C VAL A 30 3.47 -3.01 -3.74
N PRO A 31 4.24 -1.99 -4.20
CA PRO A 31 4.22 -0.68 -3.58
C PRO A 31 2.95 0.08 -3.95
N VAL A 32 2.00 0.06 -3.04
CA VAL A 32 0.73 0.75 -3.26
C VAL A 32 1.01 2.15 -3.81
N PRO A 33 0.56 2.37 -5.06
CA PRO A 33 0.75 3.65 -5.71
C PRO A 33 -0.22 4.70 -5.15
N TYR A 34 0.17 5.28 -4.02
CA TYR A 34 -0.65 6.28 -3.37
C TYR A 34 -0.90 7.47 -4.30
N GLU A 35 0.17 8.18 -4.61
CA GLU A 35 0.09 9.34 -5.48
C GLU A 35 -0.93 9.07 -6.59
N LYS A 36 -0.90 7.87 -7.12
CA LYS A 36 -1.81 7.48 -8.18
C LYS A 36 -3.24 7.45 -7.64
N MET A 37 -3.48 6.48 -6.76
CA MET A 37 -4.79 6.32 -6.16
C MET A 37 -5.32 7.66 -5.64
N LEU A 38 -4.43 8.39 -4.97
CA LEU A 38 -4.79 9.68 -4.41
C LEU A 38 -5.24 10.61 -5.54
N ARG A 39 -4.50 10.58 -6.64
CA ARG A 39 -4.81 11.41 -7.78
C ARG A 39 -6.12 10.95 -8.42
N ASP A 40 -6.17 9.66 -8.73
CA ASP A 40 -7.35 9.08 -9.35
C ASP A 40 -7.73 7.80 -8.61
N GLN A 41 -8.96 7.76 -8.13
CA GLN A 41 -9.46 6.60 -7.42
C GLN A 41 -10.21 5.67 -8.37
N SER A 42 -9.94 5.84 -9.65
CA SER A 42 -10.58 5.02 -10.67
C SER A 42 -9.66 3.86 -11.06
N ALA A 43 -8.83 3.46 -10.12
CA ALA A 43 -7.90 2.37 -10.34
C ALA A 43 -8.18 1.24 -9.35
N VAL A 44 -8.11 1.59 -8.08
CA VAL A 44 -8.36 0.62 -7.01
C VAL A 44 -9.29 1.24 -5.98
N VAL A 45 -10.06 0.37 -5.33
CA VAL A 45 -11.00 0.81 -4.31
C VAL A 45 -10.61 0.18 -2.97
N VAL A 46 -10.93 0.90 -1.89
CA VAL A 46 -10.64 0.42 -0.55
C VAL A 46 -11.94 0.05 0.15
N GLN A 47 -11.90 -1.08 0.84
CA GLN A 47 -13.06 -1.56 1.56
C GLN A 47 -12.64 -2.24 2.87
N GLY A 48 -13.23 -1.78 3.95
CA GLY A 48 -12.93 -2.33 5.26
C GLY A 48 -12.19 -1.32 6.13
N LEU A 49 -12.48 -0.05 5.87
CA LEU A 49 -11.84 1.03 6.61
C LEU A 49 -12.81 1.53 7.69
N PRO A 50 -12.24 2.31 8.65
CA PRO A 50 -13.04 2.86 9.74
C PRO A 50 -13.89 4.03 9.25
N GLU A 51 -14.91 4.35 10.03
CA GLU A 51 -15.80 5.45 9.70
C GLU A 51 -15.03 6.77 9.67
N GLY A 52 -15.25 7.52 8.60
CA GLY A 52 -14.59 8.80 8.43
C GLY A 52 -13.07 8.63 8.37
N VAL A 53 -12.64 7.68 7.55
CA VAL A 53 -11.23 7.41 7.40
C VAL A 53 -10.96 6.98 5.95
N ALA A 54 -9.83 7.44 5.43
CA ALA A 54 -9.44 7.11 4.06
C ALA A 54 -8.25 6.15 4.09
N PHE A 55 -7.86 5.70 2.91
CA PHE A 55 -6.73 4.79 2.79
C PHE A 55 -5.41 5.56 2.69
N GLN A 56 -5.48 6.84 3.05
CA GLN A 56 -4.30 7.69 3.01
C GLN A 56 -3.13 7.02 3.73
N HIS A 57 -1.95 7.55 3.48
CA HIS A 57 -0.74 7.01 4.10
C HIS A 57 -1.01 6.73 5.58
N PRO A 58 -0.36 5.64 6.09
CA PRO A 58 -0.52 5.27 7.47
C PRO A 58 0.26 6.20 8.39
N GLU A 59 1.38 6.70 7.87
CA GLU A 59 2.22 7.61 8.64
C GLU A 59 1.37 8.69 9.30
N ASN A 60 0.21 8.92 8.71
CA ASN A 60 -0.70 9.93 9.23
C ASN A 60 -1.58 9.30 10.32
N TYR A 61 -2.16 8.16 9.98
CA TYR A 61 -3.02 7.45 10.91
C TYR A 61 -2.48 7.55 12.34
N ASP A 62 -3.40 7.81 13.26
CA ASP A 62 -3.03 7.95 14.67
C ASP A 62 -2.64 6.57 15.21
N LEU A 63 -1.69 6.59 16.14
CA LEU A 63 -1.22 5.35 16.75
C LEU A 63 -2.41 4.43 16.99
N ALA A 64 -3.56 5.04 17.23
CA ALA A 64 -4.77 4.28 17.48
C ALA A 64 -5.27 3.66 16.18
N THR A 65 -5.48 4.52 15.19
CA THR A 65 -5.95 4.07 13.89
C THR A 65 -5.05 2.95 13.36
N LEU A 66 -3.74 3.20 13.43
CA LEU A 66 -2.76 2.24 12.96
C LEU A 66 -3.08 0.88 13.57
N LYS A 67 -3.16 0.87 14.90
CA LYS A 67 -3.45 -0.38 15.62
C LYS A 67 -4.85 -0.86 15.24
N TRP A 68 -5.71 0.09 14.92
CA TRP A 68 -7.08 -0.23 14.54
C TRP A 68 -7.03 -0.99 13.22
N ILE A 69 -6.44 -0.35 12.22
CA ILE A 69 -6.32 -0.94 10.91
C ILE A 69 -5.85 -2.38 11.05
N LEU A 70 -4.75 -2.55 11.78
CA LEU A 70 -4.19 -3.87 12.00
C LEU A 70 -5.23 -4.76 12.68
N GLU A 71 -5.91 -4.18 13.65
CA GLU A 71 -6.93 -4.90 14.40
C GLU A 71 -8.11 -5.23 13.48
N ASN A 72 -8.17 -4.51 12.37
CA ASN A 72 -9.25 -4.72 11.41
C ASN A 72 -8.67 -4.68 9.99
N LYS A 73 -7.58 -5.42 9.81
CA LYS A 73 -6.93 -5.47 8.51
C LYS A 73 -7.64 -6.50 7.63
N ALA A 74 -7.94 -7.64 8.23
CA ALA A 74 -8.61 -8.71 7.52
C ALA A 74 -9.84 -8.15 6.81
N GLY A 75 -10.36 -7.07 7.37
CA GLY A 75 -11.53 -6.42 6.81
C GLY A 75 -11.15 -5.53 5.62
N ILE A 76 -9.94 -5.01 5.68
CA ILE A 76 -9.45 -4.13 4.63
C ILE A 76 -9.15 -4.97 3.39
N SER A 77 -9.87 -4.67 2.32
CA SER A 77 -9.70 -5.37 1.06
C SER A 77 -9.62 -4.38 -0.10
N PHE A 78 -8.76 -4.70 -1.06
CA PHE A 78 -8.57 -3.85 -2.21
C PHE A 78 -9.40 -4.35 -3.40
N ILE A 79 -10.43 -3.60 -3.73
CA ILE A 79 -11.30 -3.95 -4.84
C ILE A 79 -10.68 -3.46 -6.14
N ILE A 80 -9.86 -4.32 -6.74
CA ILE A 80 -9.20 -3.98 -8.00
C ILE A 80 -10.25 -3.88 -9.10
N ASN A 81 -9.97 -3.00 -10.06
CA ASN A 81 -10.88 -2.80 -11.17
C ASN A 81 -10.07 -2.75 -12.47
N ARG A 82 -9.05 -1.91 -12.47
CA ARG A 82 -8.20 -1.75 -13.63
C ARG A 82 -6.83 -1.20 -13.22
N PRO A 83 -5.81 -1.49 -14.09
CA PRO A 83 -4.47 -1.03 -13.82
C PRO A 83 -4.32 0.47 -14.10
N PHE A 84 -3.15 0.99 -13.81
CA PHE A 84 -2.87 2.40 -14.02
C PHE A 84 -2.27 2.63 -15.41
N LEU A 85 -2.45 1.64 -16.28
CA LEU A 85 -1.94 1.73 -17.64
C LEU A 85 -0.41 1.83 -17.59
N GLY A 86 0.21 0.68 -17.30
CA GLY A 86 1.66 0.62 -17.23
C GLY A 86 2.13 -0.80 -16.98
N PRO A 87 3.48 -1.00 -17.11
CA PRO A 87 4.07 -2.32 -16.90
C PRO A 87 4.13 -2.66 -15.42
N GLU A 88 4.55 -3.89 -15.14
CA GLU A 88 4.66 -4.35 -13.77
C GLU A 88 6.13 -4.48 -13.37
N SER A 89 6.64 -3.42 -12.77
CA SER A 89 8.03 -3.41 -12.34
C SER A 89 8.22 -4.37 -11.15
N GLN A 90 9.01 -5.40 -11.40
CA GLN A 90 9.28 -6.39 -10.37
C GLN A 90 10.65 -6.15 -9.74
N LEU A 91 10.63 -5.64 -8.52
CA LEU A 91 11.86 -5.35 -7.80
C LEU A 91 12.22 -6.55 -6.93
N GLY A 92 13.21 -7.32 -7.40
CA GLY A 92 13.66 -8.49 -6.68
C GLY A 92 14.97 -8.21 -5.95
N GLY A 93 14.85 -7.56 -4.81
CA GLY A 93 16.02 -7.22 -4.01
C GLY A 93 16.26 -8.28 -2.93
N SER A 94 17.24 -8.00 -2.08
CA SER A 94 17.58 -8.91 -1.00
C SER A 94 18.08 -8.13 0.22
N GLY A 95 17.97 -8.76 1.38
CA GLY A 95 18.41 -8.13 2.61
C GLY A 95 19.22 -9.11 3.46
N PRO A 96 20.14 -8.54 4.29
CA PRO A 96 20.99 -9.34 5.15
C PRO A 96 20.19 -9.86 6.35
N SER A 97 20.82 -10.77 7.08
CA SER A 97 20.20 -11.35 8.25
C SER A 97 21.08 -11.14 9.48
N SER A 98 20.44 -10.90 10.61
CA SER A 98 21.15 -10.68 11.86
C SER A 98 20.76 -11.76 12.87
N GLY A 99 21.56 -11.84 13.92
CA GLY A 99 21.31 -12.82 14.98
C GLY A 99 21.50 -12.20 16.36
N GLY A 1 19.91 5.29 9.38
CA GLY A 1 19.70 3.91 8.98
C GLY A 1 19.41 3.80 7.48
N SER A 2 20.09 2.87 6.84
CA SER A 2 19.92 2.66 5.42
C SER A 2 18.48 2.22 5.11
N SER A 3 18.09 1.11 5.72
CA SER A 3 16.75 0.58 5.53
C SER A 3 16.56 -0.67 6.39
N GLY A 4 16.23 -0.43 7.65
CA GLY A 4 16.01 -1.52 8.58
C GLY A 4 15.26 -1.04 9.83
N SER A 5 13.93 -1.11 9.74
CA SER A 5 13.09 -0.69 10.85
C SER A 5 11.77 -1.46 10.83
N SER A 6 11.49 -2.11 11.95
CA SER A 6 10.26 -2.90 12.07
C SER A 6 9.38 -2.30 13.16
N GLY A 7 8.29 -1.69 12.73
CA GLY A 7 7.34 -1.09 13.66
C GLY A 7 5.90 -1.24 13.16
N LEU A 8 5.03 -0.38 13.68
CA LEU A 8 3.63 -0.41 13.30
C LEU A 8 3.44 0.37 12.00
N ARG A 9 3.72 1.65 12.08
CA ARG A 9 3.59 2.52 10.92
C ARG A 9 4.07 1.81 9.66
N LYS A 10 5.06 0.94 9.85
CA LYS A 10 5.63 0.18 8.74
C LYS A 10 4.75 -1.05 8.48
N ALA A 11 4.49 -1.78 9.55
CA ALA A 11 3.68 -2.99 9.46
C ALA A 11 2.46 -2.70 8.57
N VAL A 12 1.77 -1.63 8.90
CA VAL A 12 0.59 -1.24 8.15
C VAL A 12 0.94 -1.16 6.66
N GLU A 13 2.14 -0.66 6.40
CA GLU A 13 2.61 -0.52 5.03
C GLU A 13 2.97 -1.90 4.45
N ASP A 14 3.53 -2.73 5.31
CA ASP A 14 3.92 -4.07 4.90
C ASP A 14 2.67 -4.89 4.57
N TYR A 15 1.53 -4.38 5.03
CA TYR A 15 0.26 -5.05 4.79
C TYR A 15 -0.37 -4.57 3.49
N PHE A 16 -0.72 -3.29 3.48
CA PHE A 16 -1.33 -2.68 2.30
C PHE A 16 -0.71 -3.24 1.02
N CYS A 17 0.61 -3.36 1.04
CA CYS A 17 1.33 -3.87 -0.12
C CYS A 17 0.84 -5.29 -0.40
N PHE A 18 0.98 -6.14 0.60
CA PHE A 18 0.56 -7.52 0.46
C PHE A 18 -0.85 -7.62 -0.13
N CYS A 19 -1.68 -6.65 0.26
CA CYS A 19 -3.05 -6.60 -0.23
C CYS A 19 -3.03 -6.36 -1.75
N TYR A 20 -2.49 -5.20 -2.11
CA TYR A 20 -2.39 -4.84 -3.52
C TYR A 20 -1.78 -5.98 -4.34
N GLY A 21 -0.77 -6.60 -3.77
CA GLY A 21 -0.09 -7.70 -4.43
C GLY A 21 -1.02 -8.91 -4.57
N LYS A 22 -1.77 -9.17 -3.51
CA LYS A 22 -2.70 -10.27 -3.50
C LYS A 22 -3.83 -10.01 -4.51
N ALA A 23 -4.09 -8.74 -4.72
CA ALA A 23 -5.12 -8.34 -5.66
C ALA A 23 -4.57 -8.37 -7.08
N LEU A 24 -3.36 -7.82 -7.22
CA LEU A 24 -2.71 -7.78 -8.52
C LEU A 24 -2.57 -9.22 -9.07
N GLY A 25 -2.49 -10.16 -8.14
CA GLY A 25 -2.35 -11.56 -8.50
C GLY A 25 -0.88 -11.98 -8.47
N THR A 26 -0.10 -11.24 -7.71
CA THR A 26 1.33 -11.53 -7.59
C THR A 26 1.61 -12.24 -6.27
N THR A 27 2.68 -13.02 -6.28
CA THR A 27 3.08 -13.77 -5.09
C THR A 27 4.11 -12.98 -4.29
N VAL A 28 4.09 -11.67 -4.49
CA VAL A 28 5.01 -10.80 -3.79
C VAL A 28 4.27 -9.52 -3.35
N MET A 29 5.02 -8.63 -2.71
CA MET A 29 4.45 -7.39 -2.24
C MET A 29 4.60 -6.29 -3.28
N VAL A 30 3.53 -5.52 -3.45
CA VAL A 30 3.53 -4.43 -4.41
C VAL A 30 3.39 -3.10 -3.66
N PRO A 31 4.18 -2.09 -4.13
CA PRO A 31 4.14 -0.77 -3.53
C PRO A 31 2.87 -0.02 -3.92
N VAL A 32 1.96 0.06 -2.98
CA VAL A 32 0.69 0.75 -3.20
C VAL A 32 0.97 2.14 -3.77
N PRO A 33 0.51 2.36 -5.02
CA PRO A 33 0.70 3.63 -5.68
C PRO A 33 -0.24 4.70 -5.12
N TYR A 34 0.13 5.21 -3.95
CA TYR A 34 -0.67 6.22 -3.29
C TYR A 34 -0.91 7.42 -4.22
N GLU A 35 0.14 8.17 -4.47
CA GLU A 35 0.07 9.33 -5.33
C GLU A 35 -0.97 9.10 -6.43
N LYS A 36 -0.90 7.92 -7.04
CA LYS A 36 -1.82 7.57 -8.10
C LYS A 36 -3.24 7.54 -7.54
N MET A 37 -3.48 6.56 -6.68
CA MET A 37 -4.79 6.40 -6.07
C MET A 37 -5.32 7.74 -5.55
N LEU A 38 -4.40 8.55 -5.05
CA LEU A 38 -4.76 9.85 -4.52
C LEU A 38 -5.16 10.77 -5.68
N ARG A 39 -4.51 10.56 -6.81
CA ARG A 39 -4.78 11.37 -7.99
C ARG A 39 -6.10 10.93 -8.63
N ASP A 40 -6.24 9.63 -8.80
CA ASP A 40 -7.45 9.07 -9.39
C ASP A 40 -7.78 7.74 -8.71
N GLN A 41 -8.95 7.72 -8.07
CA GLN A 41 -9.40 6.53 -7.38
C GLN A 41 -10.18 5.63 -8.33
N SER A 42 -9.97 5.85 -9.63
CA SER A 42 -10.65 5.06 -10.64
C SER A 42 -9.77 3.87 -11.06
N ALA A 43 -8.93 3.45 -10.12
CA ALA A 43 -8.04 2.33 -10.38
C ALA A 43 -8.32 1.22 -9.35
N VAL A 44 -8.15 1.57 -8.09
CA VAL A 44 -8.37 0.62 -7.01
C VAL A 44 -9.35 1.22 -6.00
N VAL A 45 -10.08 0.35 -5.34
CA VAL A 45 -11.06 0.78 -4.35
C VAL A 45 -10.72 0.15 -3.00
N VAL A 46 -10.91 0.93 -1.95
CA VAL A 46 -10.62 0.46 -0.60
C VAL A 46 -11.93 0.07 0.08
N GLN A 47 -11.88 -1.05 0.80
CA GLN A 47 -13.05 -1.54 1.50
C GLN A 47 -12.63 -2.21 2.81
N GLY A 48 -13.26 -1.76 3.89
CA GLY A 48 -12.97 -2.32 5.20
C GLY A 48 -12.21 -1.29 6.07
N LEU A 49 -12.52 -0.03 5.83
CA LEU A 49 -11.88 1.05 6.57
C LEU A 49 -12.85 1.57 7.64
N PRO A 50 -12.28 2.34 8.60
CA PRO A 50 -13.08 2.91 9.68
C PRO A 50 -13.91 4.08 9.18
N GLU A 51 -14.85 4.51 10.03
CA GLU A 51 -15.71 5.62 9.68
C GLU A 51 -14.89 6.90 9.50
N GLY A 52 -15.31 7.70 8.53
CA GLY A 52 -14.63 8.95 8.24
C GLY A 52 -13.11 8.75 8.21
N VAL A 53 -12.70 7.69 7.52
CA VAL A 53 -11.28 7.38 7.41
C VAL A 53 -10.96 6.96 5.97
N ALA A 54 -9.89 7.52 5.45
CA ALA A 54 -9.47 7.21 4.09
C ALA A 54 -8.28 6.26 4.14
N PHE A 55 -7.89 5.78 2.96
CA PHE A 55 -6.77 4.86 2.85
C PHE A 55 -5.45 5.62 2.75
N GLN A 56 -5.51 6.90 3.07
CA GLN A 56 -4.33 7.75 3.03
C GLN A 56 -3.16 7.06 3.74
N HIS A 57 -1.96 7.53 3.42
CA HIS A 57 -0.76 6.97 4.02
C HIS A 57 -1.01 6.69 5.51
N PRO A 58 -0.38 5.59 5.99
CA PRO A 58 -0.53 5.21 7.39
C PRO A 58 0.29 6.13 8.30
N GLU A 59 1.39 6.62 7.76
CA GLU A 59 2.26 7.51 8.52
C GLU A 59 1.43 8.61 9.19
N ASN A 60 0.25 8.86 8.62
CA ASN A 60 -0.63 9.88 9.14
C ASN A 60 -1.50 9.27 10.25
N TYR A 61 -2.10 8.14 9.94
CA TYR A 61 -2.95 7.45 10.88
C TYR A 61 -2.39 7.55 12.31
N ASP A 62 -3.29 7.69 13.26
CA ASP A 62 -2.90 7.80 14.65
C ASP A 62 -2.56 6.41 15.20
N LEU A 63 -1.65 6.40 16.16
CA LEU A 63 -1.21 5.16 16.77
C LEU A 63 -2.42 4.24 16.95
N ALA A 64 -3.54 4.84 17.32
CA ALA A 64 -4.76 4.09 17.53
C ALA A 64 -5.25 3.53 16.18
N THR A 65 -5.41 4.44 15.23
CA THR A 65 -5.87 4.06 13.91
C THR A 65 -4.97 2.96 13.33
N LEU A 66 -3.68 3.20 13.40
CA LEU A 66 -2.71 2.24 12.89
C LEU A 66 -3.01 0.87 13.48
N LYS A 67 -3.11 0.82 14.80
CA LYS A 67 -3.39 -0.42 15.49
C LYS A 67 -4.81 -0.89 15.15
N TRP A 68 -5.66 0.09 14.85
CA TRP A 68 -7.04 -0.19 14.51
C TRP A 68 -7.04 -0.95 13.18
N ILE A 69 -6.47 -0.32 12.17
CA ILE A 69 -6.41 -0.91 10.85
C ILE A 69 -5.93 -2.36 10.97
N LEU A 70 -4.82 -2.52 11.68
CA LEU A 70 -4.26 -3.85 11.89
C LEU A 70 -5.30 -4.75 12.58
N GLU A 71 -5.94 -4.17 13.57
CA GLU A 71 -6.96 -4.90 14.33
C GLU A 71 -8.16 -5.21 13.43
N ASN A 72 -8.24 -4.46 12.34
CA ASN A 72 -9.34 -4.63 11.40
C ASN A 72 -8.79 -4.65 9.98
N LYS A 73 -7.71 -5.39 9.80
CA LYS A 73 -7.07 -5.49 8.50
C LYS A 73 -7.79 -6.55 7.66
N ALA A 74 -8.14 -7.65 8.33
CA ALA A 74 -8.83 -8.74 7.66
C ALA A 74 -10.05 -8.19 6.92
N GLY A 75 -10.55 -7.07 7.41
CA GLY A 75 -11.70 -6.43 6.81
C GLY A 75 -11.29 -5.56 5.63
N ILE A 76 -10.06 -5.07 5.70
CA ILE A 76 -9.54 -4.22 4.64
C ILE A 76 -9.26 -5.07 3.40
N SER A 77 -9.88 -4.68 2.30
CA SER A 77 -9.70 -5.40 1.04
C SER A 77 -9.62 -4.40 -0.12
N PHE A 78 -8.72 -4.68 -1.04
CA PHE A 78 -8.53 -3.83 -2.20
C PHE A 78 -9.33 -4.35 -3.39
N ILE A 79 -10.43 -3.67 -3.68
CA ILE A 79 -11.29 -4.06 -4.79
C ILE A 79 -10.69 -3.53 -6.10
N ILE A 80 -9.89 -4.37 -6.72
CA ILE A 80 -9.25 -4.00 -7.98
C ILE A 80 -10.30 -3.91 -9.07
N ASN A 81 -10.02 -3.06 -10.05
CA ASN A 81 -10.95 -2.87 -11.16
C ASN A 81 -10.15 -2.80 -12.47
N ARG A 82 -9.10 -1.99 -12.44
CA ARG A 82 -8.25 -1.82 -13.60
C ARG A 82 -6.87 -1.28 -13.19
N PRO A 83 -5.87 -1.54 -14.07
CA PRO A 83 -4.52 -1.09 -13.81
C PRO A 83 -4.38 0.42 -14.05
N PHE A 84 -3.20 0.93 -13.76
CA PHE A 84 -2.93 2.35 -13.94
C PHE A 84 -2.33 2.62 -15.31
N LEU A 85 -2.48 1.64 -16.20
CA LEU A 85 -1.96 1.77 -17.55
C LEU A 85 -0.43 1.80 -17.50
N GLY A 86 0.16 0.64 -17.73
CA GLY A 86 1.61 0.52 -17.73
C GLY A 86 2.05 -0.86 -17.27
N PRO A 87 3.35 -1.17 -17.52
CA PRO A 87 3.90 -2.46 -17.14
C PRO A 87 4.15 -2.53 -15.63
N GLU A 88 4.63 -3.68 -15.20
CA GLU A 88 4.91 -3.89 -13.79
C GLU A 88 6.28 -4.53 -13.60
N SER A 89 7.19 -3.77 -13.00
CA SER A 89 8.54 -4.25 -12.77
C SER A 89 9.29 -3.28 -11.85
N GLN A 90 10.34 -3.79 -11.24
CA GLN A 90 11.15 -2.99 -10.33
C GLN A 90 12.51 -3.65 -10.11
N LEU A 91 13.55 -2.95 -10.53
CA LEU A 91 14.91 -3.45 -10.37
C LEU A 91 15.76 -2.39 -9.66
N GLY A 92 16.46 -2.85 -8.64
CA GLY A 92 17.32 -1.95 -7.87
C GLY A 92 18.66 -2.62 -7.57
N GLY A 93 19.63 -2.35 -8.43
CA GLY A 93 20.96 -2.91 -8.26
C GLY A 93 22.01 -1.81 -8.19
N SER A 94 23.08 -2.10 -7.45
CA SER A 94 24.17 -1.15 -7.29
C SER A 94 25.23 -1.73 -6.36
N GLY A 95 26.47 -1.28 -6.58
CA GLY A 95 27.58 -1.75 -5.78
C GLY A 95 28.51 -0.59 -5.40
N PRO A 96 29.24 -0.78 -4.28
CA PRO A 96 30.16 0.23 -3.80
C PRO A 96 31.43 0.29 -4.65
N SER A 97 32.36 1.13 -4.24
CA SER A 97 33.61 1.28 -4.96
C SER A 97 34.64 0.28 -4.43
N SER A 98 34.88 0.36 -3.12
CA SER A 98 35.84 -0.52 -2.48
C SER A 98 35.87 -0.25 -0.98
N GLY A 99 36.24 -1.27 -0.23
CA GLY A 99 36.32 -1.15 1.22
C GLY A 99 37.39 -0.12 1.62
N GLY A 1 16.23 15.65 17.10
CA GLY A 1 15.75 14.29 16.99
C GLY A 1 14.30 14.27 16.51
N SER A 2 13.76 13.06 16.38
CA SER A 2 12.40 12.89 15.92
C SER A 2 11.78 11.64 16.58
N SER A 3 10.51 11.77 16.92
CA SER A 3 9.79 10.68 17.55
C SER A 3 8.65 10.21 16.63
N GLY A 4 8.82 9.00 16.10
CA GLY A 4 7.82 8.42 15.22
C GLY A 4 7.41 7.03 15.69
N SER A 5 7.05 6.19 14.74
CA SER A 5 6.64 4.84 15.03
C SER A 5 7.23 3.87 14.01
N SER A 6 8.47 3.50 14.24
CA SER A 6 9.17 2.58 13.35
C SER A 6 8.84 1.13 13.72
N GLY A 7 7.72 0.66 13.20
CA GLY A 7 7.27 -0.70 13.47
C GLY A 7 5.83 -0.91 13.02
N LEU A 8 4.92 -0.28 13.75
CA LEU A 8 3.51 -0.38 13.43
C LEU A 8 3.25 0.21 12.04
N ARG A 9 3.44 1.52 11.95
CA ARG A 9 3.23 2.22 10.70
C ARG A 9 3.72 1.37 9.52
N LYS A 10 4.95 0.90 9.64
CA LYS A 10 5.54 0.08 8.60
C LYS A 10 4.67 -1.15 8.39
N ALA A 11 4.41 -1.86 9.49
CA ALA A 11 3.59 -3.06 9.43
C ALA A 11 2.36 -2.79 8.57
N VAL A 12 1.75 -1.64 8.81
CA VAL A 12 0.56 -1.25 8.08
C VAL A 12 0.89 -1.13 6.59
N GLU A 13 2.05 -0.53 6.32
CA GLU A 13 2.50 -0.34 4.95
C GLU A 13 2.83 -1.70 4.32
N ASP A 14 3.51 -2.52 5.10
CA ASP A 14 3.89 -3.84 4.63
C ASP A 14 2.64 -4.63 4.24
N TYR A 15 1.57 -4.39 4.98
CA TYR A 15 0.31 -5.05 4.72
C TYR A 15 -0.33 -4.55 3.43
N PHE A 16 -0.69 -3.27 3.45
CA PHE A 16 -1.31 -2.66 2.28
C PHE A 16 -0.71 -3.20 0.99
N CYS A 17 0.59 -3.45 1.03
CA CYS A 17 1.30 -3.97 -0.13
C CYS A 17 0.75 -5.36 -0.44
N PHE A 18 0.95 -6.27 0.52
CA PHE A 18 0.48 -7.64 0.37
C PHE A 18 -0.91 -7.68 -0.25
N CYS A 19 -1.73 -6.71 0.14
CA CYS A 19 -3.09 -6.63 -0.36
C CYS A 19 -3.02 -6.39 -1.88
N TYR A 20 -2.56 -5.20 -2.23
CA TYR A 20 -2.44 -4.84 -3.64
C TYR A 20 -1.89 -6.01 -4.46
N GLY A 21 -0.87 -6.64 -3.91
CA GLY A 21 -0.25 -7.78 -4.57
C GLY A 21 -1.24 -8.92 -4.75
N LYS A 22 -2.04 -9.13 -3.71
CA LYS A 22 -3.03 -10.20 -3.73
C LYS A 22 -4.11 -9.86 -4.76
N ALA A 23 -4.25 -8.56 -5.02
CA ALA A 23 -5.24 -8.09 -5.96
C ALA A 23 -4.68 -8.20 -7.38
N LEU A 24 -3.46 -7.70 -7.54
CA LEU A 24 -2.81 -7.73 -8.84
C LEU A 24 -2.71 -9.18 -9.32
N GLY A 25 -2.60 -10.08 -8.36
CA GLY A 25 -2.51 -11.50 -8.66
C GLY A 25 -1.20 -12.08 -8.14
N THR A 26 -0.28 -11.19 -7.81
CA THR A 26 1.02 -11.60 -7.29
C THR A 26 0.91 -12.00 -5.82
N THR A 27 2.01 -12.50 -5.28
CA THR A 27 2.04 -12.92 -3.90
C THR A 27 3.14 -12.16 -3.14
N VAL A 28 3.77 -11.24 -3.85
CA VAL A 28 4.83 -10.44 -3.26
C VAL A 28 4.24 -9.15 -2.69
N MET A 29 5.12 -8.25 -2.32
CA MET A 29 4.70 -6.97 -1.76
C MET A 29 4.77 -5.86 -2.81
N VAL A 30 3.60 -5.42 -3.24
CA VAL A 30 3.52 -4.36 -4.24
C VAL A 30 3.44 -3.01 -3.53
N PRO A 31 4.23 -2.04 -4.06
CA PRO A 31 4.25 -0.70 -3.50
C PRO A 31 2.99 0.08 -3.87
N VAL A 32 1.99 -0.03 -3.01
CA VAL A 32 0.74 0.66 -3.23
C VAL A 32 1.01 2.06 -3.80
N PRO A 33 0.56 2.26 -5.06
CA PRO A 33 0.75 3.53 -5.73
C PRO A 33 -0.20 4.60 -5.18
N TYR A 34 0.22 5.21 -4.07
CA TYR A 34 -0.59 6.23 -3.43
C TYR A 34 -0.83 7.41 -4.38
N GLU A 35 0.26 8.07 -4.75
CA GLU A 35 0.18 9.21 -5.65
C GLU A 35 -0.88 8.97 -6.72
N LYS A 36 -0.93 7.72 -7.19
CA LYS A 36 -1.89 7.35 -8.21
C LYS A 36 -3.30 7.37 -7.62
N MET A 37 -3.54 6.41 -6.72
CA MET A 37 -4.83 6.31 -6.08
C MET A 37 -5.29 7.66 -5.53
N LEU A 38 -4.36 8.35 -4.88
CA LEU A 38 -4.65 9.65 -4.31
C LEU A 38 -5.16 10.59 -5.41
N ARG A 39 -4.41 10.61 -6.51
CA ARG A 39 -4.77 11.45 -7.64
C ARG A 39 -6.11 11.00 -8.23
N ASP A 40 -6.19 9.72 -8.52
CA ASP A 40 -7.40 9.14 -9.09
C ASP A 40 -7.73 7.83 -8.37
N GLN A 41 -8.94 7.76 -7.83
CA GLN A 41 -9.38 6.57 -7.14
C GLN A 41 -10.15 5.65 -8.08
N SER A 42 -9.97 5.89 -9.36
CA SER A 42 -10.63 5.09 -10.39
C SER A 42 -9.72 3.96 -10.86
N ALA A 43 -8.85 3.54 -9.95
CA ALA A 43 -7.91 2.47 -10.26
C ALA A 43 -8.10 1.32 -9.27
N VAL A 44 -8.00 1.66 -7.99
CA VAL A 44 -8.17 0.68 -6.94
C VAL A 44 -9.14 1.21 -5.89
N VAL A 45 -9.90 0.30 -5.31
CA VAL A 45 -10.87 0.67 -4.30
C VAL A 45 -10.44 0.09 -2.94
N VAL A 46 -10.85 0.77 -1.88
CA VAL A 46 -10.50 0.34 -0.54
C VAL A 46 -11.77 -0.09 0.19
N GLN A 47 -11.66 -1.21 0.88
CA GLN A 47 -12.80 -1.75 1.62
C GLN A 47 -12.32 -2.39 2.93
N GLY A 48 -12.94 -1.95 4.02
CA GLY A 48 -12.58 -2.48 5.33
C GLY A 48 -11.86 -1.42 6.16
N LEU A 49 -12.24 -0.17 5.94
CA LEU A 49 -11.63 0.94 6.66
C LEU A 49 -12.59 1.42 7.74
N PRO A 50 -12.05 2.24 8.68
CA PRO A 50 -12.84 2.78 9.77
C PRO A 50 -13.74 3.90 9.28
N GLU A 51 -14.68 4.30 10.14
CA GLU A 51 -15.61 5.36 9.80
C GLU A 51 -14.86 6.69 9.65
N GLY A 52 -15.23 7.43 8.62
CA GLY A 52 -14.61 8.72 8.35
C GLY A 52 -13.09 8.60 8.32
N VAL A 53 -12.63 7.57 7.61
CA VAL A 53 -11.20 7.33 7.49
C VAL A 53 -10.89 6.87 6.05
N ALA A 54 -9.88 7.51 5.47
CA ALA A 54 -9.48 7.19 4.11
C ALA A 54 -8.27 6.25 4.16
N PHE A 55 -7.89 5.77 2.98
CA PHE A 55 -6.75 4.87 2.88
C PHE A 55 -5.44 5.66 2.79
N GLN A 56 -5.52 6.94 3.10
CA GLN A 56 -4.36 7.81 3.05
C GLN A 56 -3.18 7.14 3.75
N HIS A 57 -2.00 7.73 3.54
CA HIS A 57 -0.79 7.20 4.14
C HIS A 57 -1.03 6.90 5.62
N PRO A 58 -0.41 5.79 6.11
CA PRO A 58 -0.55 5.39 7.49
C PRO A 58 0.28 6.30 8.41
N GLU A 59 1.34 6.85 7.83
CA GLU A 59 2.22 7.74 8.58
C GLU A 59 1.41 8.84 9.26
N ASN A 60 0.21 9.06 8.75
CA ASN A 60 -0.66 10.08 9.29
C ASN A 60 -1.56 9.46 10.36
N TYR A 61 -2.16 8.32 10.01
CA TYR A 61 -3.03 7.62 10.93
C TYR A 61 -2.53 7.75 12.38
N ASP A 62 -3.48 7.85 13.29
CA ASP A 62 -3.15 7.98 14.70
C ASP A 62 -2.78 6.60 15.26
N LEU A 63 -1.93 6.63 16.28
CA LEU A 63 -1.49 5.40 16.91
C LEU A 63 -2.68 4.43 17.01
N ALA A 64 -3.80 4.96 17.46
CA ALA A 64 -5.00 4.15 17.61
C ALA A 64 -5.40 3.59 16.24
N THR A 65 -5.59 4.49 15.29
CA THR A 65 -5.97 4.08 13.95
C THR A 65 -5.02 3.01 13.42
N LEU A 66 -3.74 3.31 13.49
CA LEU A 66 -2.72 2.38 13.03
C LEU A 66 -3.01 1.00 13.61
N LYS A 67 -3.16 0.96 14.93
CA LYS A 67 -3.43 -0.29 15.62
C LYS A 67 -4.83 -0.78 15.24
N TRP A 68 -5.69 0.18 14.92
CA TRP A 68 -7.05 -0.15 14.55
C TRP A 68 -7.01 -0.92 13.23
N ILE A 69 -6.42 -0.28 12.22
CA ILE A 69 -6.30 -0.90 10.91
C ILE A 69 -5.79 -2.33 11.07
N LEU A 70 -4.76 -2.47 11.88
CA LEU A 70 -4.16 -3.77 12.12
C LEU A 70 -5.18 -4.67 12.83
N GLU A 71 -5.91 -4.07 13.77
CA GLU A 71 -6.91 -4.79 14.52
C GLU A 71 -8.10 -5.14 13.61
N ASN A 72 -8.14 -4.50 12.45
CA ASN A 72 -9.20 -4.73 11.50
C ASN A 72 -8.62 -4.74 10.08
N LYS A 73 -7.49 -5.42 9.95
CA LYS A 73 -6.82 -5.50 8.66
C LYS A 73 -7.48 -6.59 7.82
N ALA A 74 -7.79 -7.69 8.48
CA ALA A 74 -8.43 -8.82 7.80
C ALA A 74 -9.65 -8.31 7.03
N GLY A 75 -10.17 -7.18 7.48
CA GLY A 75 -11.33 -6.58 6.85
C GLY A 75 -10.91 -5.68 5.68
N ILE A 76 -9.69 -5.19 5.75
CA ILE A 76 -9.16 -4.32 4.71
C ILE A 76 -8.88 -5.15 3.46
N SER A 77 -9.52 -4.78 2.37
CA SER A 77 -9.35 -5.47 1.10
C SER A 77 -9.33 -4.47 -0.05
N PHE A 78 -8.40 -4.69 -0.97
CA PHE A 78 -8.25 -3.82 -2.12
C PHE A 78 -9.08 -4.34 -3.30
N ILE A 79 -10.19 -3.65 -3.56
CA ILE A 79 -11.07 -4.03 -4.65
C ILE A 79 -10.55 -3.42 -5.95
N ILE A 80 -9.78 -4.23 -6.68
CA ILE A 80 -9.22 -3.78 -7.94
C ILE A 80 -10.34 -3.63 -8.97
N ASN A 81 -10.08 -2.78 -9.95
CA ASN A 81 -11.05 -2.53 -11.00
C ASN A 81 -10.34 -2.49 -12.35
N ARG A 82 -9.26 -1.72 -12.39
CA ARG A 82 -8.48 -1.58 -13.60
C ARG A 82 -7.10 -1.00 -13.29
N PRO A 83 -6.14 -1.27 -14.21
CA PRO A 83 -4.78 -0.77 -14.04
C PRO A 83 -4.70 0.73 -14.35
N PHE A 84 -3.51 1.27 -14.16
CA PHE A 84 -3.28 2.68 -14.42
C PHE A 84 -2.77 2.90 -15.84
N LEU A 85 -2.87 4.15 -16.27
CA LEU A 85 -2.41 4.52 -17.61
C LEU A 85 -0.98 5.06 -17.53
N GLY A 86 -0.09 4.43 -18.27
CA GLY A 86 1.30 4.84 -18.29
C GLY A 86 2.18 3.78 -18.95
N PRO A 87 3.39 4.22 -19.38
CA PRO A 87 4.33 3.32 -20.03
C PRO A 87 4.99 2.40 -19.01
N GLU A 88 5.80 1.47 -19.51
CA GLU A 88 6.50 0.53 -18.66
C GLU A 88 7.98 0.46 -19.05
N SER A 89 8.74 -0.22 -18.20
CA SER A 89 10.17 -0.37 -18.44
C SER A 89 10.77 -1.35 -17.43
N GLN A 90 11.07 -2.54 -17.91
CA GLN A 90 11.65 -3.57 -17.06
C GLN A 90 13.00 -4.02 -17.63
N LEU A 91 14.05 -3.33 -17.18
CA LEU A 91 15.39 -3.65 -17.62
C LEU A 91 16.29 -3.89 -16.41
N GLY A 92 17.14 -4.89 -16.51
CA GLY A 92 18.04 -5.23 -15.43
C GLY A 92 18.82 -6.51 -15.74
N GLY A 93 19.74 -6.84 -14.85
CA GLY A 93 20.56 -8.03 -15.02
C GLY A 93 22.01 -7.66 -15.33
N SER A 94 22.90 -8.62 -15.09
CA SER A 94 24.31 -8.41 -15.34
C SER A 94 25.06 -9.74 -15.22
N GLY A 95 25.94 -9.97 -16.19
CA GLY A 95 26.73 -11.19 -16.21
C GLY A 95 28.21 -10.89 -15.99
N PRO A 96 28.64 -11.05 -14.72
CA PRO A 96 30.03 -10.80 -14.36
C PRO A 96 30.93 -11.93 -14.84
N SER A 97 32.21 -11.81 -14.51
CA SER A 97 33.19 -12.82 -14.90
C SER A 97 34.49 -12.60 -14.13
N SER A 98 35.27 -13.67 -14.07
CA SER A 98 36.55 -13.60 -13.37
C SER A 98 37.40 -14.82 -13.75
N GLY A 99 36.87 -16.00 -13.48
CA GLY A 99 37.56 -17.24 -13.78
C GLY A 99 38.10 -17.88 -12.51
N GLY A 1 21.49 6.04 5.86
CA GLY A 1 21.54 5.82 4.42
C GLY A 1 21.67 4.33 4.10
N SER A 2 20.69 3.57 4.57
CA SER A 2 20.68 2.14 4.35
C SER A 2 19.28 1.58 4.57
N SER A 3 18.80 0.84 3.58
CA SER A 3 17.47 0.25 3.65
C SER A 3 17.34 -0.54 4.95
N GLY A 4 16.11 -0.58 5.45
CA GLY A 4 15.82 -1.30 6.68
C GLY A 4 14.89 -0.48 7.59
N SER A 5 13.70 -1.00 7.78
CA SER A 5 12.72 -0.32 8.62
C SER A 5 11.76 -1.35 9.23
N SER A 6 11.20 -0.97 10.37
CA SER A 6 10.26 -1.85 11.06
C SER A 6 9.47 -1.06 12.11
N GLY A 7 8.19 -1.38 12.20
CA GLY A 7 7.32 -0.71 13.14
C GLY A 7 5.85 -0.81 12.72
N LEU A 8 4.99 -0.19 13.50
CA LEU A 8 3.57 -0.20 13.20
C LEU A 8 3.31 0.54 11.90
N ARG A 9 3.55 1.85 11.93
CA ARG A 9 3.35 2.68 10.75
C ARG A 9 3.80 1.93 9.49
N LYS A 10 4.91 1.23 9.62
CA LYS A 10 5.45 0.47 8.50
C LYS A 10 4.61 -0.79 8.30
N ALA A 11 4.39 -1.50 9.40
CA ALA A 11 3.60 -2.73 9.36
C ALA A 11 2.39 -2.52 8.46
N VAL A 12 1.65 -1.46 8.77
CA VAL A 12 0.45 -1.14 8.00
C VAL A 12 0.82 -1.06 6.52
N GLU A 13 1.96 -0.45 6.25
CA GLU A 13 2.43 -0.30 4.89
C GLU A 13 2.84 -1.66 4.31
N ASP A 14 3.42 -2.47 5.17
CA ASP A 14 3.86 -3.80 4.77
C ASP A 14 2.64 -4.66 4.43
N TYR A 15 1.50 -4.26 4.99
CA TYR A 15 0.26 -4.98 4.75
C TYR A 15 -0.41 -4.51 3.47
N PHE A 16 -0.80 -3.24 3.47
CA PHE A 16 -1.45 -2.65 2.32
C PHE A 16 -0.86 -3.21 1.01
N CYS A 17 0.45 -3.39 1.02
CA CYS A 17 1.14 -3.91 -0.14
C CYS A 17 0.57 -5.30 -0.46
N PHE A 18 0.78 -6.23 0.47
CA PHE A 18 0.30 -7.58 0.30
C PHE A 18 -1.12 -7.59 -0.29
N CYS A 19 -1.91 -6.63 0.16
CA CYS A 19 -3.28 -6.52 -0.31
C CYS A 19 -3.26 -6.24 -1.82
N TYR A 20 -2.69 -5.09 -2.16
CA TYR A 20 -2.59 -4.69 -3.56
C TYR A 20 -2.07 -5.85 -4.41
N GLY A 21 -1.20 -6.65 -3.81
CA GLY A 21 -0.61 -7.78 -4.50
C GLY A 21 -1.63 -8.90 -4.66
N LYS A 22 -2.44 -9.08 -3.63
CA LYS A 22 -3.46 -10.12 -3.65
C LYS A 22 -4.52 -9.77 -4.70
N ALA A 23 -4.61 -8.48 -4.99
CA ALA A 23 -5.58 -8.00 -5.96
C ALA A 23 -4.95 -8.05 -7.35
N LEU A 24 -3.73 -7.58 -7.43
CA LEU A 24 -3.01 -7.56 -8.70
C LEU A 24 -2.93 -8.98 -9.26
N GLY A 25 -3.01 -9.94 -8.34
CA GLY A 25 -2.94 -11.34 -8.73
C GLY A 25 -1.49 -11.85 -8.73
N THR A 26 -0.69 -11.22 -7.89
CA THR A 26 0.71 -11.60 -7.78
C THR A 26 0.96 -12.39 -6.49
N THR A 27 2.17 -12.91 -6.38
CA THR A 27 2.54 -13.69 -5.21
C THR A 27 3.62 -12.96 -4.40
N VAL A 28 3.71 -11.66 -4.64
CA VAL A 28 4.69 -10.84 -3.95
C VAL A 28 4.00 -9.57 -3.42
N MET A 29 4.81 -8.70 -2.84
CA MET A 29 4.30 -7.45 -2.29
C MET A 29 4.45 -6.32 -3.29
N VAL A 30 3.36 -5.59 -3.49
CA VAL A 30 3.35 -4.47 -4.42
C VAL A 30 3.21 -3.17 -3.64
N PRO A 31 4.06 -2.18 -4.02
CA PRO A 31 4.04 -0.88 -3.36
C PRO A 31 2.83 -0.06 -3.80
N VAL A 32 1.87 0.07 -2.89
CA VAL A 32 0.66 0.82 -3.18
C VAL A 32 1.04 2.19 -3.74
N PRO A 33 0.67 2.41 -5.03
CA PRO A 33 0.97 3.67 -5.69
C PRO A 33 0.03 4.78 -5.20
N TYR A 34 0.35 5.29 -4.02
CA TYR A 34 -0.45 6.35 -3.43
C TYR A 34 -0.54 7.56 -4.36
N GLU A 35 0.63 8.14 -4.64
CA GLU A 35 0.70 9.29 -5.51
C GLU A 35 -0.30 9.16 -6.65
N LYS A 36 -0.48 7.92 -7.09
CA LYS A 36 -1.41 7.64 -8.18
C LYS A 36 -2.84 7.66 -7.65
N MET A 37 -3.14 6.65 -6.83
CA MET A 37 -4.47 6.54 -6.25
C MET A 37 -4.93 7.88 -5.65
N LEU A 38 -4.04 8.48 -4.88
CA LEU A 38 -4.33 9.75 -4.25
C LEU A 38 -4.86 10.72 -5.29
N ARG A 39 -4.29 10.63 -6.48
CA ARG A 39 -4.70 11.49 -7.59
C ARG A 39 -6.03 11.02 -8.17
N ASP A 40 -6.09 9.72 -8.45
CA ASP A 40 -7.29 9.13 -9.02
C ASP A 40 -7.57 7.79 -8.32
N GLN A 41 -8.72 7.74 -7.65
CA GLN A 41 -9.11 6.53 -6.94
C GLN A 41 -9.89 5.60 -7.88
N SER A 42 -9.72 5.82 -9.17
CA SER A 42 -10.40 5.02 -10.16
C SER A 42 -9.51 3.87 -10.62
N ALA A 43 -8.60 3.49 -9.73
CA ALA A 43 -7.68 2.41 -10.03
C ALA A 43 -7.97 1.22 -9.10
N VAL A 44 -7.91 1.50 -7.80
CA VAL A 44 -8.16 0.47 -6.81
C VAL A 44 -9.18 0.99 -5.79
N VAL A 45 -9.96 0.06 -5.26
CA VAL A 45 -10.98 0.42 -4.28
C VAL A 45 -10.59 -0.15 -2.91
N VAL A 46 -10.95 0.58 -1.88
CA VAL A 46 -10.65 0.15 -0.52
C VAL A 46 -11.94 -0.29 0.17
N GLN A 47 -11.84 -1.42 0.87
CA GLN A 47 -13.00 -1.96 1.57
C GLN A 47 -12.55 -2.62 2.88
N GLY A 48 -13.19 -2.21 3.97
CA GLY A 48 -12.89 -2.74 5.28
C GLY A 48 -12.17 -1.69 6.14
N LEU A 49 -12.52 -0.44 5.89
CA LEU A 49 -11.92 0.66 6.63
C LEU A 49 -12.90 1.14 7.71
N PRO A 50 -12.37 1.93 8.67
CA PRO A 50 -13.18 2.46 9.75
C PRO A 50 -14.07 3.60 9.26
N GLU A 51 -15.15 3.83 10.00
CA GLU A 51 -16.09 4.88 9.65
C GLU A 51 -15.37 6.23 9.60
N GLY A 52 -15.61 6.95 8.51
CA GLY A 52 -15.00 8.26 8.32
C GLY A 52 -13.47 8.15 8.32
N VAL A 53 -12.98 7.23 7.51
CA VAL A 53 -11.55 7.01 7.41
C VAL A 53 -11.21 6.57 5.99
N ALA A 54 -10.26 7.27 5.38
CA ALA A 54 -9.83 6.97 4.03
C ALA A 54 -8.60 6.06 4.08
N PHE A 55 -8.17 5.63 2.91
CA PHE A 55 -7.00 4.76 2.81
C PHE A 55 -5.72 5.59 2.70
N GLN A 56 -5.85 6.86 3.02
CA GLN A 56 -4.70 7.76 2.97
C GLN A 56 -3.50 7.14 3.68
N HIS A 57 -2.32 7.67 3.37
CA HIS A 57 -1.10 7.16 3.96
C HIS A 57 -1.33 6.87 5.44
N PRO A 58 -0.67 5.78 5.92
CA PRO A 58 -0.80 5.38 7.31
C PRO A 58 0.00 6.31 8.22
N GLU A 59 1.06 6.87 7.66
CA GLU A 59 1.92 7.78 8.40
C GLU A 59 1.08 8.88 9.07
N ASN A 60 -0.12 9.06 8.54
CA ASN A 60 -1.02 10.07 9.08
C ASN A 60 -1.87 9.45 10.19
N TYR A 61 -2.44 8.29 9.87
CA TYR A 61 -3.28 7.58 10.82
C TYR A 61 -2.73 7.73 12.24
N ASP A 62 -3.66 7.80 13.20
CA ASP A 62 -3.28 7.94 14.60
C ASP A 62 -2.86 6.58 15.14
N LEU A 63 -1.98 6.61 16.13
CA LEU A 63 -1.50 5.39 16.74
C LEU A 63 -2.65 4.40 16.88
N ALA A 64 -3.80 4.93 17.28
CA ALA A 64 -4.99 4.11 17.45
C ALA A 64 -5.38 3.50 16.10
N THR A 65 -5.70 4.38 15.17
CA THR A 65 -6.09 3.94 13.83
C THR A 65 -5.13 2.88 13.31
N LEU A 66 -3.85 3.20 13.40
CA LEU A 66 -2.81 2.29 12.94
C LEU A 66 -3.05 0.90 13.56
N LYS A 67 -3.08 0.88 14.88
CA LYS A 67 -3.29 -0.36 15.61
C LYS A 67 -4.68 -0.92 15.26
N TRP A 68 -5.58 0.00 14.95
CA TRP A 68 -6.94 -0.38 14.60
C TRP A 68 -6.90 -1.15 13.28
N ILE A 69 -6.39 -0.47 12.25
CA ILE A 69 -6.28 -1.06 10.94
C ILE A 69 -5.79 -2.51 11.08
N LEU A 70 -4.66 -2.66 11.76
CA LEU A 70 -4.08 -3.97 11.97
C LEU A 70 -5.08 -4.86 12.71
N GLU A 71 -5.74 -4.25 13.70
CA GLU A 71 -6.73 -4.97 14.48
C GLU A 71 -7.97 -5.28 13.63
N ASN A 72 -8.01 -4.66 12.47
CA ASN A 72 -9.13 -4.86 11.56
C ASN A 72 -8.62 -4.84 10.12
N LYS A 73 -7.53 -5.57 9.90
CA LYS A 73 -6.93 -5.64 8.58
C LYS A 73 -7.62 -6.75 7.77
N ALA A 74 -7.88 -7.85 8.46
CA ALA A 74 -8.54 -8.99 7.83
C ALA A 74 -9.77 -8.51 7.07
N GLY A 75 -10.33 -7.41 7.54
CA GLY A 75 -11.51 -6.84 6.92
C GLY A 75 -11.13 -5.94 5.75
N ILE A 76 -9.92 -5.40 5.83
CA ILE A 76 -9.43 -4.52 4.78
C ILE A 76 -9.10 -5.36 3.53
N SER A 77 -9.71 -4.97 2.43
CA SER A 77 -9.50 -5.67 1.17
C SER A 77 -9.42 -4.67 0.01
N PHE A 78 -8.47 -4.91 -0.88
CA PHE A 78 -8.28 -4.05 -2.03
C PHE A 78 -9.05 -4.57 -3.25
N ILE A 79 -10.18 -3.92 -3.51
CA ILE A 79 -11.01 -4.31 -4.64
C ILE A 79 -10.44 -3.71 -5.92
N ILE A 80 -9.51 -4.46 -6.52
CA ILE A 80 -8.88 -4.01 -7.75
C ILE A 80 -9.94 -3.83 -8.84
N ASN A 81 -9.91 -2.68 -9.47
CA ASN A 81 -10.86 -2.38 -10.54
C ASN A 81 -10.12 -2.33 -11.87
N ARG A 82 -8.96 -1.69 -11.85
CA ARG A 82 -8.16 -1.57 -13.06
C ARG A 82 -6.78 -1.00 -12.72
N PRO A 83 -5.80 -1.29 -13.61
CA PRO A 83 -4.44 -0.82 -13.42
C PRO A 83 -4.33 0.67 -13.74
N PHE A 84 -3.10 1.16 -13.69
CA PHE A 84 -2.84 2.56 -13.97
C PHE A 84 -2.28 2.75 -15.39
N LEU A 85 -2.29 3.99 -15.84
CA LEU A 85 -1.78 4.31 -17.16
C LEU A 85 -0.39 3.70 -17.34
N GLY A 86 -0.07 3.38 -18.58
CA GLY A 86 1.23 2.80 -18.89
C GLY A 86 2.35 3.56 -18.19
N PRO A 87 3.50 2.85 -18.01
CA PRO A 87 4.65 3.44 -17.36
C PRO A 87 5.37 4.42 -18.29
N GLU A 88 5.87 5.49 -17.71
CA GLU A 88 6.57 6.51 -18.48
C GLU A 88 7.06 7.63 -17.55
N SER A 89 8.33 7.51 -17.17
CA SER A 89 8.93 8.51 -16.29
C SER A 89 10.36 8.09 -15.95
N GLN A 90 11.09 9.04 -15.36
CA GLN A 90 12.47 8.77 -14.98
C GLN A 90 13.05 9.99 -14.24
N LEU A 91 13.81 9.70 -13.19
CA LEU A 91 14.42 10.74 -12.39
C LEU A 91 15.85 10.33 -12.02
N GLY A 92 16.63 11.32 -11.61
CA GLY A 92 18.00 11.07 -11.23
C GLY A 92 18.59 12.28 -10.48
N GLY A 93 18.39 12.27 -9.17
CA GLY A 93 18.88 13.36 -8.34
C GLY A 93 18.01 13.54 -7.09
N SER A 94 18.62 13.29 -5.95
CA SER A 94 17.91 13.43 -4.69
C SER A 94 18.82 13.00 -3.52
N GLY A 95 18.43 13.42 -2.33
CA GLY A 95 19.20 13.09 -1.14
C GLY A 95 19.41 14.32 -0.27
N PRO A 96 18.52 14.48 0.75
CA PRO A 96 18.61 15.61 1.66
C PRO A 96 19.77 15.43 2.65
N SER A 97 19.90 16.40 3.53
CA SER A 97 20.95 16.36 4.54
C SER A 97 20.68 17.42 5.62
N SER A 98 20.59 16.94 6.85
CA SER A 98 20.34 17.83 7.98
C SER A 98 19.05 18.62 7.74
N GLY A 99 18.57 19.24 8.81
CA GLY A 99 17.35 20.03 8.73
C GLY A 99 16.73 20.21 10.12
N GLY A 1 22.09 -3.89 2.87
CA GLY A 1 20.96 -4.39 2.11
C GLY A 1 19.93 -5.05 3.04
N SER A 2 19.28 -4.22 3.84
CA SER A 2 18.28 -4.72 4.77
C SER A 2 18.94 -5.58 5.84
N SER A 3 18.39 -5.49 7.05
CA SER A 3 18.93 -6.26 8.17
C SER A 3 17.79 -6.68 9.09
N GLY A 4 17.07 -5.69 9.60
CA GLY A 4 15.95 -5.96 10.49
C GLY A 4 15.26 -4.65 10.90
N SER A 5 13.94 -4.74 11.02
CA SER A 5 13.15 -3.59 11.41
C SER A 5 11.72 -4.00 11.71
N SER A 6 11.12 -3.32 12.69
CA SER A 6 9.76 -3.62 13.08
C SER A 6 9.08 -2.35 13.59
N GLY A 7 7.92 -2.06 13.00
CA GLY A 7 7.16 -0.88 13.38
C GLY A 7 5.72 -0.98 12.88
N LEU A 8 4.84 -0.27 13.56
CA LEU A 8 3.43 -0.26 13.20
C LEU A 8 3.26 0.46 11.86
N ARG A 9 3.56 1.75 11.87
CA ARG A 9 3.44 2.54 10.65
C ARG A 9 3.90 1.74 9.44
N LYS A 10 5.02 1.04 9.61
CA LYS A 10 5.57 0.24 8.54
C LYS A 10 4.70 -1.01 8.35
N ALA A 11 4.48 -1.71 9.45
CA ALA A 11 3.66 -2.92 9.42
C ALA A 11 2.43 -2.67 8.55
N VAL A 12 1.77 -1.55 8.82
CA VAL A 12 0.58 -1.19 8.08
C VAL A 12 0.92 -1.09 6.59
N GLU A 13 2.08 -0.51 6.32
CA GLU A 13 2.53 -0.35 4.95
C GLU A 13 2.88 -1.71 4.34
N ASP A 14 3.52 -2.54 5.15
CA ASP A 14 3.90 -3.87 4.70
C ASP A 14 2.65 -4.67 4.34
N TYR A 15 1.57 -4.34 5.02
CA TYR A 15 0.30 -5.02 4.78
C TYR A 15 -0.34 -4.55 3.49
N PHE A 16 -0.73 -3.28 3.49
CA PHE A 16 -1.35 -2.68 2.31
C PHE A 16 -0.74 -3.23 1.03
N CYS A 17 0.57 -3.40 1.06
CA CYS A 17 1.29 -3.92 -0.10
C CYS A 17 0.77 -5.32 -0.39
N PHE A 18 0.89 -6.19 0.60
CA PHE A 18 0.43 -7.56 0.45
C PHE A 18 -0.98 -7.62 -0.15
N CYS A 19 -1.78 -6.64 0.23
CA CYS A 19 -3.15 -6.56 -0.26
C CYS A 19 -3.10 -6.30 -1.78
N TYR A 20 -2.57 -5.15 -2.13
CA TYR A 20 -2.46 -4.77 -3.53
C TYR A 20 -1.88 -5.92 -4.36
N GLY A 21 -0.88 -6.59 -3.78
CA GLY A 21 -0.24 -7.70 -4.45
C GLY A 21 -1.20 -8.87 -4.62
N LYS A 22 -1.98 -9.11 -3.56
CA LYS A 22 -2.94 -10.19 -3.57
C LYS A 22 -4.02 -9.89 -4.62
N ALA A 23 -4.21 -8.61 -4.89
CA ALA A 23 -5.20 -8.19 -5.86
C ALA A 23 -4.60 -8.23 -7.26
N LEU A 24 -3.37 -7.75 -7.36
CA LEU A 24 -2.66 -7.74 -8.63
C LEU A 24 -2.49 -9.17 -9.13
N GLY A 25 -2.44 -10.09 -8.17
CA GLY A 25 -2.27 -11.50 -8.50
C GLY A 25 -0.79 -11.90 -8.47
N THR A 26 -0.06 -11.28 -7.56
CA THR A 26 1.35 -11.55 -7.40
C THR A 26 1.63 -12.26 -6.08
N THR A 27 2.76 -12.94 -6.03
CA THR A 27 3.16 -13.66 -4.83
C THR A 27 4.18 -12.85 -4.03
N VAL A 28 4.25 -11.57 -4.34
CA VAL A 28 5.18 -10.67 -3.67
C VAL A 28 4.42 -9.45 -3.15
N MET A 29 5.19 -8.50 -2.64
CA MET A 29 4.61 -7.28 -2.10
C MET A 29 4.71 -6.14 -3.13
N VAL A 30 3.58 -5.47 -3.33
CA VAL A 30 3.53 -4.37 -4.27
C VAL A 30 3.38 -3.05 -3.50
N PRO A 31 4.21 -2.05 -3.89
CA PRO A 31 4.18 -0.76 -3.25
C PRO A 31 2.95 0.05 -3.70
N VAL A 32 1.94 0.04 -2.85
CA VAL A 32 0.71 0.75 -3.15
C VAL A 32 1.05 2.14 -3.70
N PRO A 33 0.66 2.36 -4.98
CA PRO A 33 0.92 3.63 -5.63
C PRO A 33 -0.03 4.72 -5.11
N TYR A 34 0.32 5.27 -3.96
CA TYR A 34 -0.49 6.31 -3.35
C TYR A 34 -0.61 7.51 -4.28
N GLU A 35 0.53 8.13 -4.56
CA GLU A 35 0.57 9.30 -5.42
C GLU A 35 -0.44 9.14 -6.56
N LYS A 36 -0.59 7.90 -7.01
CA LYS A 36 -1.52 7.62 -8.09
C LYS A 36 -2.95 7.62 -7.55
N MET A 37 -3.24 6.62 -6.74
CA MET A 37 -4.57 6.50 -6.14
C MET A 37 -5.03 7.84 -5.56
N LEU A 38 -4.11 8.49 -4.85
CA LEU A 38 -4.42 9.77 -4.23
C LEU A 38 -4.94 10.73 -5.29
N ARG A 39 -4.33 10.66 -6.46
CA ARG A 39 -4.72 11.51 -7.57
C ARG A 39 -6.05 11.04 -8.16
N ASP A 40 -6.09 9.76 -8.48
CA ASP A 40 -7.29 9.16 -9.06
C ASP A 40 -7.62 7.87 -8.30
N GLN A 41 -8.79 7.87 -7.68
CA GLN A 41 -9.24 6.71 -6.93
C GLN A 41 -10.08 5.79 -7.82
N SER A 42 -9.93 5.99 -9.12
CA SER A 42 -10.67 5.19 -10.09
C SER A 42 -9.81 4.02 -10.56
N ALA A 43 -8.89 3.62 -9.69
CA ALA A 43 -8.00 2.51 -10.01
C ALA A 43 -8.30 1.33 -9.08
N VAL A 44 -8.08 1.56 -7.80
CA VAL A 44 -8.33 0.53 -6.80
C VAL A 44 -9.30 1.07 -5.75
N VAL A 45 -10.17 0.18 -5.29
CA VAL A 45 -11.15 0.54 -4.29
C VAL A 45 -10.76 -0.07 -2.94
N VAL A 46 -11.06 0.67 -1.89
CA VAL A 46 -10.75 0.23 -0.54
C VAL A 46 -12.03 -0.19 0.17
N GLN A 47 -11.96 -1.33 0.84
CA GLN A 47 -13.11 -1.85 1.57
C GLN A 47 -12.65 -2.51 2.87
N GLY A 48 -13.27 -2.09 3.97
CA GLY A 48 -12.94 -2.63 5.28
C GLY A 48 -12.22 -1.59 6.13
N LEU A 49 -12.51 -0.33 5.86
CA LEU A 49 -11.90 0.76 6.59
C LEU A 49 -12.88 1.26 7.67
N PRO A 50 -12.32 2.05 8.62
CA PRO A 50 -13.13 2.60 9.70
C PRO A 50 -14.01 3.75 9.20
N GLU A 51 -14.86 4.24 10.09
CA GLU A 51 -15.76 5.33 9.76
C GLU A 51 -14.95 6.61 9.49
N GLY A 52 -15.46 7.41 8.57
CA GLY A 52 -14.81 8.65 8.22
C GLY A 52 -13.29 8.48 8.16
N VAL A 53 -12.88 7.41 7.52
CA VAL A 53 -11.46 7.12 7.39
C VAL A 53 -11.15 6.68 5.96
N ALA A 54 -10.11 7.26 5.39
CA ALA A 54 -9.71 6.94 4.04
C ALA A 54 -8.50 6.00 4.07
N PHE A 55 -8.07 5.59 2.89
CA PHE A 55 -6.92 4.70 2.78
C PHE A 55 -5.62 5.50 2.67
N GLN A 56 -5.72 6.78 2.99
CA GLN A 56 -4.56 7.65 2.94
C GLN A 56 -3.37 7.01 3.65
N HIS A 57 -2.19 7.54 3.37
CA HIS A 57 -0.98 7.02 3.97
C HIS A 57 -1.21 6.74 5.45
N PRO A 58 -0.55 5.66 5.95
CA PRO A 58 -0.68 5.28 7.35
C PRO A 58 0.10 6.22 8.25
N GLU A 59 1.17 6.77 7.70
CA GLU A 59 2.02 7.68 8.44
C GLU A 59 1.17 8.79 9.08
N ASN A 60 -0.02 8.97 8.53
CA ASN A 60 -0.93 9.98 9.04
C ASN A 60 -1.80 9.37 10.14
N TYR A 61 -2.38 8.21 9.83
CA TYR A 61 -3.22 7.51 10.78
C TYR A 61 -2.68 7.66 12.20
N ASP A 62 -3.60 7.83 13.14
CA ASP A 62 -3.23 7.98 14.54
C ASP A 62 -2.79 6.61 15.09
N LEU A 63 -1.84 6.66 16.00
CA LEU A 63 -1.32 5.45 16.62
C LEU A 63 -2.48 4.49 16.89
N ALA A 64 -3.64 5.07 17.16
CA ALA A 64 -4.83 4.28 17.44
C ALA A 64 -5.31 3.63 16.14
N THR A 65 -5.57 4.46 15.15
CA THR A 65 -6.03 3.99 13.87
C THR A 65 -5.09 2.91 13.33
N LEU A 66 -3.81 3.22 13.33
CA LEU A 66 -2.81 2.29 12.85
C LEU A 66 -3.06 0.91 13.47
N LYS A 67 -3.19 0.91 14.79
CA LYS A 67 -3.44 -0.33 15.51
C LYS A 67 -4.81 -0.88 15.13
N TRP A 68 -5.74 0.05 14.88
CA TRP A 68 -7.09 -0.33 14.50
C TRP A 68 -7.02 -1.09 13.18
N ILE A 69 -6.45 -0.43 12.18
CA ILE A 69 -6.31 -1.03 10.87
C ILE A 69 -5.83 -2.47 11.02
N LEU A 70 -4.72 -2.62 11.73
CA LEU A 70 -4.13 -3.92 11.95
C LEU A 70 -5.15 -4.81 12.68
N GLU A 71 -5.84 -4.21 13.64
CA GLU A 71 -6.84 -4.92 14.40
C GLU A 71 -8.06 -5.25 13.53
N ASN A 72 -8.10 -4.61 12.37
CA ASN A 72 -9.20 -4.81 11.44
C ASN A 72 -8.65 -4.80 10.01
N LYS A 73 -7.54 -5.52 9.82
CA LYS A 73 -6.92 -5.60 8.52
C LYS A 73 -7.61 -6.69 7.69
N ALA A 74 -7.88 -7.81 8.35
CA ALA A 74 -8.52 -8.93 7.70
C ALA A 74 -9.79 -8.44 6.99
N GLY A 75 -10.32 -7.35 7.51
CA GLY A 75 -11.52 -6.77 6.93
C GLY A 75 -11.18 -5.87 5.74
N ILE A 76 -9.98 -5.33 5.77
CA ILE A 76 -9.53 -4.45 4.71
C ILE A 76 -9.24 -5.28 3.45
N SER A 77 -9.89 -4.90 2.36
CA SER A 77 -9.71 -5.60 1.11
C SER A 77 -9.63 -4.60 -0.05
N PHE A 78 -8.73 -4.88 -0.98
CA PHE A 78 -8.53 -4.01 -2.12
C PHE A 78 -9.34 -4.51 -3.32
N ILE A 79 -10.46 -3.84 -3.57
CA ILE A 79 -11.32 -4.21 -4.68
C ILE A 79 -10.77 -3.60 -5.97
N ILE A 80 -9.90 -4.37 -6.61
CA ILE A 80 -9.28 -3.93 -7.85
C ILE A 80 -10.38 -3.68 -8.89
N ASN A 81 -10.23 -2.59 -9.63
CA ASN A 81 -11.20 -2.24 -10.65
C ASN A 81 -10.48 -2.15 -12.01
N ARG A 82 -9.38 -1.40 -12.01
CA ARG A 82 -8.60 -1.23 -13.22
C ARG A 82 -7.20 -0.71 -12.88
N PRO A 83 -6.24 -0.99 -13.81
CA PRO A 83 -4.87 -0.56 -13.62
C PRO A 83 -4.73 0.94 -13.87
N PHE A 84 -3.51 1.43 -13.69
CA PHE A 84 -3.23 2.85 -13.90
C PHE A 84 -2.74 3.10 -15.31
N LEU A 85 -2.78 4.38 -15.70
CA LEU A 85 -2.35 4.77 -17.03
C LEU A 85 -0.93 5.33 -16.95
N GLY A 86 -0.03 4.69 -17.70
CA GLY A 86 1.36 5.11 -17.72
C GLY A 86 2.29 3.94 -17.39
N PRO A 87 3.59 4.13 -17.73
CA PRO A 87 4.59 3.11 -17.47
C PRO A 87 4.95 3.05 -15.99
N GLU A 88 5.66 2.00 -15.63
CA GLU A 88 6.07 1.81 -14.24
C GLU A 88 7.60 1.84 -14.14
N SER A 89 8.12 3.03 -13.90
CA SER A 89 9.56 3.20 -13.78
C SER A 89 10.22 3.09 -15.15
N GLN A 90 10.09 1.90 -15.74
CA GLN A 90 10.67 1.65 -17.06
C GLN A 90 12.14 2.07 -17.07
N LEU A 91 12.97 1.19 -16.54
CA LEU A 91 14.41 1.45 -16.49
C LEU A 91 14.67 2.66 -15.59
N GLY A 92 15.95 2.89 -15.33
CA GLY A 92 16.34 4.01 -14.48
C GLY A 92 17.17 5.03 -15.28
N GLY A 93 18.48 4.80 -15.28
CA GLY A 93 19.38 5.69 -15.99
C GLY A 93 20.80 5.12 -16.02
N SER A 94 21.57 5.59 -16.98
CA SER A 94 22.95 5.13 -17.13
C SER A 94 23.91 6.29 -16.91
N GLY A 95 25.17 5.94 -16.69
CA GLY A 95 26.20 6.94 -16.46
C GLY A 95 27.53 6.28 -16.09
N PRO A 96 28.51 6.40 -17.02
CA PRO A 96 29.84 5.82 -16.79
C PRO A 96 30.63 6.65 -15.79
N SER A 97 30.70 7.95 -16.06
CA SER A 97 31.43 8.85 -15.20
C SER A 97 30.79 10.25 -15.24
N SER A 98 30.39 10.72 -14.07
CA SER A 98 29.77 12.02 -13.97
C SER A 98 30.79 13.11 -14.27
N GLY A 99 30.37 14.07 -15.10
CA GLY A 99 31.24 15.17 -15.47
C GLY A 99 31.37 15.26 -17.00
N GLY A 1 16.55 -1.71 -0.51
CA GLY A 1 15.23 -2.05 -0.03
C GLY A 1 15.29 -3.09 1.09
N SER A 2 15.04 -4.34 0.70
CA SER A 2 15.06 -5.43 1.65
C SER A 2 13.84 -5.35 2.58
N SER A 3 13.75 -4.24 3.29
CA SER A 3 12.65 -4.03 4.20
C SER A 3 12.63 -5.13 5.27
N GLY A 4 12.87 -4.72 6.50
CA GLY A 4 12.89 -5.67 7.61
C GLY A 4 11.48 -5.85 8.18
N SER A 5 11.41 -5.80 9.51
CA SER A 5 10.13 -5.97 10.18
C SER A 5 10.25 -5.51 11.63
N SER A 6 9.81 -4.28 11.86
CA SER A 6 9.85 -3.70 13.20
C SER A 6 9.18 -2.33 13.19
N GLY A 7 8.02 -2.27 13.84
CA GLY A 7 7.27 -1.04 13.92
C GLY A 7 5.81 -1.25 13.50
N LEU A 8 4.98 -0.27 13.85
CA LEU A 8 3.56 -0.35 13.52
C LEU A 8 3.31 0.41 12.22
N ARG A 9 3.43 1.73 12.30
CA ARG A 9 3.21 2.58 11.14
C ARG A 9 3.80 1.92 9.89
N LYS A 10 4.99 1.37 10.05
CA LYS A 10 5.66 0.71 8.94
C LYS A 10 4.92 -0.59 8.60
N ALA A 11 4.76 -1.43 9.62
CA ALA A 11 4.07 -2.70 9.44
C ALA A 11 2.87 -2.49 8.51
N VAL A 12 2.09 -1.48 8.83
CA VAL A 12 0.90 -1.17 8.04
C VAL A 12 1.28 -1.12 6.56
N GLU A 13 2.25 -0.27 6.26
CA GLU A 13 2.72 -0.11 4.90
C GLU A 13 3.11 -1.47 4.31
N ASP A 14 3.64 -2.32 5.18
CA ASP A 14 4.06 -3.64 4.77
C ASP A 14 2.83 -4.51 4.53
N TYR A 15 1.71 -4.05 5.07
CA TYR A 15 0.46 -4.77 4.93
C TYR A 15 -0.31 -4.32 3.69
N PHE A 16 -0.54 -3.02 3.62
CA PHE A 16 -1.25 -2.45 2.50
C PHE A 16 -0.74 -3.01 1.17
N CYS A 17 0.51 -3.46 1.19
CA CYS A 17 1.13 -4.02 0.02
C CYS A 17 0.54 -5.42 -0.22
N PHE A 18 0.68 -6.26 0.78
CA PHE A 18 0.16 -7.62 0.70
C PHE A 18 -1.19 -7.65 0.01
N CYS A 19 -1.99 -6.62 0.29
CA CYS A 19 -3.31 -6.52 -0.30
C CYS A 19 -3.16 -6.36 -1.82
N TYR A 20 -2.60 -5.22 -2.20
CA TYR A 20 -2.39 -4.93 -3.61
C TYR A 20 -1.75 -6.12 -4.32
N GLY A 21 -0.87 -6.79 -3.60
CA GLY A 21 -0.18 -7.96 -4.17
C GLY A 21 -1.14 -9.14 -4.29
N LYS A 22 -2.01 -9.27 -3.30
CA LYS A 22 -2.98 -10.36 -3.30
C LYS A 22 -4.03 -10.10 -4.36
N ALA A 23 -4.22 -8.83 -4.68
CA ALA A 23 -5.20 -8.44 -5.68
C ALA A 23 -4.58 -8.58 -7.07
N LEU A 24 -3.36 -8.07 -7.20
CA LEU A 24 -2.64 -8.14 -8.46
C LEU A 24 -2.51 -9.60 -8.90
N GLY A 25 -2.65 -10.49 -7.92
CA GLY A 25 -2.56 -11.91 -8.18
C GLY A 25 -1.10 -12.36 -8.23
N THR A 26 -0.27 -11.65 -7.48
CA THR A 26 1.16 -11.95 -7.43
C THR A 26 1.47 -12.75 -6.16
N THR A 27 2.75 -13.11 -6.04
CA THR A 27 3.19 -13.87 -4.89
C THR A 27 4.23 -13.07 -4.09
N VAL A 28 4.19 -11.76 -4.29
CA VAL A 28 5.11 -10.87 -3.60
C VAL A 28 4.35 -9.63 -3.13
N MET A 29 5.11 -8.68 -2.60
CA MET A 29 4.52 -7.45 -2.10
C MET A 29 4.69 -6.31 -3.12
N VAL A 30 3.59 -5.64 -3.38
CA VAL A 30 3.60 -4.53 -4.33
C VAL A 30 3.42 -3.21 -3.57
N PRO A 31 4.22 -2.19 -3.99
CA PRO A 31 4.16 -0.89 -3.36
C PRO A 31 2.91 -0.12 -3.80
N VAL A 32 1.94 -0.07 -2.90
CA VAL A 32 0.69 0.62 -3.17
C VAL A 32 1.00 2.00 -3.77
N PRO A 33 0.54 2.21 -5.02
CA PRO A 33 0.76 3.46 -5.72
C PRO A 33 -0.16 4.56 -5.17
N TYR A 34 0.29 5.17 -4.08
CA TYR A 34 -0.49 6.23 -3.45
C TYR A 34 -0.70 7.40 -4.41
N GLU A 35 0.41 8.02 -4.79
CA GLU A 35 0.36 9.14 -5.71
C GLU A 35 -0.71 8.93 -6.77
N LYS A 36 -0.85 7.67 -7.17
CA LYS A 36 -1.83 7.31 -8.18
C LYS A 36 -3.23 7.32 -7.56
N MET A 37 -3.45 6.39 -6.65
CA MET A 37 -4.73 6.28 -5.99
C MET A 37 -5.19 7.65 -5.46
N LEU A 38 -4.21 8.42 -5.00
CA LEU A 38 -4.50 9.74 -4.48
C LEU A 38 -4.91 10.68 -5.61
N ARG A 39 -4.23 10.51 -6.74
CA ARG A 39 -4.52 11.33 -7.92
C ARG A 39 -5.85 10.90 -8.55
N ASP A 40 -5.95 9.60 -8.80
CA ASP A 40 -7.16 9.05 -9.40
C ASP A 40 -7.67 7.90 -8.52
N GLN A 41 -8.84 8.13 -7.94
CA GLN A 41 -9.47 7.13 -7.08
C GLN A 41 -10.36 6.21 -7.91
N SER A 42 -10.15 6.24 -9.21
CA SER A 42 -10.93 5.41 -10.12
C SER A 42 -10.09 4.22 -10.60
N ALA A 43 -9.10 3.88 -9.79
CA ALA A 43 -8.22 2.76 -10.11
C ALA A 43 -8.50 1.60 -9.17
N VAL A 44 -8.18 1.81 -7.90
CA VAL A 44 -8.39 0.79 -6.89
C VAL A 44 -9.35 1.33 -5.83
N VAL A 45 -10.19 0.43 -5.33
CA VAL A 45 -11.16 0.80 -4.31
C VAL A 45 -10.77 0.14 -2.98
N VAL A 46 -10.99 0.88 -1.90
CA VAL A 46 -10.68 0.37 -0.58
C VAL A 46 -11.98 -0.04 0.13
N GLN A 47 -11.92 -1.19 0.79
CA GLN A 47 -13.06 -1.70 1.51
C GLN A 47 -12.62 -2.38 2.81
N GLY A 48 -13.22 -1.94 3.90
CA GLY A 48 -12.89 -2.50 5.21
C GLY A 48 -12.14 -1.48 6.07
N LEU A 49 -12.46 -0.21 5.85
CA LEU A 49 -11.83 0.86 6.59
C LEU A 49 -12.78 1.35 7.69
N PRO A 50 -12.20 2.12 8.64
CA PRO A 50 -12.99 2.67 9.75
C PRO A 50 -13.86 3.83 9.27
N GLU A 51 -14.76 4.24 10.16
CA GLU A 51 -15.66 5.35 9.85
C GLU A 51 -14.86 6.64 9.63
N GLY A 52 -15.33 7.44 8.68
CA GLY A 52 -14.68 8.69 8.36
C GLY A 52 -13.16 8.52 8.30
N VAL A 53 -12.75 7.44 7.63
CA VAL A 53 -11.33 7.16 7.48
C VAL A 53 -11.06 6.72 6.04
N ALA A 54 -10.00 7.29 5.48
CA ALA A 54 -9.62 6.98 4.12
C ALA A 54 -8.41 6.05 4.14
N PHE A 55 -7.97 5.68 2.94
CA PHE A 55 -6.81 4.80 2.81
C PHE A 55 -5.52 5.60 2.69
N GLN A 56 -5.61 6.87 3.04
CA GLN A 56 -4.45 7.75 2.97
C GLN A 56 -3.25 7.10 3.65
N HIS A 57 -2.11 7.77 3.54
CA HIS A 57 -0.89 7.27 4.14
C HIS A 57 -1.13 6.96 5.62
N PRO A 58 -0.45 5.88 6.09
CA PRO A 58 -0.58 5.46 7.48
C PRO A 58 0.19 6.40 8.41
N GLU A 59 1.22 7.01 7.85
CA GLU A 59 2.05 7.93 8.62
C GLU A 59 1.18 9.00 9.28
N ASN A 60 -0.03 9.14 8.75
CA ASN A 60 -0.96 10.13 9.27
C ASN A 60 -1.82 9.48 10.36
N TYR A 61 -2.38 8.33 10.01
CA TYR A 61 -3.22 7.60 10.95
C TYR A 61 -2.67 7.69 12.37
N ASP A 62 -3.58 7.72 13.34
CA ASP A 62 -3.19 7.81 14.73
C ASP A 62 -2.76 6.42 15.22
N LEU A 63 -1.79 6.42 16.12
CA LEU A 63 -1.29 5.18 16.68
C LEU A 63 -2.44 4.21 16.90
N ALA A 64 -3.58 4.77 17.26
CA ALA A 64 -4.78 3.98 17.51
C ALA A 64 -5.26 3.38 16.19
N THR A 65 -5.54 4.26 15.24
CA THR A 65 -6.01 3.82 13.93
C THR A 65 -5.08 2.74 13.37
N LEU A 66 -3.80 3.07 13.35
CA LEU A 66 -2.80 2.14 12.84
C LEU A 66 -3.06 0.74 13.42
N LYS A 67 -3.18 0.69 14.74
CA LYS A 67 -3.42 -0.56 15.42
C LYS A 67 -4.81 -1.09 15.02
N TRP A 68 -5.72 -0.14 14.81
CA TRP A 68 -7.08 -0.50 14.43
C TRP A 68 -7.03 -1.21 13.08
N ILE A 69 -6.50 -0.50 12.09
CA ILE A 69 -6.38 -1.05 10.75
C ILE A 69 -5.82 -2.47 10.84
N LEU A 70 -4.72 -2.60 11.56
CA LEU A 70 -4.07 -3.88 11.72
C LEU A 70 -5.05 -4.86 12.38
N GLU A 71 -5.77 -4.35 13.37
CA GLU A 71 -6.74 -5.16 14.09
C GLU A 71 -7.96 -5.42 13.20
N ASN A 72 -8.05 -4.66 12.13
CA ASN A 72 -9.16 -4.81 11.20
C ASN A 72 -8.62 -4.81 9.77
N LYS A 73 -7.51 -5.50 9.59
CA LYS A 73 -6.89 -5.59 8.28
C LYS A 73 -7.52 -6.76 7.49
N ALA A 74 -7.97 -7.75 8.24
CA ALA A 74 -8.59 -8.92 7.64
C ALA A 74 -9.83 -8.48 6.87
N GLY A 75 -10.46 -7.42 7.37
CA GLY A 75 -11.66 -6.90 6.75
C GLY A 75 -11.31 -5.97 5.59
N ILE A 76 -10.09 -5.45 5.63
CA ILE A 76 -9.62 -4.55 4.59
C ILE A 76 -9.35 -5.34 3.32
N SER A 77 -9.94 -4.86 2.22
CA SER A 77 -9.76 -5.51 0.94
C SER A 77 -9.69 -4.47 -0.18
N PHE A 78 -8.81 -4.72 -1.13
CA PHE A 78 -8.62 -3.82 -2.25
C PHE A 78 -9.45 -4.26 -3.45
N ILE A 79 -10.57 -3.58 -3.64
CA ILE A 79 -11.46 -3.89 -4.75
C ILE A 79 -10.93 -3.23 -6.03
N ILE A 80 -10.15 -3.98 -6.77
CA ILE A 80 -9.58 -3.49 -8.01
C ILE A 80 -10.70 -3.25 -9.02
N ASN A 81 -10.49 -2.24 -9.86
CA ASN A 81 -11.47 -1.89 -10.87
C ASN A 81 -10.78 -1.82 -12.24
N ARG A 82 -9.68 -1.08 -12.28
CA ARG A 82 -8.93 -0.93 -13.50
C ARG A 82 -7.49 -0.49 -13.20
N PRO A 83 -6.58 -0.80 -14.16
CA PRO A 83 -5.18 -0.45 -14.00
C PRO A 83 -4.96 1.05 -14.23
N PHE A 84 -3.73 1.48 -14.01
CA PHE A 84 -3.38 2.88 -14.19
C PHE A 84 -2.84 3.14 -15.60
N LEU A 85 -2.68 4.41 -15.91
CA LEU A 85 -2.18 4.80 -17.21
C LEU A 85 -1.14 5.91 -17.05
N GLY A 86 0.12 5.54 -17.25
CA GLY A 86 1.20 6.50 -17.12
C GLY A 86 2.56 5.83 -17.42
N PRO A 87 3.55 6.68 -17.77
CA PRO A 87 4.88 6.19 -18.07
C PRO A 87 5.63 5.79 -16.79
N GLU A 88 6.85 5.33 -16.99
CA GLU A 88 7.68 4.92 -15.86
C GLU A 88 9.15 5.23 -16.14
N SER A 89 9.69 6.12 -15.32
CA SER A 89 11.09 6.51 -15.47
C SER A 89 11.49 7.45 -14.33
N GLN A 90 12.79 7.51 -14.08
CA GLN A 90 13.32 8.35 -13.02
C GLN A 90 14.81 8.60 -13.23
N LEU A 91 15.20 9.85 -13.09
CA LEU A 91 16.60 10.23 -13.26
C LEU A 91 16.90 11.45 -12.39
N GLY A 92 17.95 11.33 -11.59
CA GLY A 92 18.35 12.41 -10.71
C GLY A 92 19.53 13.19 -11.30
N GLY A 93 19.55 14.48 -11.01
CA GLY A 93 20.61 15.34 -11.52
C GLY A 93 20.52 16.73 -10.88
N SER A 94 21.65 17.42 -10.86
CA SER A 94 21.72 18.75 -10.29
C SER A 94 23.15 19.30 -10.41
N GLY A 95 23.27 20.59 -10.16
CA GLY A 95 24.56 21.25 -10.24
C GLY A 95 24.56 22.57 -9.46
N PRO A 96 25.75 22.92 -8.91
CA PRO A 96 25.89 24.15 -8.15
C PRO A 96 25.91 25.37 -9.06
N SER A 97 25.12 26.36 -8.71
CA SER A 97 25.04 27.58 -9.49
C SER A 97 25.70 28.73 -8.73
N SER A 98 25.99 29.80 -9.46
CA SER A 98 26.61 30.97 -8.86
C SER A 98 25.56 32.05 -8.59
N GLY A 99 25.95 33.00 -7.76
CA GLY A 99 25.05 34.10 -7.41
C GLY A 99 24.75 34.98 -8.62
N GLY A 1 11.98 -15.18 10.24
CA GLY A 1 12.12 -15.98 11.45
C GLY A 1 12.02 -15.10 12.70
N SER A 2 13.16 -14.89 13.33
CA SER A 2 13.22 -14.07 14.53
C SER A 2 13.77 -12.69 14.20
N SER A 3 14.99 -12.68 13.67
CA SER A 3 15.64 -11.44 13.29
C SER A 3 14.73 -10.62 12.38
N GLY A 4 14.56 -9.36 12.73
CA GLY A 4 13.72 -8.47 11.95
C GLY A 4 12.94 -7.52 12.86
N SER A 5 12.68 -6.33 12.34
CA SER A 5 11.94 -5.33 13.09
C SER A 5 11.70 -4.09 12.21
N SER A 6 10.58 -3.43 12.48
CA SER A 6 10.23 -2.24 11.71
C SER A 6 9.39 -1.29 12.59
N GLY A 7 8.20 -1.75 12.91
CA GLY A 7 7.30 -0.95 13.75
C GLY A 7 5.84 -1.17 13.33
N LEU A 8 5.01 -0.19 13.67
CA LEU A 8 3.60 -0.26 13.34
C LEU A 8 3.37 0.42 12.00
N ARG A 9 3.58 1.72 11.99
CA ARG A 9 3.39 2.50 10.77
C ARG A 9 3.85 1.70 9.55
N LYS A 10 5.05 1.17 9.65
CA LYS A 10 5.62 0.38 8.56
C LYS A 10 4.79 -0.90 8.38
N ALA A 11 4.62 -1.60 9.49
CA ALA A 11 3.85 -2.84 9.47
C ALA A 11 2.63 -2.67 8.57
N VAL A 12 1.93 -1.57 8.78
CA VAL A 12 0.75 -1.27 7.99
C VAL A 12 1.13 -1.17 6.52
N GLU A 13 2.18 -0.40 6.26
CA GLU A 13 2.67 -0.20 4.90
C GLU A 13 3.11 -1.53 4.31
N ASP A 14 3.50 -2.45 5.19
CA ASP A 14 3.95 -3.76 4.76
C ASP A 14 2.74 -4.62 4.40
N TYR A 15 1.62 -4.29 5.02
CA TYR A 15 0.39 -5.02 4.77
C TYR A 15 -0.30 -4.52 3.50
N PHE A 16 -0.64 -3.25 3.51
CA PHE A 16 -1.31 -2.64 2.36
C PHE A 16 -0.74 -3.20 1.05
N CYS A 17 0.57 -3.44 1.06
CA CYS A 17 1.24 -3.97 -0.12
C CYS A 17 0.72 -5.39 -0.37
N PHE A 18 1.04 -6.27 0.57
CA PHE A 18 0.62 -7.66 0.46
C PHE A 18 -0.80 -7.76 -0.09
N CYS A 19 -1.62 -6.80 0.29
CA CYS A 19 -3.00 -6.76 -0.15
C CYS A 19 -3.01 -6.50 -1.67
N TYR A 20 -2.47 -5.35 -2.03
CA TYR A 20 -2.40 -4.97 -3.43
C TYR A 20 -1.84 -6.10 -4.29
N GLY A 21 -0.87 -6.80 -3.72
CA GLY A 21 -0.25 -7.91 -4.43
C GLY A 21 -1.22 -9.09 -4.57
N LYS A 22 -1.99 -9.31 -3.51
CA LYS A 22 -2.96 -10.38 -3.52
C LYS A 22 -4.06 -10.09 -4.53
N ALA A 23 -4.21 -8.81 -4.84
CA ALA A 23 -5.21 -8.37 -5.79
C ALA A 23 -4.63 -8.46 -7.21
N LEU A 24 -3.44 -7.89 -7.36
CA LEU A 24 -2.77 -7.90 -8.66
C LEU A 24 -2.60 -9.34 -9.13
N GLY A 25 -2.43 -10.22 -8.16
CA GLY A 25 -2.25 -11.64 -8.45
C GLY A 25 -0.79 -12.05 -8.25
N THR A 26 0.05 -11.05 -8.00
CA THR A 26 1.47 -11.31 -7.80
C THR A 26 1.69 -12.11 -6.52
N THR A 27 2.86 -12.74 -6.44
CA THR A 27 3.20 -13.55 -5.28
C THR A 27 4.18 -12.79 -4.38
N VAL A 28 4.35 -11.51 -4.69
CA VAL A 28 5.25 -10.66 -3.91
C VAL A 28 4.50 -9.41 -3.45
N MET A 29 5.21 -8.58 -2.72
CA MET A 29 4.63 -7.35 -2.20
C MET A 29 4.65 -6.24 -3.27
N VAL A 30 3.57 -5.49 -3.31
CA VAL A 30 3.45 -4.41 -4.27
C VAL A 30 3.31 -3.08 -3.52
N PRO A 31 4.14 -2.10 -3.95
CA PRO A 31 4.12 -0.78 -3.33
C PRO A 31 2.89 0.01 -3.77
N VAL A 32 1.90 0.05 -2.89
CA VAL A 32 0.67 0.77 -3.18
C VAL A 32 1.01 2.14 -3.78
N PRO A 33 0.54 2.34 -5.03
CA PRO A 33 0.79 3.59 -5.73
C PRO A 33 -0.10 4.71 -5.17
N TYR A 34 0.22 5.13 -3.97
CA TYR A 34 -0.54 6.19 -3.32
C TYR A 34 -0.73 7.38 -4.26
N GLU A 35 0.38 8.02 -4.60
CA GLU A 35 0.35 9.16 -5.50
C GLU A 35 -0.70 8.95 -6.59
N LYS A 36 -0.80 7.72 -7.05
CA LYS A 36 -1.75 7.38 -8.09
C LYS A 36 -3.17 7.37 -7.50
N MET A 37 -3.41 6.39 -6.64
CA MET A 37 -4.71 6.26 -6.01
C MET A 37 -5.19 7.62 -5.48
N LEU A 38 -4.25 8.39 -4.96
CA LEU A 38 -4.57 9.70 -4.42
C LEU A 38 -5.05 10.62 -5.56
N ARG A 39 -4.26 10.64 -6.62
CA ARG A 39 -4.60 11.46 -7.77
C ARG A 39 -5.93 11.02 -8.37
N ASP A 40 -6.02 9.72 -8.62
CA ASP A 40 -7.24 9.16 -9.20
C ASP A 40 -7.68 7.96 -8.35
N GLN A 41 -8.94 8.03 -7.92
CA GLN A 41 -9.49 6.96 -7.10
C GLN A 41 -10.37 6.04 -7.96
N SER A 42 -10.16 6.12 -9.27
CA SER A 42 -10.92 5.31 -10.20
C SER A 42 -10.08 4.11 -10.65
N ALA A 43 -9.04 3.83 -9.88
CA ALA A 43 -8.15 2.73 -10.19
C ALA A 43 -8.46 1.55 -9.25
N VAL A 44 -8.29 1.80 -7.97
CA VAL A 44 -8.54 0.79 -6.96
C VAL A 44 -9.43 1.37 -5.86
N VAL A 45 -10.25 0.51 -5.29
CA VAL A 45 -11.15 0.93 -4.23
C VAL A 45 -10.72 0.27 -2.91
N VAL A 46 -11.02 0.95 -1.81
CA VAL A 46 -10.68 0.46 -0.50
C VAL A 46 -11.95 0.05 0.24
N GLN A 47 -11.88 -1.12 0.88
CA GLN A 47 -13.02 -1.63 1.62
C GLN A 47 -12.56 -2.31 2.90
N GLY A 48 -13.15 -1.90 4.01
CA GLY A 48 -12.81 -2.46 5.30
C GLY A 48 -12.07 -1.45 6.17
N LEU A 49 -12.39 -0.17 5.94
CA LEU A 49 -11.77 0.90 6.69
C LEU A 49 -12.73 1.38 7.78
N PRO A 50 -12.16 2.15 8.74
CA PRO A 50 -12.95 2.67 9.85
C PRO A 50 -13.83 3.84 9.39
N GLU A 51 -14.85 4.12 10.18
CA GLU A 51 -15.77 5.20 9.86
C GLU A 51 -15.03 6.54 9.81
N GLY A 52 -15.27 7.28 8.74
CA GLY A 52 -14.63 8.57 8.56
C GLY A 52 -13.11 8.42 8.51
N VAL A 53 -12.67 7.50 7.66
CA VAL A 53 -11.24 7.27 7.50
C VAL A 53 -10.96 6.83 6.06
N ALA A 54 -9.90 7.40 5.50
CA ALA A 54 -9.52 7.07 4.14
C ALA A 54 -8.29 6.15 4.16
N PHE A 55 -7.91 5.71 2.97
CA PHE A 55 -6.77 4.82 2.84
C PHE A 55 -5.47 5.61 2.73
N GLN A 56 -5.56 6.89 3.10
CA GLN A 56 -4.40 7.77 3.05
C GLN A 56 -3.23 7.14 3.79
N HIS A 57 -2.05 7.68 3.53
CA HIS A 57 -0.84 7.19 4.17
C HIS A 57 -1.12 6.91 5.65
N PRO A 58 -0.48 5.82 6.16
CA PRO A 58 -0.65 5.43 7.55
C PRO A 58 0.13 6.36 8.47
N GLU A 59 1.21 6.91 7.94
CA GLU A 59 2.05 7.83 8.71
C GLU A 59 1.19 8.93 9.35
N ASN A 60 0.01 9.11 8.78
CA ASN A 60 -0.91 10.12 9.28
C ASN A 60 -1.82 9.49 10.35
N TYR A 61 -2.35 8.33 10.02
CA TYR A 61 -3.23 7.62 10.93
C TYR A 61 -2.75 7.77 12.38
N ASP A 62 -3.71 7.81 13.29
CA ASP A 62 -3.40 7.95 14.70
C ASP A 62 -2.96 6.60 15.25
N LEU A 63 -2.07 6.66 16.24
CA LEU A 63 -1.55 5.46 16.86
C LEU A 63 -2.70 4.45 17.04
N ALA A 64 -3.90 4.99 17.21
CA ALA A 64 -5.08 4.15 17.39
C ALA A 64 -5.45 3.52 16.05
N THR A 65 -5.78 4.39 15.10
CA THR A 65 -6.17 3.91 13.77
C THR A 65 -5.17 2.87 13.27
N LEU A 66 -3.90 3.18 13.42
CA LEU A 66 -2.84 2.27 12.99
C LEU A 66 -3.11 0.89 13.58
N LYS A 67 -3.17 0.83 14.90
CA LYS A 67 -3.40 -0.43 15.59
C LYS A 67 -4.78 -0.97 15.18
N TRP A 68 -5.69 -0.05 14.92
CA TRP A 68 -7.04 -0.43 14.52
C TRP A 68 -6.95 -1.16 13.19
N ILE A 69 -6.41 -0.46 12.20
CA ILE A 69 -6.26 -1.04 10.88
C ILE A 69 -5.75 -2.48 11.00
N LEU A 70 -4.64 -2.63 11.73
CA LEU A 70 -4.05 -3.93 11.93
C LEU A 70 -5.06 -4.85 12.63
N GLU A 71 -5.78 -4.27 13.59
CA GLU A 71 -6.78 -5.00 14.33
C GLU A 71 -7.99 -5.29 13.44
N ASN A 72 -8.03 -4.62 12.31
CA ASN A 72 -9.12 -4.80 11.37
C ASN A 72 -8.58 -4.78 9.95
N LYS A 73 -7.48 -5.50 9.76
CA LYS A 73 -6.86 -5.58 8.45
C LYS A 73 -7.56 -6.65 7.61
N ALA A 74 -7.84 -7.77 8.26
CA ALA A 74 -8.50 -8.88 7.60
C ALA A 74 -9.76 -8.36 6.89
N GLY A 75 -10.28 -7.26 7.42
CA GLY A 75 -11.48 -6.66 6.84
C GLY A 75 -11.12 -5.75 5.67
N ILE A 76 -9.90 -5.25 5.71
CA ILE A 76 -9.44 -4.35 4.66
C ILE A 76 -9.18 -5.16 3.38
N SER A 77 -9.82 -4.74 2.31
CA SER A 77 -9.67 -5.40 1.03
C SER A 77 -9.61 -4.38 -0.10
N PHE A 78 -8.76 -4.67 -1.09
CA PHE A 78 -8.60 -3.79 -2.22
C PHE A 78 -9.44 -4.26 -3.41
N ILE A 79 -10.47 -3.49 -3.72
CA ILE A 79 -11.35 -3.82 -4.83
C ILE A 79 -10.76 -3.27 -6.12
N ILE A 80 -9.98 -4.12 -6.78
CA ILE A 80 -9.34 -3.74 -8.04
C ILE A 80 -10.42 -3.51 -9.10
N ASN A 81 -10.21 -2.48 -9.91
CA ASN A 81 -11.15 -2.14 -10.96
C ASN A 81 -10.41 -2.10 -12.29
N ARG A 82 -9.31 -1.36 -12.31
CA ARG A 82 -8.50 -1.23 -13.51
C ARG A 82 -7.12 -0.67 -13.17
N PRO A 83 -6.15 -0.97 -14.07
CA PRO A 83 -4.78 -0.51 -13.87
C PRO A 83 -4.65 0.98 -14.16
N PHE A 84 -3.47 1.51 -13.91
CA PHE A 84 -3.20 2.92 -14.13
C PHE A 84 -2.63 3.15 -15.54
N LEU A 85 -2.50 4.41 -15.89
CA LEU A 85 -1.97 4.78 -17.20
C LEU A 85 -0.56 5.34 -17.02
N GLY A 86 0.40 4.70 -17.70
CA GLY A 86 1.78 5.14 -17.63
C GLY A 86 2.73 4.01 -18.06
N PRO A 87 3.97 4.41 -18.42
CA PRO A 87 4.97 3.45 -18.85
C PRO A 87 5.54 2.68 -17.66
N GLU A 88 5.89 3.42 -16.63
CA GLU A 88 6.45 2.83 -15.42
C GLU A 88 7.61 1.90 -15.79
N SER A 89 8.78 2.51 -15.95
CA SER A 89 9.97 1.75 -16.30
C SER A 89 11.22 2.58 -16.01
N GLN A 90 12.18 1.95 -15.36
CA GLN A 90 13.43 2.62 -15.03
C GLN A 90 14.56 1.60 -14.88
N LEU A 91 15.39 1.52 -15.90
CA LEU A 91 16.51 0.59 -15.89
C LEU A 91 17.35 0.80 -17.14
N GLY A 92 18.65 0.52 -17.00
CA GLY A 92 19.57 0.68 -18.11
C GLY A 92 20.76 1.54 -17.72
N GLY A 93 21.92 1.20 -18.26
CA GLY A 93 23.13 1.94 -17.98
C GLY A 93 24.02 2.04 -19.23
N SER A 94 25.20 1.47 -19.12
CA SER A 94 26.14 1.50 -20.22
C SER A 94 26.32 0.09 -20.80
N GLY A 95 26.53 0.04 -22.11
CA GLY A 95 26.71 -1.23 -22.79
C GLY A 95 28.17 -1.41 -23.25
N PRO A 96 28.92 -2.20 -22.43
CA PRO A 96 30.32 -2.46 -22.74
C PRO A 96 30.45 -3.45 -23.89
N SER A 97 31.70 -3.69 -24.28
CA SER A 97 31.97 -4.62 -25.37
C SER A 97 33.46 -4.94 -25.42
N SER A 98 34.26 -3.88 -25.53
CA SER A 98 35.71 -4.03 -25.59
C SER A 98 36.38 -2.74 -25.16
N GLY A 99 36.07 -1.67 -25.87
CA GLY A 99 36.63 -0.37 -25.57
C GLY A 99 37.55 0.10 -26.69
N GLY A 1 11.47 5.75 -1.32
CA GLY A 1 10.96 6.81 -0.47
C GLY A 1 11.32 6.58 0.99
N SER A 2 11.08 7.58 1.81
CA SER A 2 11.38 7.50 3.23
C SER A 2 10.09 7.60 4.04
N SER A 3 10.09 6.91 5.18
CA SER A 3 8.93 6.91 6.05
C SER A 3 9.35 7.26 7.48
N GLY A 4 10.23 6.42 8.02
CA GLY A 4 10.72 6.62 9.37
C GLY A 4 11.48 5.40 9.87
N SER A 5 11.06 4.90 11.02
CA SER A 5 11.68 3.73 11.62
C SER A 5 10.71 2.55 11.60
N SER A 6 11.28 1.37 11.36
CA SER A 6 10.48 0.16 11.32
C SER A 6 9.57 0.09 12.54
N GLY A 7 8.27 0.14 12.27
CA GLY A 7 7.28 0.10 13.33
C GLY A 7 5.87 -0.09 12.76
N LEU A 8 4.88 0.06 13.64
CA LEU A 8 3.50 -0.09 13.24
C LEU A 8 3.29 0.59 11.89
N ARG A 9 3.60 1.88 11.85
CA ARG A 9 3.45 2.65 10.63
C ARG A 9 3.84 1.81 9.41
N LYS A 10 5.01 1.20 9.52
CA LYS A 10 5.51 0.35 8.43
C LYS A 10 4.65 -0.91 8.34
N ALA A 11 4.46 -1.53 9.49
CA ALA A 11 3.67 -2.75 9.54
C ALA A 11 2.41 -2.59 8.69
N VAL A 12 1.77 -1.44 8.86
CA VAL A 12 0.55 -1.14 8.12
C VAL A 12 0.89 -1.08 6.62
N GLU A 13 2.03 -0.48 6.33
CA GLU A 13 2.47 -0.34 4.95
C GLU A 13 2.87 -1.71 4.38
N ASP A 14 3.37 -2.56 5.27
CA ASP A 14 3.79 -3.89 4.87
C ASP A 14 2.55 -4.72 4.51
N TYR A 15 1.42 -4.31 5.06
CA TYR A 15 0.17 -5.01 4.80
C TYR A 15 -0.46 -4.52 3.49
N PHE A 16 -0.85 -3.26 3.48
CA PHE A 16 -1.46 -2.67 2.31
C PHE A 16 -0.83 -3.22 1.02
N CYS A 17 0.49 -3.28 1.03
CA CYS A 17 1.22 -3.79 -0.12
C CYS A 17 0.71 -5.19 -0.43
N PHE A 18 0.90 -6.09 0.53
CA PHE A 18 0.47 -7.46 0.37
C PHE A 18 -0.89 -7.53 -0.32
N CYS A 19 -1.81 -6.72 0.17
CA CYS A 19 -3.15 -6.68 -0.39
C CYS A 19 -3.03 -6.43 -1.90
N TYR A 20 -2.61 -5.22 -2.23
CA TYR A 20 -2.45 -4.83 -3.63
C TYR A 20 -1.85 -5.98 -4.44
N GLY A 21 -0.92 -6.69 -3.81
CA GLY A 21 -0.27 -7.81 -4.47
C GLY A 21 -1.23 -8.99 -4.64
N LYS A 22 -1.99 -9.25 -3.58
CA LYS A 22 -2.95 -10.33 -3.60
C LYS A 22 -4.05 -10.02 -4.63
N ALA A 23 -4.26 -8.73 -4.84
CA ALA A 23 -5.28 -8.29 -5.78
C ALA A 23 -4.69 -8.33 -7.20
N LEU A 24 -3.49 -7.81 -7.33
CA LEU A 24 -2.82 -7.78 -8.62
C LEU A 24 -2.69 -9.21 -9.16
N GLY A 25 -2.65 -10.15 -8.23
CA GLY A 25 -2.54 -11.55 -8.59
C GLY A 25 -1.08 -12.01 -8.57
N THR A 26 -0.29 -11.37 -7.71
CA THR A 26 1.12 -11.70 -7.59
C THR A 26 1.37 -12.45 -6.29
N THR A 27 2.61 -12.93 -6.15
CA THR A 27 2.99 -13.67 -4.96
C THR A 27 4.02 -12.87 -4.15
N VAL A 28 4.09 -11.58 -4.45
CA VAL A 28 5.02 -10.70 -3.76
C VAL A 28 4.28 -9.47 -3.25
N MET A 29 5.04 -8.55 -2.69
CA MET A 29 4.46 -7.32 -2.16
C MET A 29 4.57 -6.18 -3.17
N VAL A 30 3.44 -5.52 -3.38
CA VAL A 30 3.39 -4.41 -4.32
C VAL A 30 3.21 -3.10 -3.54
N PRO A 31 4.07 -2.11 -3.91
CA PRO A 31 4.02 -0.80 -3.25
C PRO A 31 2.81 0.01 -3.74
N VAL A 32 1.81 0.10 -2.89
CA VAL A 32 0.61 0.84 -3.22
C VAL A 32 0.99 2.20 -3.80
N PRO A 33 0.59 2.42 -5.08
CA PRO A 33 0.88 3.67 -5.76
C PRO A 33 -0.02 4.80 -5.24
N TYR A 34 0.30 5.26 -4.04
CA TYR A 34 -0.47 6.33 -3.43
C TYR A 34 -0.55 7.55 -4.36
N GLU A 35 0.60 8.12 -4.64
CA GLU A 35 0.68 9.28 -5.50
C GLU A 35 -0.33 9.16 -6.65
N LYS A 36 -0.57 7.91 -7.05
CA LYS A 36 -1.51 7.63 -8.12
C LYS A 36 -2.93 7.67 -7.58
N MET A 37 -3.24 6.67 -6.76
CA MET A 37 -4.56 6.57 -6.16
C MET A 37 -4.99 7.92 -5.55
N LEU A 38 -4.05 8.53 -4.84
CA LEU A 38 -4.31 9.80 -4.19
C LEU A 38 -4.82 10.80 -5.24
N ARG A 39 -4.26 10.69 -6.44
CA ARG A 39 -4.65 11.56 -7.53
C ARG A 39 -5.99 11.13 -8.12
N ASP A 40 -6.09 9.82 -8.36
CA ASP A 40 -7.32 9.26 -8.92
C ASP A 40 -7.60 7.92 -8.25
N GLN A 41 -8.75 7.87 -7.58
CA GLN A 41 -9.16 6.66 -6.88
C GLN A 41 -9.98 5.77 -7.82
N SER A 42 -9.86 6.04 -9.10
CA SER A 42 -10.58 5.28 -10.10
C SER A 42 -9.72 4.12 -10.59
N ALA A 43 -8.88 3.62 -9.69
CA ALA A 43 -7.99 2.52 -10.02
C ALA A 43 -8.29 1.34 -9.08
N VAL A 44 -8.08 1.57 -7.81
CA VAL A 44 -8.33 0.54 -6.80
C VAL A 44 -9.29 1.08 -5.74
N VAL A 45 -10.16 0.20 -5.28
CA VAL A 45 -11.13 0.58 -4.26
C VAL A 45 -10.72 -0.03 -2.92
N VAL A 46 -11.12 0.67 -1.86
CA VAL A 46 -10.80 0.21 -0.51
C VAL A 46 -12.09 -0.21 0.19
N GLN A 47 -12.00 -1.32 0.90
CA GLN A 47 -13.15 -1.85 1.62
C GLN A 47 -12.69 -2.53 2.92
N GLY A 48 -13.30 -2.10 4.02
CA GLY A 48 -12.97 -2.65 5.32
C GLY A 48 -12.23 -1.62 6.17
N LEU A 49 -12.55 -0.36 5.94
CA LEU A 49 -11.92 0.73 6.68
C LEU A 49 -12.88 1.22 7.76
N PRO A 50 -12.32 2.00 8.72
CA PRO A 50 -13.11 2.54 9.81
C PRO A 50 -13.98 3.70 9.33
N GLU A 51 -15.09 3.90 10.04
CA GLU A 51 -16.01 4.98 9.70
C GLU A 51 -15.26 6.32 9.64
N GLY A 52 -15.51 7.04 8.57
CA GLY A 52 -14.88 8.34 8.38
C GLY A 52 -13.36 8.22 8.36
N VAL A 53 -12.88 7.28 7.54
CA VAL A 53 -11.46 7.05 7.42
C VAL A 53 -11.14 6.59 6.00
N ALA A 54 -10.19 7.29 5.38
CA ALA A 54 -9.78 6.97 4.03
C ALA A 54 -8.56 6.05 4.07
N PHE A 55 -8.15 5.62 2.89
CA PHE A 55 -7.00 4.73 2.78
C PHE A 55 -5.70 5.54 2.66
N GLN A 56 -5.80 6.81 2.97
CA GLN A 56 -4.64 7.70 2.91
C GLN A 56 -3.45 7.07 3.63
N HIS A 57 -2.27 7.58 3.32
CA HIS A 57 -1.06 7.08 3.93
C HIS A 57 -1.29 6.80 5.41
N PRO A 58 -0.65 5.72 5.91
CA PRO A 58 -0.78 5.33 7.30
C PRO A 58 0.01 6.27 8.21
N GLU A 59 1.08 6.83 7.66
CA GLU A 59 1.93 7.74 8.39
C GLU A 59 1.08 8.83 9.05
N ASN A 60 -0.11 9.03 8.51
CA ASN A 60 -1.02 10.04 9.03
C ASN A 60 -1.87 9.41 10.14
N TYR A 61 -2.42 8.24 9.84
CA TYR A 61 -3.26 7.54 10.80
C TYR A 61 -2.70 7.67 12.22
N ASP A 62 -3.61 7.82 13.17
CA ASP A 62 -3.22 7.96 14.56
C ASP A 62 -2.76 6.59 15.10
N LEU A 63 -1.79 6.64 15.99
CA LEU A 63 -1.25 5.43 16.58
C LEU A 63 -2.40 4.46 16.86
N ALA A 64 -3.56 5.03 17.14
CA ALA A 64 -4.73 4.23 17.42
C ALA A 64 -5.22 3.55 16.14
N THR A 65 -5.55 4.39 15.16
CA THR A 65 -6.03 3.90 13.89
C THR A 65 -5.09 2.82 13.35
N LEU A 66 -3.81 3.15 13.32
CA LEU A 66 -2.79 2.24 12.83
C LEU A 66 -3.03 0.85 13.45
N LYS A 67 -3.13 0.83 14.77
CA LYS A 67 -3.36 -0.40 15.50
C LYS A 67 -4.75 -0.94 15.16
N TRP A 68 -5.66 0.00 14.90
CA TRP A 68 -7.02 -0.37 14.56
C TRP A 68 -7.00 -1.14 13.24
N ILE A 69 -6.48 -0.48 12.22
CA ILE A 69 -6.38 -1.09 10.91
C ILE A 69 -5.88 -2.53 11.05
N LEU A 70 -4.76 -2.67 11.73
CA LEU A 70 -4.17 -3.98 11.95
C LEU A 70 -5.16 -4.86 12.71
N GLU A 71 -5.86 -4.24 13.66
CA GLU A 71 -6.84 -4.95 14.45
C GLU A 71 -8.07 -5.29 13.61
N ASN A 72 -8.12 -4.71 12.42
CA ASN A 72 -9.23 -4.93 11.52
C ASN A 72 -8.72 -4.89 10.08
N LYS A 73 -7.61 -5.57 9.85
CA LYS A 73 -7.01 -5.62 8.52
C LYS A 73 -7.70 -6.71 7.69
N ALA A 74 -7.95 -7.83 8.36
CA ALA A 74 -8.59 -8.96 7.71
C ALA A 74 -9.85 -8.47 6.97
N GLY A 75 -10.41 -7.39 7.48
CA GLY A 75 -11.61 -6.81 6.89
C GLY A 75 -11.25 -5.90 5.72
N ILE A 76 -10.03 -5.37 5.77
CA ILE A 76 -9.56 -4.49 4.72
C ILE A 76 -9.26 -5.30 3.46
N SER A 77 -9.92 -4.91 2.37
CA SER A 77 -9.73 -5.60 1.11
C SER A 77 -9.63 -4.57 -0.03
N PHE A 78 -8.76 -4.88 -0.98
CA PHE A 78 -8.55 -4.01 -2.12
C PHE A 78 -9.34 -4.49 -3.33
N ILE A 79 -10.44 -3.80 -3.60
CA ILE A 79 -11.28 -4.16 -4.73
C ILE A 79 -10.69 -3.59 -6.02
N ILE A 80 -9.81 -4.38 -6.62
CA ILE A 80 -9.16 -3.97 -7.85
C ILE A 80 -10.21 -3.79 -8.95
N ASN A 81 -10.24 -2.59 -9.52
CA ASN A 81 -11.19 -2.29 -10.57
C ASN A 81 -10.46 -2.24 -11.92
N ARG A 82 -9.30 -1.62 -11.89
CA ARG A 82 -8.48 -1.50 -13.09
C ARG A 82 -7.10 -0.93 -12.75
N PRO A 83 -6.12 -1.24 -13.65
CA PRO A 83 -4.76 -0.77 -13.45
C PRO A 83 -4.65 0.72 -13.78
N PHE A 84 -3.43 1.23 -13.63
CA PHE A 84 -3.16 2.63 -13.90
C PHE A 84 -2.65 2.81 -15.33
N LEU A 85 -2.32 4.06 -15.64
CA LEU A 85 -1.81 4.40 -16.96
C LEU A 85 -0.56 5.28 -16.82
N GLY A 86 0.42 4.98 -17.64
CA GLY A 86 1.67 5.73 -17.61
C GLY A 86 2.86 4.84 -17.99
N PRO A 87 4.01 5.51 -18.28
CA PRO A 87 5.21 4.79 -18.65
C PRO A 87 5.86 4.14 -17.43
N GLU A 88 6.79 3.24 -17.70
CA GLU A 88 7.49 2.54 -16.63
C GLU A 88 8.85 2.05 -17.12
N SER A 89 9.80 2.01 -16.21
CA SER A 89 11.15 1.57 -16.53
C SER A 89 11.89 1.17 -15.25
N GLN A 90 12.93 0.37 -15.44
CA GLN A 90 13.74 -0.09 -14.31
C GLN A 90 14.89 -0.96 -14.80
N LEU A 91 16.09 -0.43 -14.67
CA LEU A 91 17.28 -1.14 -15.08
C LEU A 91 18.41 -0.89 -14.08
N GLY A 92 19.44 -1.73 -14.17
CA GLY A 92 20.57 -1.61 -13.28
C GLY A 92 21.16 -2.98 -12.95
N GLY A 93 22.48 -3.04 -12.93
CA GLY A 93 23.17 -4.28 -12.62
C GLY A 93 24.64 -4.21 -13.05
N SER A 94 25.45 -5.04 -12.42
CA SER A 94 26.87 -5.10 -12.73
C SER A 94 27.49 -6.36 -12.15
N GLY A 95 28.81 -6.43 -12.25
CA GLY A 95 29.53 -7.59 -11.74
C GLY A 95 30.85 -7.16 -11.07
N PRO A 96 30.83 -7.16 -9.71
CA PRO A 96 32.01 -6.77 -8.95
C PRO A 96 33.06 -7.88 -8.97
N SER A 97 33.80 -7.93 -10.07
CA SER A 97 34.85 -8.93 -10.22
C SER A 97 35.70 -8.61 -11.45
N SER A 98 36.89 -8.10 -11.19
CA SER A 98 37.81 -7.75 -12.26
C SER A 98 37.74 -8.80 -13.37
N GLY A 99 37.00 -8.47 -14.42
CA GLY A 99 36.83 -9.37 -15.54
C GLY A 99 35.55 -10.20 -15.41
#